data_1VE0
# 
_entry.id   1VE0 
# 
_audit_conform.dict_name       mmcif_pdbx.dic 
_audit_conform.dict_version    5.397 
_audit_conform.dict_location   http://mmcif.pdb.org/dictionaries/ascii/mmcif_pdbx.dic 
# 
loop_
_database_2.database_id 
_database_2.database_code 
_database_2.pdbx_database_accession 
_database_2.pdbx_DOI 
PDB   1VE0         pdb_00001ve0 10.2210/pdb1ve0/pdb 
RCSB  RCSB006510   ?            ?                   
WWPDB D_1000006510 ?            ?                   
# 
loop_
_pdbx_audit_revision_history.ordinal 
_pdbx_audit_revision_history.data_content_type 
_pdbx_audit_revision_history.major_revision 
_pdbx_audit_revision_history.minor_revision 
_pdbx_audit_revision_history.revision_date 
1 'Structure model' 1 0 2005-03-22 
2 'Structure model' 1 1 2008-04-27 
3 'Structure model' 1 2 2011-07-13 
4 'Structure model' 1 3 2023-12-27 
5 'Structure model' 1 4 2024-10-09 
# 
_pdbx_audit_revision_details.ordinal             1 
_pdbx_audit_revision_details.revision_ordinal    1 
_pdbx_audit_revision_details.data_content_type   'Structure model' 
_pdbx_audit_revision_details.provider            repository 
_pdbx_audit_revision_details.type                'Initial release' 
_pdbx_audit_revision_details.description         ? 
_pdbx_audit_revision_details.details             ? 
# 
loop_
_pdbx_audit_revision_group.ordinal 
_pdbx_audit_revision_group.revision_ordinal 
_pdbx_audit_revision_group.data_content_type 
_pdbx_audit_revision_group.group 
1 2 'Structure model' 'Version format compliance' 
2 3 'Structure model' 'Derived calculations'      
3 3 'Structure model' 'Version format compliance' 
4 4 'Structure model' 'Data collection'           
5 4 'Structure model' 'Database references'       
6 4 'Structure model' 'Derived calculations'      
7 5 'Structure model' 'Structure summary'         
# 
loop_
_pdbx_audit_revision_category.ordinal 
_pdbx_audit_revision_category.revision_ordinal 
_pdbx_audit_revision_category.data_content_type 
_pdbx_audit_revision_category.category 
1  4 'Structure model' chem_comp_atom            
2  4 'Structure model' chem_comp_bond            
3  4 'Structure model' database_2                
4  4 'Structure model' pdbx_struct_conn_angle    
5  4 'Structure model' struct_conn               
6  4 'Structure model' struct_conn_type          
7  4 'Structure model' struct_ref_seq_dif        
8  4 'Structure model' struct_site               
9  5 'Structure model' pdbx_entry_details        
10 5 'Structure model' pdbx_modification_feature 
# 
loop_
_pdbx_audit_revision_item.ordinal 
_pdbx_audit_revision_item.revision_ordinal 
_pdbx_audit_revision_item.data_content_type 
_pdbx_audit_revision_item.item 
1  4 'Structure model' '_database_2.pdbx_DOI'                        
2  4 'Structure model' '_database_2.pdbx_database_accession'         
3  4 'Structure model' '_pdbx_struct_conn_angle.ptnr1_auth_comp_id'  
4  4 'Structure model' '_pdbx_struct_conn_angle.ptnr1_auth_seq_id'   
5  4 'Structure model' '_pdbx_struct_conn_angle.ptnr1_label_asym_id' 
6  4 'Structure model' '_pdbx_struct_conn_angle.ptnr1_label_atom_id' 
7  4 'Structure model' '_pdbx_struct_conn_angle.ptnr1_label_comp_id' 
8  4 'Structure model' '_pdbx_struct_conn_angle.ptnr1_label_seq_id'  
9  4 'Structure model' '_pdbx_struct_conn_angle.ptnr3_auth_comp_id'  
10 4 'Structure model' '_pdbx_struct_conn_angle.ptnr3_auth_seq_id'   
11 4 'Structure model' '_pdbx_struct_conn_angle.ptnr3_label_asym_id' 
12 4 'Structure model' '_pdbx_struct_conn_angle.ptnr3_label_atom_id' 
13 4 'Structure model' '_pdbx_struct_conn_angle.ptnr3_label_comp_id' 
14 4 'Structure model' '_pdbx_struct_conn_angle.ptnr3_label_seq_id'  
15 4 'Structure model' '_pdbx_struct_conn_angle.value'               
16 4 'Structure model' '_struct_conn.conn_type_id'                   
17 4 'Structure model' '_struct_conn.id'                             
18 4 'Structure model' '_struct_conn.pdbx_dist_value'                
19 4 'Structure model' '_struct_conn.pdbx_leaving_atom_flag'         
20 4 'Structure model' '_struct_conn.ptnr1_auth_comp_id'             
21 4 'Structure model' '_struct_conn.ptnr1_auth_seq_id'              
22 4 'Structure model' '_struct_conn.ptnr1_label_asym_id'            
23 4 'Structure model' '_struct_conn.ptnr1_label_atom_id'            
24 4 'Structure model' '_struct_conn.ptnr1_label_comp_id'            
25 4 'Structure model' '_struct_conn.ptnr1_label_seq_id'             
26 4 'Structure model' '_struct_conn.ptnr2_auth_comp_id'             
27 4 'Structure model' '_struct_conn.ptnr2_auth_seq_id'              
28 4 'Structure model' '_struct_conn.ptnr2_label_asym_id'            
29 4 'Structure model' '_struct_conn.ptnr2_label_atom_id'            
30 4 'Structure model' '_struct_conn.ptnr2_label_comp_id'            
31 4 'Structure model' '_struct_conn.ptnr2_label_seq_id'             
32 4 'Structure model' '_struct_conn_type.id'                        
33 4 'Structure model' '_struct_ref_seq_dif.details'                 
34 4 'Structure model' '_struct_site.pdbx_auth_asym_id'              
35 4 'Structure model' '_struct_site.pdbx_auth_comp_id'              
36 4 'Structure model' '_struct_site.pdbx_auth_seq_id'               
# 
_pdbx_database_status.status_code                     REL 
_pdbx_database_status.entry_id                        1VE0 
_pdbx_database_status.recvd_initial_deposition_date   2004-03-26 
_pdbx_database_status.deposit_site                    PDBJ 
_pdbx_database_status.process_site                    PDBJ 
_pdbx_database_status.status_code_sf                  REL 
_pdbx_database_status.status_code_mr                  ? 
_pdbx_database_status.SG_entry                        ? 
_pdbx_database_status.pdb_format_compatible           Y 
_pdbx_database_status.status_code_cs                  ? 
_pdbx_database_status.status_code_nmr_data            ? 
_pdbx_database_status.methods_development_category    ? 
# 
loop_
_audit_author.name 
_audit_author.pdbx_ordinal 
'Tanabe, E.'   1 
'Horiike, Y.'  2 
'Tsumoto, K.'  3 
'Yasutake, Y.' 4 
'Yao, M.'      5 
'Tanaka, I.'   6 
'Kumagai, I.'  7 
# 
_citation.id                        primary 
_citation.title                     'Crystal structure of the uncharacterized protein ST2072 from Sulfolobus tokodaii' 
_citation.journal_abbrev            'To be Published' 
_citation.journal_volume            ? 
_citation.page_first                ? 
_citation.page_last                 ? 
_citation.year                      ? 
_citation.journal_id_ASTM           ? 
_citation.country                   ? 
_citation.journal_id_ISSN           ? 
_citation.journal_id_CSD            0353 
_citation.book_publisher            ? 
_citation.pdbx_database_id_PubMed   ? 
_citation.pdbx_database_id_DOI      ? 
# 
loop_
_citation_author.citation_id 
_citation_author.name 
_citation_author.ordinal 
_citation_author.identifier_ORCID 
primary 'Tanabe, E.'   1 ? 
primary 'Horiike, Y.'  2 ? 
primary 'Tsumoto, K.'  3 ? 
primary 'Yasutake, Y.' 4 ? 
primary 'Yao, M.'      5 ? 
primary 'Tanaka, I.'   6 ? 
primary 'Kumagai, I.'  7 ? 
# 
loop_
_entity.id 
_entity.type 
_entity.src_method 
_entity.pdbx_description 
_entity.formula_weight 
_entity.pdbx_number_of_molecules 
_entity.pdbx_ec 
_entity.pdbx_mutation 
_entity.pdbx_fragment 
_entity.details 
1 polymer     man 'hypothetical protein (ST2072)' 15076.947 1  ? ? ? ? 
2 non-polymer syn 'SULFATE ION'                   96.063    1  ? ? ? ? 
3 non-polymer syn 'ZINC ION'                      65.409    1  ? ? ? ? 
4 water       nat water                           18.015    45 ? ? ? ? 
# 
_entity_poly.entity_id                      1 
_entity_poly.type                           'polypeptide(L)' 
_entity_poly.nstd_linkage                   no 
_entity_poly.nstd_monomer                   yes 
_entity_poly.pdbx_seq_one_letter_code       
;(MSE)KIISKEFTVKTRSRFDSIDITEQVSEAIKGINNGIAHVIVKHTTCAIIINEAESGL(MSE)KDFLNWAKKLVPPD
GEFEHNIIDNNGHAHVISAIIGNSRVVPIIEGKLDLGTWQRIILLEFDGPRTRTVLVKS(MSE)GE
;
_entity_poly.pdbx_seq_one_letter_code_can   
;MKIISKEFTVKTRSRFDSIDITEQVSEAIKGINNGIAHVIVKHTTCAIIINEAESGLMKDFLNWAKKLVPPDGEFEHNII
DNNGHAHVISAIIGNSRVVPIIEGKLDLGTWQRIILLEFDGPRTRTVLVKSMGE
;
_entity_poly.pdbx_strand_id                 A 
_entity_poly.pdbx_target_identifier         ? 
# 
loop_
_pdbx_entity_nonpoly.entity_id 
_pdbx_entity_nonpoly.name 
_pdbx_entity_nonpoly.comp_id 
2 'SULFATE ION' SO4 
3 'ZINC ION'    ZN  
4 water         HOH 
# 
loop_
_entity_poly_seq.entity_id 
_entity_poly_seq.num 
_entity_poly_seq.mon_id 
_entity_poly_seq.hetero 
1 1   MSE n 
1 2   LYS n 
1 3   ILE n 
1 4   ILE n 
1 5   SER n 
1 6   LYS n 
1 7   GLU n 
1 8   PHE n 
1 9   THR n 
1 10  VAL n 
1 11  LYS n 
1 12  THR n 
1 13  ARG n 
1 14  SER n 
1 15  ARG n 
1 16  PHE n 
1 17  ASP n 
1 18  SER n 
1 19  ILE n 
1 20  ASP n 
1 21  ILE n 
1 22  THR n 
1 23  GLU n 
1 24  GLN n 
1 25  VAL n 
1 26  SER n 
1 27  GLU n 
1 28  ALA n 
1 29  ILE n 
1 30  LYS n 
1 31  GLY n 
1 32  ILE n 
1 33  ASN n 
1 34  ASN n 
1 35  GLY n 
1 36  ILE n 
1 37  ALA n 
1 38  HIS n 
1 39  VAL n 
1 40  ILE n 
1 41  VAL n 
1 42  LYS n 
1 43  HIS n 
1 44  THR n 
1 45  THR n 
1 46  CYS n 
1 47  ALA n 
1 48  ILE n 
1 49  ILE n 
1 50  ILE n 
1 51  ASN n 
1 52  GLU n 
1 53  ALA n 
1 54  GLU n 
1 55  SER n 
1 56  GLY n 
1 57  LEU n 
1 58  MSE n 
1 59  LYS n 
1 60  ASP n 
1 61  PHE n 
1 62  LEU n 
1 63  ASN n 
1 64  TRP n 
1 65  ALA n 
1 66  LYS n 
1 67  LYS n 
1 68  LEU n 
1 69  VAL n 
1 70  PRO n 
1 71  PRO n 
1 72  ASP n 
1 73  GLY n 
1 74  GLU n 
1 75  PHE n 
1 76  GLU n 
1 77  HIS n 
1 78  ASN n 
1 79  ILE n 
1 80  ILE n 
1 81  ASP n 
1 82  ASN n 
1 83  ASN n 
1 84  GLY n 
1 85  HIS n 
1 86  ALA n 
1 87  HIS n 
1 88  VAL n 
1 89  ILE n 
1 90  SER n 
1 91  ALA n 
1 92  ILE n 
1 93  ILE n 
1 94  GLY n 
1 95  ASN n 
1 96  SER n 
1 97  ARG n 
1 98  VAL n 
1 99  VAL n 
1 100 PRO n 
1 101 ILE n 
1 102 ILE n 
1 103 GLU n 
1 104 GLY n 
1 105 LYS n 
1 106 LEU n 
1 107 ASP n 
1 108 LEU n 
1 109 GLY n 
1 110 THR n 
1 111 TRP n 
1 112 GLN n 
1 113 ARG n 
1 114 ILE n 
1 115 ILE n 
1 116 LEU n 
1 117 LEU n 
1 118 GLU n 
1 119 PHE n 
1 120 ASP n 
1 121 GLY n 
1 122 PRO n 
1 123 ARG n 
1 124 THR n 
1 125 ARG n 
1 126 THR n 
1 127 VAL n 
1 128 LEU n 
1 129 VAL n 
1 130 LYS n 
1 131 SER n 
1 132 MSE n 
1 133 GLY n 
1 134 GLU n 
# 
_entity_src_gen.entity_id                          1 
_entity_src_gen.pdbx_src_id                        1 
_entity_src_gen.pdbx_alt_source_flag               sample 
_entity_src_gen.pdbx_seq_type                      ? 
_entity_src_gen.pdbx_beg_seq_num                   ? 
_entity_src_gen.pdbx_end_seq_num                   ? 
_entity_src_gen.gene_src_common_name               ? 
_entity_src_gen.gene_src_genus                     Sulfolobus 
_entity_src_gen.pdbx_gene_src_gene                 ST2072 
_entity_src_gen.gene_src_species                   ? 
_entity_src_gen.gene_src_strain                    ? 
_entity_src_gen.gene_src_tissue                    ? 
_entity_src_gen.gene_src_tissue_fraction           ? 
_entity_src_gen.gene_src_details                   ? 
_entity_src_gen.pdbx_gene_src_fragment             ? 
_entity_src_gen.pdbx_gene_src_scientific_name      'Sulfolobus tokodaii' 
_entity_src_gen.pdbx_gene_src_ncbi_taxonomy_id     111955 
_entity_src_gen.pdbx_gene_src_variant              ? 
_entity_src_gen.pdbx_gene_src_cell_line            ? 
_entity_src_gen.pdbx_gene_src_atcc                 ? 
_entity_src_gen.pdbx_gene_src_organ                ? 
_entity_src_gen.pdbx_gene_src_organelle            ? 
_entity_src_gen.pdbx_gene_src_cell                 ? 
_entity_src_gen.pdbx_gene_src_cellular_location    ? 
_entity_src_gen.host_org_common_name               ? 
_entity_src_gen.pdbx_host_org_scientific_name      'Escherichia coli' 
_entity_src_gen.pdbx_host_org_ncbi_taxonomy_id     562 
_entity_src_gen.host_org_genus                     Escherichia 
_entity_src_gen.pdbx_host_org_gene                 ? 
_entity_src_gen.pdbx_host_org_organ                ? 
_entity_src_gen.host_org_species                   ? 
_entity_src_gen.pdbx_host_org_tissue               ? 
_entity_src_gen.pdbx_host_org_tissue_fraction      ? 
_entity_src_gen.pdbx_host_org_strain               'B834(DE3)' 
_entity_src_gen.pdbx_host_org_variant              ? 
_entity_src_gen.pdbx_host_org_cell_line            ? 
_entity_src_gen.pdbx_host_org_atcc                 ? 
_entity_src_gen.pdbx_host_org_culture_collection   ? 
_entity_src_gen.pdbx_host_org_cell                 ? 
_entity_src_gen.pdbx_host_org_organelle            ? 
_entity_src_gen.pdbx_host_org_cellular_location    ? 
_entity_src_gen.pdbx_host_org_vector_type          PLASMID 
_entity_src_gen.pdbx_host_org_vector               ? 
_entity_src_gen.host_org_details                   ? 
_entity_src_gen.expression_system_id               ? 
_entity_src_gen.plasmid_name                       pET20b 
_entity_src_gen.plasmid_details                    ? 
_entity_src_gen.pdbx_description                   ? 
# 
loop_
_chem_comp.id 
_chem_comp.type 
_chem_comp.mon_nstd_flag 
_chem_comp.name 
_chem_comp.pdbx_synonyms 
_chem_comp.formula 
_chem_comp.formula_weight 
ALA 'L-peptide linking' y ALANINE          ? 'C3 H7 N O2'     89.093  
ARG 'L-peptide linking' y ARGININE         ? 'C6 H15 N4 O2 1' 175.209 
ASN 'L-peptide linking' y ASPARAGINE       ? 'C4 H8 N2 O3'    132.118 
ASP 'L-peptide linking' y 'ASPARTIC ACID'  ? 'C4 H7 N O4'     133.103 
CYS 'L-peptide linking' y CYSTEINE         ? 'C3 H7 N O2 S'   121.158 
GLN 'L-peptide linking' y GLUTAMINE        ? 'C5 H10 N2 O3'   146.144 
GLU 'L-peptide linking' y 'GLUTAMIC ACID'  ? 'C5 H9 N O4'     147.129 
GLY 'peptide linking'   y GLYCINE          ? 'C2 H5 N O2'     75.067  
HIS 'L-peptide linking' y HISTIDINE        ? 'C6 H10 N3 O2 1' 156.162 
HOH non-polymer         . WATER            ? 'H2 O'           18.015  
ILE 'L-peptide linking' y ISOLEUCINE       ? 'C6 H13 N O2'    131.173 
LEU 'L-peptide linking' y LEUCINE          ? 'C6 H13 N O2'    131.173 
LYS 'L-peptide linking' y LYSINE           ? 'C6 H15 N2 O2 1' 147.195 
MET 'L-peptide linking' y METHIONINE       ? 'C5 H11 N O2 S'  149.211 
MSE 'L-peptide linking' n SELENOMETHIONINE ? 'C5 H11 N O2 Se' 196.106 
PHE 'L-peptide linking' y PHENYLALANINE    ? 'C9 H11 N O2'    165.189 
PRO 'L-peptide linking' y PROLINE          ? 'C5 H9 N O2'     115.130 
SER 'L-peptide linking' y SERINE           ? 'C3 H7 N O3'     105.093 
SO4 non-polymer         . 'SULFATE ION'    ? 'O4 S -2'        96.063  
THR 'L-peptide linking' y THREONINE        ? 'C4 H9 N O3'     119.119 
TRP 'L-peptide linking' y TRYPTOPHAN       ? 'C11 H12 N2 O2'  204.225 
VAL 'L-peptide linking' y VALINE           ? 'C5 H11 N O2'    117.146 
ZN  non-polymer         . 'ZINC ION'       ? 'Zn 2'           65.409  
# 
loop_
_pdbx_poly_seq_scheme.asym_id 
_pdbx_poly_seq_scheme.entity_id 
_pdbx_poly_seq_scheme.seq_id 
_pdbx_poly_seq_scheme.mon_id 
_pdbx_poly_seq_scheme.ndb_seq_num 
_pdbx_poly_seq_scheme.pdb_seq_num 
_pdbx_poly_seq_scheme.auth_seq_num 
_pdbx_poly_seq_scheme.pdb_mon_id 
_pdbx_poly_seq_scheme.auth_mon_id 
_pdbx_poly_seq_scheme.pdb_strand_id 
_pdbx_poly_seq_scheme.pdb_ins_code 
_pdbx_poly_seq_scheme.hetero 
A 1 1   MSE 1   1   1   MSE MSE A . n 
A 1 2   LYS 2   2   2   LYS LYS A . n 
A 1 3   ILE 3   3   3   ILE ILE A . n 
A 1 4   ILE 4   4   4   ILE ILE A . n 
A 1 5   SER 5   5   5   SER SER A . n 
A 1 6   LYS 6   6   6   LYS LYS A . n 
A 1 7   GLU 7   7   7   GLU GLU A . n 
A 1 8   PHE 8   8   8   PHE PHE A . n 
A 1 9   THR 9   9   9   THR THR A . n 
A 1 10  VAL 10  10  10  VAL VAL A . n 
A 1 11  LYS 11  11  11  LYS LYS A . n 
A 1 12  THR 12  12  12  THR THR A . n 
A 1 13  ARG 13  13  13  ARG ARG A . n 
A 1 14  SER 14  14  14  SER SER A . n 
A 1 15  ARG 15  15  15  ARG ARG A . n 
A 1 16  PHE 16  16  16  PHE PHE A . n 
A 1 17  ASP 17  17  17  ASP ASP A . n 
A 1 18  SER 18  18  18  SER SER A . n 
A 1 19  ILE 19  19  19  ILE ILE A . n 
A 1 20  ASP 20  20  20  ASP ASP A . n 
A 1 21  ILE 21  21  21  ILE ILE A . n 
A 1 22  THR 22  22  22  THR THR A . n 
A 1 23  GLU 23  23  23  GLU GLU A . n 
A 1 24  GLN 24  24  24  GLN GLN A . n 
A 1 25  VAL 25  25  25  VAL VAL A . n 
A 1 26  SER 26  26  26  SER SER A . n 
A 1 27  GLU 27  27  27  GLU GLU A . n 
A 1 28  ALA 28  28  28  ALA ALA A . n 
A 1 29  ILE 29  29  29  ILE ILE A . n 
A 1 30  LYS 30  30  30  LYS LYS A . n 
A 1 31  GLY 31  31  31  GLY GLY A . n 
A 1 32  ILE 32  32  32  ILE ILE A . n 
A 1 33  ASN 33  33  33  ASN ASN A . n 
A 1 34  ASN 34  34  34  ASN ASN A . n 
A 1 35  GLY 35  35  35  GLY GLY A . n 
A 1 36  ILE 36  36  36  ILE ILE A . n 
A 1 37  ALA 37  37  37  ALA ALA A . n 
A 1 38  HIS 38  38  38  HIS HIS A . n 
A 1 39  VAL 39  39  39  VAL VAL A . n 
A 1 40  ILE 40  40  40  ILE ILE A . n 
A 1 41  VAL 41  41  41  VAL VAL A . n 
A 1 42  LYS 42  42  42  LYS LYS A . n 
A 1 43  HIS 43  43  43  HIS HIS A . n 
A 1 44  THR 44  44  44  THR THR A . n 
A 1 45  THR 45  45  45  THR THR A . n 
A 1 46  CYS 46  46  46  CYS CYS A . n 
A 1 47  ALA 47  47  47  ALA ALA A . n 
A 1 48  ILE 48  48  48  ILE ILE A . n 
A 1 49  ILE 49  49  49  ILE ILE A . n 
A 1 50  ILE 50  50  50  ILE ILE A . n 
A 1 51  ASN 51  51  51  ASN ASN A . n 
A 1 52  GLU 52  52  52  GLU GLU A . n 
A 1 53  ALA 53  53  53  ALA ALA A . n 
A 1 54  GLU 54  54  54  GLU GLU A . n 
A 1 55  SER 55  55  55  SER SER A . n 
A 1 56  GLY 56  56  56  GLY GLY A . n 
A 1 57  LEU 57  57  57  LEU LEU A . n 
A 1 58  MSE 58  58  58  MSE MSE A . n 
A 1 59  LYS 59  59  59  LYS LYS A . n 
A 1 60  ASP 60  60  60  ASP ASP A . n 
A 1 61  PHE 61  61  61  PHE PHE A . n 
A 1 62  LEU 62  62  62  LEU LEU A . n 
A 1 63  ASN 63  63  63  ASN ASN A . n 
A 1 64  TRP 64  64  64  TRP TRP A . n 
A 1 65  ALA 65  65  65  ALA ALA A . n 
A 1 66  LYS 66  66  66  LYS LYS A . n 
A 1 67  LYS 67  67  67  LYS LYS A . n 
A 1 68  LEU 68  68  68  LEU LEU A . n 
A 1 69  VAL 69  69  69  VAL VAL A . n 
A 1 70  PRO 70  70  70  PRO PRO A . n 
A 1 71  PRO 71  71  71  PRO PRO A . n 
A 1 72  ASP 72  72  72  ASP ASP A . n 
A 1 73  GLY 73  73  73  GLY GLY A . n 
A 1 74  GLU 74  74  74  GLU GLU A . n 
A 1 75  PHE 75  75  75  PHE PHE A . n 
A 1 76  GLU 76  76  76  GLU GLU A . n 
A 1 77  HIS 77  77  77  HIS HIS A . n 
A 1 78  ASN 78  78  78  ASN ASN A . n 
A 1 79  ILE 79  79  79  ILE ILE A . n 
A 1 80  ILE 80  80  80  ILE ILE A . n 
A 1 81  ASP 81  81  81  ASP ASP A . n 
A 1 82  ASN 82  82  82  ASN ASN A . n 
A 1 83  ASN 83  83  83  ASN ASN A . n 
A 1 84  GLY 84  84  84  GLY GLY A . n 
A 1 85  HIS 85  85  85  HIS HIS A . n 
A 1 86  ALA 86  86  86  ALA ALA A . n 
A 1 87  HIS 87  87  87  HIS HIS A . n 
A 1 88  VAL 88  88  88  VAL VAL A . n 
A 1 89  ILE 89  89  89  ILE ILE A . n 
A 1 90  SER 90  90  90  SER SER A . n 
A 1 91  ALA 91  91  91  ALA ALA A . n 
A 1 92  ILE 92  92  92  ILE ILE A . n 
A 1 93  ILE 93  93  93  ILE ILE A . n 
A 1 94  GLY 94  94  94  GLY GLY A . n 
A 1 95  ASN 95  95  95  ASN ASN A . n 
A 1 96  SER 96  96  96  SER SER A . n 
A 1 97  ARG 97  97  97  ARG ARG A . n 
A 1 98  VAL 98  98  98  VAL VAL A . n 
A 1 99  VAL 99  99  99  VAL VAL A . n 
A 1 100 PRO 100 100 100 PRO PRO A . n 
A 1 101 ILE 101 101 101 ILE ILE A . n 
A 1 102 ILE 102 102 102 ILE ILE A . n 
A 1 103 GLU 103 103 103 GLU GLU A . n 
A 1 104 GLY 104 104 104 GLY GLY A . n 
A 1 105 LYS 105 105 105 LYS LYS A . n 
A 1 106 LEU 106 106 106 LEU LEU A . n 
A 1 107 ASP 107 107 107 ASP ASP A . n 
A 1 108 LEU 108 108 108 LEU LEU A . n 
A 1 109 GLY 109 109 109 GLY GLY A . n 
A 1 110 THR 110 110 110 THR THR A . n 
A 1 111 TRP 111 111 111 TRP TRP A . n 
A 1 112 GLN 112 112 112 GLN GLN A . n 
A 1 113 ARG 113 113 113 ARG ARG A . n 
A 1 114 ILE 114 114 114 ILE ILE A . n 
A 1 115 ILE 115 115 115 ILE ILE A . n 
A 1 116 LEU 116 116 116 LEU LEU A . n 
A 1 117 LEU 117 117 117 LEU LEU A . n 
A 1 118 GLU 118 118 118 GLU GLU A . n 
A 1 119 PHE 119 119 119 PHE PHE A . n 
A 1 120 ASP 120 120 120 ASP ASP A . n 
A 1 121 GLY 121 121 121 GLY GLY A . n 
A 1 122 PRO 122 122 122 PRO PRO A . n 
A 1 123 ARG 123 123 123 ARG ARG A . n 
A 1 124 THR 124 124 124 THR THR A . n 
A 1 125 ARG 125 125 125 ARG ARG A . n 
A 1 126 THR 126 126 126 THR THR A . n 
A 1 127 VAL 127 127 127 VAL VAL A . n 
A 1 128 LEU 128 128 128 LEU LEU A . n 
A 1 129 VAL 129 129 129 VAL VAL A . n 
A 1 130 LYS 130 130 130 LYS LYS A . n 
A 1 131 SER 131 131 131 SER SER A . n 
A 1 132 MSE 132 132 132 MSE MSE A . n 
A 1 133 GLY 133 133 133 GLY GLY A . n 
A 1 134 GLU 134 134 134 GLU GLU A . n 
# 
loop_
_pdbx_nonpoly_scheme.asym_id 
_pdbx_nonpoly_scheme.entity_id 
_pdbx_nonpoly_scheme.mon_id 
_pdbx_nonpoly_scheme.ndb_seq_num 
_pdbx_nonpoly_scheme.pdb_seq_num 
_pdbx_nonpoly_scheme.auth_seq_num 
_pdbx_nonpoly_scheme.pdb_mon_id 
_pdbx_nonpoly_scheme.auth_mon_id 
_pdbx_nonpoly_scheme.pdb_strand_id 
_pdbx_nonpoly_scheme.pdb_ins_code 
B 2 SO4 1  135 135 SO4 SO4 A . 
C 3 ZN  1  136 136 ZN  ZN  A . 
D 4 HOH 1  201 201 HOH WAT A . 
D 4 HOH 2  202 202 HOH WAT A . 
D 4 HOH 3  203 203 HOH WAT A . 
D 4 HOH 4  204 204 HOH WAT A . 
D 4 HOH 5  205 205 HOH WAT A . 
D 4 HOH 6  206 206 HOH WAT A . 
D 4 HOH 7  207 207 HOH WAT A . 
D 4 HOH 8  208 208 HOH WAT A . 
D 4 HOH 9  209 209 HOH WAT A . 
D 4 HOH 10 210 210 HOH WAT A . 
D 4 HOH 11 211 211 HOH WAT A . 
D 4 HOH 12 212 212 HOH WAT A . 
D 4 HOH 13 213 213 HOH WAT A . 
D 4 HOH 14 214 214 HOH WAT A . 
D 4 HOH 15 215 215 HOH WAT A . 
D 4 HOH 16 216 216 HOH WAT A . 
D 4 HOH 17 217 217 HOH WAT A . 
D 4 HOH 18 218 218 HOH WAT A . 
D 4 HOH 19 219 219 HOH WAT A . 
D 4 HOH 20 220 220 HOH WAT A . 
D 4 HOH 21 221 221 HOH WAT A . 
D 4 HOH 22 222 222 HOH WAT A . 
D 4 HOH 23 223 223 HOH WAT A . 
D 4 HOH 24 224 224 HOH WAT A . 
D 4 HOH 25 225 225 HOH WAT A . 
D 4 HOH 26 226 226 HOH WAT A . 
D 4 HOH 27 227 227 HOH WAT A . 
D 4 HOH 28 228 228 HOH WAT A . 
D 4 HOH 29 229 229 HOH WAT A . 
D 4 HOH 30 230 230 HOH WAT A . 
D 4 HOH 31 231 231 HOH WAT A . 
D 4 HOH 32 232 232 HOH WAT A . 
D 4 HOH 33 233 233 HOH WAT A . 
D 4 HOH 34 237 237 HOH WAT A . 
D 4 HOH 35 238 238 HOH WAT A . 
D 4 HOH 36 239 239 HOH WAT A . 
D 4 HOH 37 241 241 HOH WAT A . 
D 4 HOH 38 242 242 HOH WAT A . 
D 4 HOH 39 243 243 HOH WAT A . 
D 4 HOH 40 244 244 HOH WAT A . 
D 4 HOH 41 245 245 HOH WAT A . 
D 4 HOH 42 246 246 HOH WAT A . 
D 4 HOH 43 247 247 HOH WAT A . 
D 4 HOH 44 248 248 HOH WAT A . 
D 4 HOH 45 249 249 HOH WAT A . 
# 
loop_
_software.name 
_software.classification 
_software.version 
_software.citation_id 
_software.pdbx_ordinal 
DENZO     'data reduction' . ? 1 
SCALEPACK 'data scaling'   . ? 2 
SOLVE     phasing          . ? 3 
CNS       refinement       . ? 4 
# 
_cell.entry_id           1VE0 
_cell.length_a           71.720 
_cell.length_b           71.720 
_cell.length_c           71.720 
_cell.angle_alpha        90.00 
_cell.angle_beta         90.00 
_cell.angle_gamma        90.00 
_cell.Z_PDB              12 
_cell.pdbx_unique_axis   ? 
# 
_symmetry.entry_id                         1VE0 
_symmetry.space_group_name_H-M             'P 21 3' 
_symmetry.pdbx_full_space_group_name_H-M   ? 
_symmetry.cell_setting                     ? 
_symmetry.Int_Tables_number                198 
_symmetry.space_group_name_Hall            ? 
# 
_exptl.entry_id          1VE0 
_exptl.method            'X-RAY DIFFRACTION' 
_exptl.crystals_number   1 
# 
_exptl_crystal.id                    1 
_exptl_crystal.density_meas          ? 
_exptl_crystal.density_Matthews      2.04 
_exptl_crystal.density_percent_sol   39.68 
_exptl_crystal.description           ? 
_exptl_crystal.F_000                 ? 
_exptl_crystal.preparation           ? 
# 
_exptl_crystal_grow.crystal_id      1 
_exptl_crystal_grow.method          'VAPOR DIFFUSION, HANGING DROP' 
_exptl_crystal_grow.temp            293 
_exptl_crystal_grow.temp_details    ? 
_exptl_crystal_grow.pH              8.2 
_exptl_crystal_grow.pdbx_details    '0.1M Tris-HCl pH8.2, 20% PEG4000, 0.2M LiSO4, VAPOR DIFFUSION, HANGING DROP, temperature 293K' 
_exptl_crystal_grow.pdbx_pH_range   . 
# 
_diffrn.id                     1 
_diffrn.ambient_temp           100 
_diffrn.ambient_temp_details   ? 
_diffrn.crystal_id             1 
# 
_diffrn_detector.diffrn_id              1 
_diffrn_detector.detector               CCD 
_diffrn_detector.type                   ADSC 
_diffrn_detector.pdbx_collection_date   2003-11-23 
_diffrn_detector.details                ? 
# 
_diffrn_radiation.diffrn_id                        1 
_diffrn_radiation.wavelength_id                    1 
_diffrn_radiation.pdbx_monochromatic_or_laue_m_l   M 
_diffrn_radiation.monochromator                    ? 
_diffrn_radiation.pdbx_diffrn_protocol             MAD 
_diffrn_radiation.pdbx_scattering_type             x-ray 
# 
loop_
_diffrn_radiation_wavelength.id 
_diffrn_radiation_wavelength.wavelength 
_diffrn_radiation_wavelength.wt 
1 0.9789 1.0 
2 0.9794 1.0 
3 0.9000 1.0 
# 
_diffrn_source.diffrn_id                   1 
_diffrn_source.source                      SYNCHROTRON 
_diffrn_source.type                        'SPRING-8 BEAMLINE BL44B2' 
_diffrn_source.pdbx_synchrotron_site       SPring-8 
_diffrn_source.pdbx_synchrotron_beamline   BL44B2 
_diffrn_source.pdbx_wavelength             ? 
_diffrn_source.pdbx_wavelength_list        '0.9789, 0.9794, 0.9000' 
# 
_reflns.entry_id                     1VE0 
_reflns.observed_criterion_sigma_F   ? 
_reflns.observed_criterion_sigma_I   -3.0 
_reflns.d_resolution_high            2.0 
_reflns.d_resolution_low             50 
_reflns.number_all                   8590 
_reflns.number_obs                   8590 
_reflns.percent_possible_obs         100.0 
_reflns.pdbx_Rmerge_I_obs            ? 
_reflns.pdbx_Rsym_value              0.065 
_reflns.pdbx_netI_over_sigmaI        10.6 
_reflns.B_iso_Wilson_estimate        38.23 
_reflns.pdbx_redundancy              21.5 
_reflns.R_free_details               ? 
_reflns.limit_h_max                  ? 
_reflns.limit_h_min                  ? 
_reflns.limit_k_max                  ? 
_reflns.limit_k_min                  ? 
_reflns.limit_l_max                  ? 
_reflns.limit_l_min                  ? 
_reflns.observed_criterion_F_max     ? 
_reflns.observed_criterion_F_min     ? 
_reflns.pdbx_chi_squared             ? 
_reflns.pdbx_scaling_rejects         ? 
_reflns.pdbx_ordinal                 1 
_reflns.pdbx_diffrn_id               1 
# 
_reflns_shell.d_res_high             2.00 
_reflns_shell.d_res_low              2.07 
_reflns_shell.percent_possible_all   100.0 
_reflns_shell.Rmerge_I_obs           ? 
_reflns_shell.pdbx_Rsym_value        0.389 
_reflns_shell.meanI_over_sigI_obs    ? 
_reflns_shell.pdbx_redundancy        21.8 
_reflns_shell.percent_possible_obs   ? 
_reflns_shell.number_unique_all      853 
_reflns_shell.number_measured_all    ? 
_reflns_shell.number_measured_obs    ? 
_reflns_shell.number_unique_obs      ? 
_reflns_shell.pdbx_chi_squared       ? 
_reflns_shell.pdbx_ordinal           1 
_reflns_shell.pdbx_diffrn_id         1 
# 
_refine.entry_id                                 1VE0 
_refine.ls_d_res_high                            2.0 
_refine.ls_d_res_low                             10 
_refine.pdbx_ls_sigma_F                          0.0 
_refine.pdbx_ls_sigma_I                          ? 
_refine.ls_number_reflns_all                     8458 
_refine.ls_number_reflns_obs                     8458 
_refine.ls_number_reflns_R_free                  832 
_refine.ls_percent_reflns_obs                    100.0 
_refine.ls_R_factor_all                          ? 
_refine.ls_R_factor_obs                          ? 
_refine.ls_R_factor_R_work                       0.181 
_refine.ls_R_factor_R_free                       0.222 
_refine.ls_redundancy_reflns_obs                 ? 
_refine.pdbx_data_cutoff_high_absF               ? 
_refine.pdbx_data_cutoff_low_absF                ? 
_refine.ls_number_parameters                     ? 
_refine.ls_number_restraints                     ? 
_refine.ls_percent_reflns_R_free                 ? 
_refine.ls_R_factor_R_free_error                 ? 
_refine.ls_R_factor_R_free_error_details         ? 
_refine.pdbx_method_to_determine_struct          MAD 
_refine.pdbx_starting_model                      ? 
_refine.pdbx_ls_cross_valid_method               THROUGHOUT 
_refine.pdbx_R_Free_selection_details            RANDOM 
_refine.pdbx_stereochem_target_val_spec_case     ? 
_refine.pdbx_stereochemistry_target_values       'Engh & Huber' 
_refine.solvent_model_details                    ? 
_refine.solvent_model_param_bsol                 ? 
_refine.solvent_model_param_ksol                 ? 
_refine.occupancy_max                            ? 
_refine.occupancy_min                            ? 
_refine.pdbx_isotropic_thermal_model             Isotropic 
_refine.B_iso_mean                               26.18 
_refine.aniso_B[1][1]                            0.0 
_refine.aniso_B[1][2]                            0.0 
_refine.aniso_B[1][3]                            0.0 
_refine.aniso_B[2][2]                            0.0 
_refine.aniso_B[2][3]                            0.0 
_refine.aniso_B[3][3]                            0.0 
_refine.details                                  ? 
_refine.B_iso_min                                ? 
_refine.B_iso_max                                ? 
_refine.correlation_coeff_Fo_to_Fc               ? 
_refine.correlation_coeff_Fo_to_Fc_free          ? 
_refine.pdbx_solvent_vdw_probe_radii             ? 
_refine.pdbx_solvent_ion_probe_radii             ? 
_refine.pdbx_solvent_shrinkage_radii             ? 
_refine.overall_SU_R_Cruickshank_DPI             ? 
_refine.overall_SU_R_free                        ? 
_refine.overall_SU_B                             ? 
_refine.overall_SU_ML                            ? 
_refine.pdbx_overall_ESU_R                       ? 
_refine.pdbx_overall_ESU_R_Free                  ? 
_refine.pdbx_data_cutoff_high_rms_absF           ? 
_refine.ls_wR_factor_R_free                      ? 
_refine.ls_wR_factor_R_work                      ? 
_refine.overall_FOM_free_R_set                   ? 
_refine.overall_FOM_work_R_set                   ? 
_refine.pdbx_refine_id                           'X-RAY DIFFRACTION' 
_refine.pdbx_diffrn_id                           1 
_refine.pdbx_TLS_residual_ADP_flag               ? 
_refine.pdbx_overall_phase_error                 ? 
_refine.pdbx_overall_SU_R_free_Cruickshank_DPI   ? 
_refine.pdbx_overall_SU_R_Blow_DPI               ? 
_refine.pdbx_overall_SU_R_free_Blow_DPI          ? 
# 
_refine_analyze.entry_id                        1VE0 
_refine_analyze.Luzzati_coordinate_error_obs    0.20 
_refine_analyze.Luzzati_sigma_a_obs             0.07 
_refine_analyze.Luzzati_d_res_low_obs           5.0 
_refine_analyze.Luzzati_coordinate_error_free   0.25 
_refine_analyze.Luzzati_sigma_a_free            0.15 
_refine_analyze.Luzzati_d_res_low_free          ? 
_refine_analyze.number_disordered_residues      ? 
_refine_analyze.occupancy_sum_non_hydrogen      ? 
_refine_analyze.occupancy_sum_hydrogen          ? 
_refine_analyze.pdbx_Luzzati_d_res_high_obs     ? 
_refine_analyze.pdbx_refine_id                  'X-RAY DIFFRACTION' 
# 
_refine_hist.pdbx_refine_id                   'X-RAY DIFFRACTION' 
_refine_hist.cycle_id                         LAST 
_refine_hist.pdbx_number_atoms_protein        1049 
_refine_hist.pdbx_number_atoms_nucleic_acid   0 
_refine_hist.pdbx_number_atoms_ligand         6 
_refine_hist.number_atoms_solvent             45 
_refine_hist.number_atoms_total               1100 
_refine_hist.d_res_high                       2.0 
_refine_hist.d_res_low                        10 
# 
loop_
_refine_ls_restr.type 
_refine_ls_restr.dev_ideal 
_refine_ls_restr.dev_ideal_target 
_refine_ls_restr.weight 
_refine_ls_restr.number 
_refine_ls_restr.pdbx_refine_id 
_refine_ls_restr.pdbx_restraint_function 
c_bond_d           0.007126 ? ? ? 'X-RAY DIFFRACTION' ? 
c_angle_deg        1.4169   ? ? ? 'X-RAY DIFFRACTION' ? 
c_dihedral_angle_d 25.16596 ? ? ? 'X-RAY DIFFRACTION' ? 
c_improper_angle_d 0.82954  ? ? ? 'X-RAY DIFFRACTION' ? 
c_mcangle_it       2.362    ? ? ? 'X-RAY DIFFRACTION' ? 
c_mcbond_it        1.386    ? ? ? 'X-RAY DIFFRACTION' ? 
c_scangle_it       3.409    ? ? ? 'X-RAY DIFFRACTION' ? 
c_scbond_it        2.063    ? ? ? 'X-RAY DIFFRACTION' ? 
# 
_refine_ls_shell.pdbx_total_number_of_bins_used   ? 
_refine_ls_shell.d_res_high                       2.0 
_refine_ls_shell.d_res_low                        2.07 
_refine_ls_shell.number_reflns_R_work             ? 
_refine_ls_shell.R_factor_R_work                  0.163 
_refine_ls_shell.percent_reflns_obs               100.0 
_refine_ls_shell.R_factor_R_free                  0.213 
_refine_ls_shell.R_factor_R_free_error            ? 
_refine_ls_shell.percent_reflns_R_free            ? 
_refine_ls_shell.number_reflns_R_free             82 
_refine_ls_shell.number_reflns_obs                822 
_refine_ls_shell.redundancy_reflns_obs            ? 
_refine_ls_shell.number_reflns_all                ? 
_refine_ls_shell.pdbx_refine_id                   'X-RAY DIFFRACTION' 
_refine_ls_shell.R_factor_all                     ? 
# 
_struct.entry_id                  1VE0 
_struct.title                     'Crystal structure of uncharacterized protein ST2072 from Sulfolobus tokodaii' 
_struct.pdbx_model_details        ? 
_struct.pdbx_CASP_flag            ? 
_struct.pdbx_model_type_details   ? 
# 
_struct_keywords.entry_id        1VE0 
_struct_keywords.pdbx_keywords   'METAL BINDING PROTEIN' 
_struct_keywords.text            'Structural genomics, Zinc binding protein, METAL BINDING PROTEIN' 
# 
loop_
_struct_asym.id 
_struct_asym.pdbx_blank_PDB_chainid_flag 
_struct_asym.pdbx_modified 
_struct_asym.entity_id 
_struct_asym.details 
A N N 1 ? 
B N N 2 ? 
C N N 3 ? 
D N N 4 ? 
# 
_struct_ref.id                         1 
_struct_ref.db_name                    UNP 
_struct_ref.db_code                    Q96YV5_SULTO 
_struct_ref.pdbx_db_accession          Q96YV5 
_struct_ref.entity_id                  1 
_struct_ref.pdbx_seq_one_letter_code   
;MKIISKEFTVKTRSRFDSIDITEQVSEAIKGINNGIAHVIVKHTTCAIIINEAESGLMKDFLNWAKKLVPPDGEFEHNII
DNNGHAHVISAIIGNSRVVPIIEGKLDLGTWQRIILLEFDGPRTRTVLVKSMGE
;
_struct_ref.pdbx_align_begin           1 
_struct_ref.pdbx_db_isoform            ? 
# 
_struct_ref_seq.align_id                      1 
_struct_ref_seq.ref_id                        1 
_struct_ref_seq.pdbx_PDB_id_code              1VE0 
_struct_ref_seq.pdbx_strand_id                A 
_struct_ref_seq.seq_align_beg                 1 
_struct_ref_seq.pdbx_seq_align_beg_ins_code   ? 
_struct_ref_seq.seq_align_end                 134 
_struct_ref_seq.pdbx_seq_align_end_ins_code   ? 
_struct_ref_seq.pdbx_db_accession             Q96YV5 
_struct_ref_seq.db_align_beg                  1 
_struct_ref_seq.pdbx_db_align_beg_ins_code    ? 
_struct_ref_seq.db_align_end                  134 
_struct_ref_seq.pdbx_db_align_end_ins_code    ? 
_struct_ref_seq.pdbx_auth_seq_align_beg       1 
_struct_ref_seq.pdbx_auth_seq_align_end       134 
# 
loop_
_struct_ref_seq_dif.align_id 
_struct_ref_seq_dif.pdbx_pdb_id_code 
_struct_ref_seq_dif.mon_id 
_struct_ref_seq_dif.pdbx_pdb_strand_id 
_struct_ref_seq_dif.seq_num 
_struct_ref_seq_dif.pdbx_pdb_ins_code 
_struct_ref_seq_dif.pdbx_seq_db_name 
_struct_ref_seq_dif.pdbx_seq_db_accession_code 
_struct_ref_seq_dif.db_mon_id 
_struct_ref_seq_dif.pdbx_seq_db_seq_num 
_struct_ref_seq_dif.details 
_struct_ref_seq_dif.pdbx_auth_seq_num 
_struct_ref_seq_dif.pdbx_ordinal 
1 1VE0 MSE A 1   ? UNP Q96YV5 MET 1   'modified residue' 1   1 
1 1VE0 MSE A 58  ? UNP Q96YV5 MET 58  'modified residue' 58  2 
1 1VE0 MSE A 132 ? UNP Q96YV5 MET 132 'modified residue' 132 3 
# 
_pdbx_struct_assembly.id                   1 
_pdbx_struct_assembly.details              author_and_software_defined_assembly 
_pdbx_struct_assembly.method_details       PISA,PQS 
_pdbx_struct_assembly.oligomeric_details   trimeric 
_pdbx_struct_assembly.oligomeric_count     3 
# 
loop_
_pdbx_struct_assembly_prop.biol_id 
_pdbx_struct_assembly_prop.type 
_pdbx_struct_assembly_prop.value 
_pdbx_struct_assembly_prop.details 
1 'ABSA (A^2)' 8910  ? 
1 MORE         -216  ? 
1 'SSA (A^2)'  13850 ? 
# 
_pdbx_struct_assembly_gen.assembly_id       1 
_pdbx_struct_assembly_gen.oper_expression   1,2,3 
_pdbx_struct_assembly_gen.asym_id_list      A,B,C,D 
# 
loop_
_pdbx_struct_oper_list.id 
_pdbx_struct_oper_list.type 
_pdbx_struct_oper_list.name 
_pdbx_struct_oper_list.symmetry_operation 
_pdbx_struct_oper_list.matrix[1][1] 
_pdbx_struct_oper_list.matrix[1][2] 
_pdbx_struct_oper_list.matrix[1][3] 
_pdbx_struct_oper_list.vector[1] 
_pdbx_struct_oper_list.matrix[2][1] 
_pdbx_struct_oper_list.matrix[2][2] 
_pdbx_struct_oper_list.matrix[2][3] 
_pdbx_struct_oper_list.vector[2] 
_pdbx_struct_oper_list.matrix[3][1] 
_pdbx_struct_oper_list.matrix[3][2] 
_pdbx_struct_oper_list.matrix[3][3] 
_pdbx_struct_oper_list.vector[3] 
1 'identity operation'         1_555  x,y,z             1.0000000000  0.0000000000  0.0000000000  0.0000000000  0.0000000000  1.0000000000 0.0000000000 0.0000000000   0.0000000000  0.0000000000 1.0000000000 0.0000000000  
2 'crystal symmetry operation' 7_564  -z+1/2,-x+1,y-1/2 -0.4111578904 0.8756705397  -0.2532790854 18.2964719865 -0.4301239885 0.0586082154 0.9008653793 1.2135145528   0.8037055081  0.4793393193 0.3525496749 -6.8886074653 
3 'crystal symmetry operation' 10_655 -y+1,z+1/2,-x+1/2 -0.4111578904 -0.4301239885 0.8037055081  13.5811123054 0.8756705397  0.0586082154 0.4793393193 -12.7908230081 -0.2532790854 0.9008653793 0.3525496749 5.9694767658  
# 
_struct_biol.id                    1 
_struct_biol.details               
;The biological assembly must be a trimer generated from the monomer 
in the asymmetric unit by the operations: (1/2-z, 1-x, -1/2+y) and  
(1-y, 1/2+z ,1/2-x).
;
_struct_biol.pdbx_parent_biol_id   ? 
# 
loop_
_struct_conf.conf_type_id 
_struct_conf.id 
_struct_conf.pdbx_PDB_helix_id 
_struct_conf.beg_label_comp_id 
_struct_conf.beg_label_asym_id 
_struct_conf.beg_label_seq_id 
_struct_conf.pdbx_beg_PDB_ins_code 
_struct_conf.end_label_comp_id 
_struct_conf.end_label_asym_id 
_struct_conf.end_label_seq_id 
_struct_conf.pdbx_end_PDB_ins_code 
_struct_conf.beg_auth_comp_id 
_struct_conf.beg_auth_asym_id 
_struct_conf.beg_auth_seq_id 
_struct_conf.end_auth_comp_id 
_struct_conf.end_auth_asym_id 
_struct_conf.end_auth_seq_id 
_struct_conf.pdbx_PDB_helix_class 
_struct_conf.details 
_struct_conf.pdbx_PDB_helix_length 
HELX_P HELX_P1 1 ILE A 21 ? ILE A 29 ? ILE A 21 ILE A 29 1 ? 9  
HELX_P HELX_P2 2 GLU A 54 ? VAL A 69 ? GLU A 54 VAL A 69 1 ? 16 
HELX_P HELX_P3 3 PHE A 75 ? ILE A 80 ? PHE A 75 ILE A 80 5 ? 6  
HELX_P HELX_P4 4 ASN A 83 ? GLY A 94 ? ASN A 83 GLY A 94 1 ? 12 
# 
_struct_conf_type.id          HELX_P 
_struct_conf_type.criteria    ? 
_struct_conf_type.reference   ? 
# 
loop_
_struct_conn.id 
_struct_conn.conn_type_id 
_struct_conn.pdbx_leaving_atom_flag 
_struct_conn.pdbx_PDB_id 
_struct_conn.ptnr1_label_asym_id 
_struct_conn.ptnr1_label_comp_id 
_struct_conn.ptnr1_label_seq_id 
_struct_conn.ptnr1_label_atom_id 
_struct_conn.pdbx_ptnr1_label_alt_id 
_struct_conn.pdbx_ptnr1_PDB_ins_code 
_struct_conn.pdbx_ptnr1_standard_comp_id 
_struct_conn.ptnr1_symmetry 
_struct_conn.ptnr2_label_asym_id 
_struct_conn.ptnr2_label_comp_id 
_struct_conn.ptnr2_label_seq_id 
_struct_conn.ptnr2_label_atom_id 
_struct_conn.pdbx_ptnr2_label_alt_id 
_struct_conn.pdbx_ptnr2_PDB_ins_code 
_struct_conn.ptnr1_auth_asym_id 
_struct_conn.ptnr1_auth_comp_id 
_struct_conn.ptnr1_auth_seq_id 
_struct_conn.ptnr2_auth_asym_id 
_struct_conn.ptnr2_auth_comp_id 
_struct_conn.ptnr2_auth_seq_id 
_struct_conn.ptnr2_symmetry 
_struct_conn.pdbx_ptnr3_label_atom_id 
_struct_conn.pdbx_ptnr3_label_seq_id 
_struct_conn.pdbx_ptnr3_label_comp_id 
_struct_conn.pdbx_ptnr3_label_asym_id 
_struct_conn.pdbx_ptnr3_label_alt_id 
_struct_conn.pdbx_ptnr3_PDB_ins_code 
_struct_conn.details 
_struct_conn.pdbx_dist_value 
_struct_conn.pdbx_value_order 
_struct_conn.pdbx_role 
covale1 covale both ? A MSE 1   C   ? ? ? 1_555 A LYS 2   N  ? ? A MSE 1   A LYS 2   1_555 ? ? ? ? ? ? ? 1.328 ? ? 
covale2 covale both ? A LEU 57  C   ? ? ? 1_555 A MSE 58  N  ? ? A LEU 57  A MSE 58  1_555 ? ? ? ? ? ? ? 1.328 ? ? 
covale3 covale both ? A MSE 58  C   ? ? ? 1_555 A LYS 59  N  ? ? A MSE 58  A LYS 59  1_555 ? ? ? ? ? ? ? 1.333 ? ? 
covale4 covale both ? A SER 131 C   ? ? ? 1_555 A MSE 132 N  ? ? A SER 131 A MSE 132 1_555 ? ? ? ? ? ? ? 1.325 ? ? 
covale5 covale both ? A MSE 132 C   ? ? ? 1_555 A GLY 133 N  ? ? A MSE 132 A GLY 133 1_555 ? ? ? ? ? ? ? 1.328 ? ? 
metalc1 metalc ?    ? A HIS 77  NE2 ? ? ? 1_555 C ZN  .   ZN ? ? A HIS 77  A ZN  136 1_555 ? ? ? ? ? ? ? 2.165 ? ? 
metalc2 metalc ?    ? A ASN 83  OD1 ? ? ? 1_555 C ZN  .   ZN ? ? A ASN 83  A ZN  136 1_555 ? ? ? ? ? ? ? 2.409 ? ? 
metalc3 metalc ?    ? A HIS 87  NE2 ? ? ? 1_555 C ZN  .   ZN ? ? A HIS 87  A ZN  136 1_555 ? ? ? ? ? ? ? 2.345 ? ? 
metalc4 metalc ?    ? C ZN  .   ZN  ? ? ? 1_555 D HOH .   O  ? ? A ZN  136 A HOH 243 1_555 ? ? ? ? ? ? ? 2.123 ? ? 
# 
loop_
_struct_conn_type.id 
_struct_conn_type.criteria 
_struct_conn_type.reference 
covale ? ? 
metalc ? ? 
# 
loop_
_pdbx_struct_conn_angle.id 
_pdbx_struct_conn_angle.ptnr1_label_atom_id 
_pdbx_struct_conn_angle.ptnr1_label_alt_id 
_pdbx_struct_conn_angle.ptnr1_label_asym_id 
_pdbx_struct_conn_angle.ptnr1_label_comp_id 
_pdbx_struct_conn_angle.ptnr1_label_seq_id 
_pdbx_struct_conn_angle.ptnr1_auth_atom_id 
_pdbx_struct_conn_angle.ptnr1_auth_asym_id 
_pdbx_struct_conn_angle.ptnr1_auth_comp_id 
_pdbx_struct_conn_angle.ptnr1_auth_seq_id 
_pdbx_struct_conn_angle.ptnr1_PDB_ins_code 
_pdbx_struct_conn_angle.ptnr1_symmetry 
_pdbx_struct_conn_angle.ptnr2_label_atom_id 
_pdbx_struct_conn_angle.ptnr2_label_alt_id 
_pdbx_struct_conn_angle.ptnr2_label_asym_id 
_pdbx_struct_conn_angle.ptnr2_label_comp_id 
_pdbx_struct_conn_angle.ptnr2_label_seq_id 
_pdbx_struct_conn_angle.ptnr2_auth_atom_id 
_pdbx_struct_conn_angle.ptnr2_auth_asym_id 
_pdbx_struct_conn_angle.ptnr2_auth_comp_id 
_pdbx_struct_conn_angle.ptnr2_auth_seq_id 
_pdbx_struct_conn_angle.ptnr2_PDB_ins_code 
_pdbx_struct_conn_angle.ptnr2_symmetry 
_pdbx_struct_conn_angle.ptnr3_label_atom_id 
_pdbx_struct_conn_angle.ptnr3_label_alt_id 
_pdbx_struct_conn_angle.ptnr3_label_asym_id 
_pdbx_struct_conn_angle.ptnr3_label_comp_id 
_pdbx_struct_conn_angle.ptnr3_label_seq_id 
_pdbx_struct_conn_angle.ptnr3_auth_atom_id 
_pdbx_struct_conn_angle.ptnr3_auth_asym_id 
_pdbx_struct_conn_angle.ptnr3_auth_comp_id 
_pdbx_struct_conn_angle.ptnr3_auth_seq_id 
_pdbx_struct_conn_angle.ptnr3_PDB_ins_code 
_pdbx_struct_conn_angle.ptnr3_symmetry 
_pdbx_struct_conn_angle.value 
_pdbx_struct_conn_angle.value_esd 
1 NE2 ? A HIS 77 ? A HIS 77 ? 1_555 ZN ? C ZN . ? A ZN 136 ? 1_555 OD1 ? A ASN 83 ? A ASN 83  ? 1_555 85.4  ? 
2 NE2 ? A HIS 77 ? A HIS 77 ? 1_555 ZN ? C ZN . ? A ZN 136 ? 1_555 NE2 ? A HIS 87 ? A HIS 87  ? 1_555 104.5 ? 
3 OD1 ? A ASN 83 ? A ASN 83 ? 1_555 ZN ? C ZN . ? A ZN 136 ? 1_555 NE2 ? A HIS 87 ? A HIS 87  ? 1_555 93.5  ? 
4 NE2 ? A HIS 77 ? A HIS 77 ? 1_555 ZN ? C ZN . ? A ZN 136 ? 1_555 O   ? D HOH .  ? A HOH 243 ? 1_555 109.3 ? 
5 OD1 ? A ASN 83 ? A ASN 83 ? 1_555 ZN ? C ZN . ? A ZN 136 ? 1_555 O   ? D HOH .  ? A HOH 243 ? 1_555 154.2 ? 
6 NE2 ? A HIS 87 ? A HIS 87 ? 1_555 ZN ? C ZN . ? A ZN 136 ? 1_555 O   ? D HOH .  ? A HOH 243 ? 1_555 102.7 ? 
# 
loop_
_pdbx_modification_feature.ordinal 
_pdbx_modification_feature.label_comp_id 
_pdbx_modification_feature.label_asym_id 
_pdbx_modification_feature.label_seq_id 
_pdbx_modification_feature.label_alt_id 
_pdbx_modification_feature.modified_residue_label_comp_id 
_pdbx_modification_feature.modified_residue_label_asym_id 
_pdbx_modification_feature.modified_residue_label_seq_id 
_pdbx_modification_feature.modified_residue_label_alt_id 
_pdbx_modification_feature.auth_comp_id 
_pdbx_modification_feature.auth_asym_id 
_pdbx_modification_feature.auth_seq_id 
_pdbx_modification_feature.PDB_ins_code 
_pdbx_modification_feature.symmetry 
_pdbx_modification_feature.modified_residue_auth_comp_id 
_pdbx_modification_feature.modified_residue_auth_asym_id 
_pdbx_modification_feature.modified_residue_auth_seq_id 
_pdbx_modification_feature.modified_residue_PDB_ins_code 
_pdbx_modification_feature.modified_residue_symmetry 
_pdbx_modification_feature.comp_id_linking_atom 
_pdbx_modification_feature.modified_residue_id_linking_atom 
_pdbx_modification_feature.modified_residue_id 
_pdbx_modification_feature.ref_pcm_id 
_pdbx_modification_feature.ref_comp_id 
_pdbx_modification_feature.type 
_pdbx_modification_feature.category 
1 MSE A 1   ? . . . . MSE A 1   ? 1_555 . . . . . . . MET 1 MSE Selenomethionine 'Named protein modification' 
2 MSE A 58  ? . . . . MSE A 58  ? 1_555 . . . . . . . MET 1 MSE Selenomethionine 'Named protein modification' 
3 MSE A 132 ? . . . . MSE A 132 ? 1_555 . . . . . . . MET 1 MSE Selenomethionine 'Named protein modification' 
# 
_struct_mon_prot_cis.pdbx_id                1 
_struct_mon_prot_cis.label_comp_id          GLY 
_struct_mon_prot_cis.label_seq_id           121 
_struct_mon_prot_cis.label_asym_id          A 
_struct_mon_prot_cis.label_alt_id           . 
_struct_mon_prot_cis.pdbx_PDB_ins_code      ? 
_struct_mon_prot_cis.auth_comp_id           GLY 
_struct_mon_prot_cis.auth_seq_id            121 
_struct_mon_prot_cis.auth_asym_id           A 
_struct_mon_prot_cis.pdbx_label_comp_id_2   PRO 
_struct_mon_prot_cis.pdbx_label_seq_id_2    122 
_struct_mon_prot_cis.pdbx_label_asym_id_2   A 
_struct_mon_prot_cis.pdbx_PDB_ins_code_2    ? 
_struct_mon_prot_cis.pdbx_auth_comp_id_2    PRO 
_struct_mon_prot_cis.pdbx_auth_seq_id_2     122 
_struct_mon_prot_cis.pdbx_auth_asym_id_2    A 
_struct_mon_prot_cis.pdbx_PDB_model_num     1 
_struct_mon_prot_cis.pdbx_omega_angle       -0.17 
# 
loop_
_struct_sheet.id 
_struct_sheet.type 
_struct_sheet.number_strands 
_struct_sheet.details 
A ? 5 ? 
B ? 3 ? 
# 
loop_
_struct_sheet_order.sheet_id 
_struct_sheet_order.range_id_1 
_struct_sheet_order.range_id_2 
_struct_sheet_order.offset 
_struct_sheet_order.sense 
A 1 2 ? anti-parallel 
A 2 3 ? anti-parallel 
A 3 4 ? anti-parallel 
A 4 5 ? anti-parallel 
B 1 2 ? anti-parallel 
B 2 3 ? anti-parallel 
# 
loop_
_struct_sheet_range.sheet_id 
_struct_sheet_range.id 
_struct_sheet_range.beg_label_comp_id 
_struct_sheet_range.beg_label_asym_id 
_struct_sheet_range.beg_label_seq_id 
_struct_sheet_range.pdbx_beg_PDB_ins_code 
_struct_sheet_range.end_label_comp_id 
_struct_sheet_range.end_label_asym_id 
_struct_sheet_range.end_label_seq_id 
_struct_sheet_range.pdbx_end_PDB_ins_code 
_struct_sheet_range.beg_auth_comp_id 
_struct_sheet_range.beg_auth_asym_id 
_struct_sheet_range.beg_auth_seq_id 
_struct_sheet_range.end_auth_comp_id 
_struct_sheet_range.end_auth_asym_id 
_struct_sheet_range.end_auth_seq_id 
A 1 LYS A 2   ? LYS A 11  ? LYS A 2   LYS A 11  
A 2 THR A 124 ? GLU A 134 ? THR A 124 GLU A 134 
A 3 ASN A 34  ? VAL A 41  ? ASN A 34  VAL A 41  
A 4 SER A 96  ? ILE A 102 ? SER A 96  ILE A 102 
A 5 LYS A 105 ? LEU A 106 ? LYS A 105 LEU A 106 
B 1 ASP A 17  ? ASP A 20  ? ASP A 17  ASP A 20  
B 2 ARG A 113 ? GLU A 118 ? ARG A 113 GLU A 118 
B 3 CYS A 46  ? ASN A 51  ? CYS A 46  ASN A 51  
# 
loop_
_pdbx_struct_sheet_hbond.sheet_id 
_pdbx_struct_sheet_hbond.range_id_1 
_pdbx_struct_sheet_hbond.range_id_2 
_pdbx_struct_sheet_hbond.range_1_label_atom_id 
_pdbx_struct_sheet_hbond.range_1_label_comp_id 
_pdbx_struct_sheet_hbond.range_1_label_asym_id 
_pdbx_struct_sheet_hbond.range_1_label_seq_id 
_pdbx_struct_sheet_hbond.range_1_PDB_ins_code 
_pdbx_struct_sheet_hbond.range_1_auth_atom_id 
_pdbx_struct_sheet_hbond.range_1_auth_comp_id 
_pdbx_struct_sheet_hbond.range_1_auth_asym_id 
_pdbx_struct_sheet_hbond.range_1_auth_seq_id 
_pdbx_struct_sheet_hbond.range_2_label_atom_id 
_pdbx_struct_sheet_hbond.range_2_label_comp_id 
_pdbx_struct_sheet_hbond.range_2_label_asym_id 
_pdbx_struct_sheet_hbond.range_2_label_seq_id 
_pdbx_struct_sheet_hbond.range_2_PDB_ins_code 
_pdbx_struct_sheet_hbond.range_2_auth_atom_id 
_pdbx_struct_sheet_hbond.range_2_auth_comp_id 
_pdbx_struct_sheet_hbond.range_2_auth_asym_id 
_pdbx_struct_sheet_hbond.range_2_auth_seq_id 
A 1 2 N PHE A 8   ? N PHE A 8   O VAL A 127 ? O VAL A 127 
A 2 3 O LEU A 128 ? O LEU A 128 N ILE A 40  ? N ILE A 40  
A 3 4 N ALA A 37  ? N ALA A 37  O VAL A 99  ? O VAL A 99  
A 4 5 N ILE A 102 ? N ILE A 102 O LYS A 105 ? O LYS A 105 
B 1 2 N ASP A 17  ? N ASP A 17  O GLU A 118 ? O GLU A 118 
B 2 3 O LEU A 117 ? O LEU A 117 N ALA A 47  ? N ALA A 47  
# 
loop_
_struct_site.id 
_struct_site.pdbx_evidence_code 
_struct_site.pdbx_auth_asym_id 
_struct_site.pdbx_auth_comp_id 
_struct_site.pdbx_auth_seq_id 
_struct_site.pdbx_auth_ins_code 
_struct_site.pdbx_num_residues 
_struct_site.details 
AC1 Software A SO4 135 ? 7 'BINDING SITE FOR RESIDUE SO4 A 135' 
AC2 Software A ZN  136 ? 6 'BINDING SITE FOR RESIDUE ZN A 136'  
# 
loop_
_struct_site_gen.id 
_struct_site_gen.site_id 
_struct_site_gen.pdbx_num_res 
_struct_site_gen.label_comp_id 
_struct_site_gen.label_asym_id 
_struct_site_gen.label_seq_id 
_struct_site_gen.pdbx_auth_ins_code 
_struct_site_gen.auth_comp_id 
_struct_site_gen.auth_asym_id 
_struct_site_gen.auth_seq_id 
_struct_site_gen.label_atom_id 
_struct_site_gen.label_alt_id 
_struct_site_gen.symmetry 
_struct_site_gen.details 
1  AC1 7 HIS A 43  ? HIS A 43  . ? 1_555  ? 
2  AC1 7 THR A 44  ? THR A 44  . ? 1_555  ? 
3  AC1 7 THR A 45  ? THR A 45  . ? 1_555  ? 
4  AC1 7 TRP A 111 ? TRP A 111 . ? 10_655 ? 
5  AC1 7 ARG A 123 ? ARG A 123 . ? 1_555  ? 
6  AC1 7 ARG A 125 ? ARG A 125 . ? 1_555  ? 
7  AC1 7 HOH D .   ? HOH A 205 . ? 1_555  ? 
8  AC2 6 GLU A 52  ? GLU A 52  . ? 10_655 ? 
9  AC2 6 HIS A 77  ? HIS A 77  . ? 1_555  ? 
10 AC2 6 ASP A 81  ? ASP A 81  . ? 1_555  ? 
11 AC2 6 ASN A 83  ? ASN A 83  . ? 1_555  ? 
12 AC2 6 HIS A 87  ? HIS A 87  . ? 1_555  ? 
13 AC2 6 HOH D .   ? HOH A 243 . ? 1_555  ? 
# 
_pdbx_entry_details.entry_id                   1VE0 
_pdbx_entry_details.compound_details           ? 
_pdbx_entry_details.source_details             ? 
_pdbx_entry_details.nonpolymer_details         ? 
_pdbx_entry_details.sequence_details           ? 
_pdbx_entry_details.has_ligand_of_interest     ? 
_pdbx_entry_details.has_protein_modification   Y 
# 
loop_
_pdbx_validate_torsion.id 
_pdbx_validate_torsion.PDB_model_num 
_pdbx_validate_torsion.auth_comp_id 
_pdbx_validate_torsion.auth_asym_id 
_pdbx_validate_torsion.auth_seq_id 
_pdbx_validate_torsion.PDB_ins_code 
_pdbx_validate_torsion.label_alt_id 
_pdbx_validate_torsion.phi 
_pdbx_validate_torsion.psi 
1 1 ASN A 51  ? ? -160.22 -165.77 
2 1 ALA A 53  ? ? -92.54  40.08   
3 1 ASN A 82  ? ? -86.96  46.01   
4 1 ASP A 120 ? ? -142.53 41.74   
# 
loop_
_pdbx_struct_mod_residue.id 
_pdbx_struct_mod_residue.label_asym_id 
_pdbx_struct_mod_residue.label_comp_id 
_pdbx_struct_mod_residue.label_seq_id 
_pdbx_struct_mod_residue.auth_asym_id 
_pdbx_struct_mod_residue.auth_comp_id 
_pdbx_struct_mod_residue.auth_seq_id 
_pdbx_struct_mod_residue.PDB_ins_code 
_pdbx_struct_mod_residue.parent_comp_id 
_pdbx_struct_mod_residue.details 
1 A MSE 1   A MSE 1   ? MET SELENOMETHIONINE 
2 A MSE 58  A MSE 58  ? MET SELENOMETHIONINE 
3 A MSE 132 A MSE 132 ? MET SELENOMETHIONINE 
# 
loop_
_chem_comp_atom.comp_id 
_chem_comp_atom.atom_id 
_chem_comp_atom.type_symbol 
_chem_comp_atom.pdbx_aromatic_flag 
_chem_comp_atom.pdbx_stereo_config 
_chem_comp_atom.pdbx_ordinal 
ALA N    N  N N 1   
ALA CA   C  N S 2   
ALA C    C  N N 3   
ALA O    O  N N 4   
ALA CB   C  N N 5   
ALA OXT  O  N N 6   
ALA H    H  N N 7   
ALA H2   H  N N 8   
ALA HA   H  N N 9   
ALA HB1  H  N N 10  
ALA HB2  H  N N 11  
ALA HB3  H  N N 12  
ALA HXT  H  N N 13  
ARG N    N  N N 14  
ARG CA   C  N S 15  
ARG C    C  N N 16  
ARG O    O  N N 17  
ARG CB   C  N N 18  
ARG CG   C  N N 19  
ARG CD   C  N N 20  
ARG NE   N  N N 21  
ARG CZ   C  N N 22  
ARG NH1  N  N N 23  
ARG NH2  N  N N 24  
ARG OXT  O  N N 25  
ARG H    H  N N 26  
ARG H2   H  N N 27  
ARG HA   H  N N 28  
ARG HB2  H  N N 29  
ARG HB3  H  N N 30  
ARG HG2  H  N N 31  
ARG HG3  H  N N 32  
ARG HD2  H  N N 33  
ARG HD3  H  N N 34  
ARG HE   H  N N 35  
ARG HH11 H  N N 36  
ARG HH12 H  N N 37  
ARG HH21 H  N N 38  
ARG HH22 H  N N 39  
ARG HXT  H  N N 40  
ASN N    N  N N 41  
ASN CA   C  N S 42  
ASN C    C  N N 43  
ASN O    O  N N 44  
ASN CB   C  N N 45  
ASN CG   C  N N 46  
ASN OD1  O  N N 47  
ASN ND2  N  N N 48  
ASN OXT  O  N N 49  
ASN H    H  N N 50  
ASN H2   H  N N 51  
ASN HA   H  N N 52  
ASN HB2  H  N N 53  
ASN HB3  H  N N 54  
ASN HD21 H  N N 55  
ASN HD22 H  N N 56  
ASN HXT  H  N N 57  
ASP N    N  N N 58  
ASP CA   C  N S 59  
ASP C    C  N N 60  
ASP O    O  N N 61  
ASP CB   C  N N 62  
ASP CG   C  N N 63  
ASP OD1  O  N N 64  
ASP OD2  O  N N 65  
ASP OXT  O  N N 66  
ASP H    H  N N 67  
ASP H2   H  N N 68  
ASP HA   H  N N 69  
ASP HB2  H  N N 70  
ASP HB3  H  N N 71  
ASP HD2  H  N N 72  
ASP HXT  H  N N 73  
CYS N    N  N N 74  
CYS CA   C  N R 75  
CYS C    C  N N 76  
CYS O    O  N N 77  
CYS CB   C  N N 78  
CYS SG   S  N N 79  
CYS OXT  O  N N 80  
CYS H    H  N N 81  
CYS H2   H  N N 82  
CYS HA   H  N N 83  
CYS HB2  H  N N 84  
CYS HB3  H  N N 85  
CYS HG   H  N N 86  
CYS HXT  H  N N 87  
GLN N    N  N N 88  
GLN CA   C  N S 89  
GLN C    C  N N 90  
GLN O    O  N N 91  
GLN CB   C  N N 92  
GLN CG   C  N N 93  
GLN CD   C  N N 94  
GLN OE1  O  N N 95  
GLN NE2  N  N N 96  
GLN OXT  O  N N 97  
GLN H    H  N N 98  
GLN H2   H  N N 99  
GLN HA   H  N N 100 
GLN HB2  H  N N 101 
GLN HB3  H  N N 102 
GLN HG2  H  N N 103 
GLN HG3  H  N N 104 
GLN HE21 H  N N 105 
GLN HE22 H  N N 106 
GLN HXT  H  N N 107 
GLU N    N  N N 108 
GLU CA   C  N S 109 
GLU C    C  N N 110 
GLU O    O  N N 111 
GLU CB   C  N N 112 
GLU CG   C  N N 113 
GLU CD   C  N N 114 
GLU OE1  O  N N 115 
GLU OE2  O  N N 116 
GLU OXT  O  N N 117 
GLU H    H  N N 118 
GLU H2   H  N N 119 
GLU HA   H  N N 120 
GLU HB2  H  N N 121 
GLU HB3  H  N N 122 
GLU HG2  H  N N 123 
GLU HG3  H  N N 124 
GLU HE2  H  N N 125 
GLU HXT  H  N N 126 
GLY N    N  N N 127 
GLY CA   C  N N 128 
GLY C    C  N N 129 
GLY O    O  N N 130 
GLY OXT  O  N N 131 
GLY H    H  N N 132 
GLY H2   H  N N 133 
GLY HA2  H  N N 134 
GLY HA3  H  N N 135 
GLY HXT  H  N N 136 
HIS N    N  N N 137 
HIS CA   C  N S 138 
HIS C    C  N N 139 
HIS O    O  N N 140 
HIS CB   C  N N 141 
HIS CG   C  Y N 142 
HIS ND1  N  Y N 143 
HIS CD2  C  Y N 144 
HIS CE1  C  Y N 145 
HIS NE2  N  Y N 146 
HIS OXT  O  N N 147 
HIS H    H  N N 148 
HIS H2   H  N N 149 
HIS HA   H  N N 150 
HIS HB2  H  N N 151 
HIS HB3  H  N N 152 
HIS HD1  H  N N 153 
HIS HD2  H  N N 154 
HIS HE1  H  N N 155 
HIS HE2  H  N N 156 
HIS HXT  H  N N 157 
HOH O    O  N N 158 
HOH H1   H  N N 159 
HOH H2   H  N N 160 
ILE N    N  N N 161 
ILE CA   C  N S 162 
ILE C    C  N N 163 
ILE O    O  N N 164 
ILE CB   C  N S 165 
ILE CG1  C  N N 166 
ILE CG2  C  N N 167 
ILE CD1  C  N N 168 
ILE OXT  O  N N 169 
ILE H    H  N N 170 
ILE H2   H  N N 171 
ILE HA   H  N N 172 
ILE HB   H  N N 173 
ILE HG12 H  N N 174 
ILE HG13 H  N N 175 
ILE HG21 H  N N 176 
ILE HG22 H  N N 177 
ILE HG23 H  N N 178 
ILE HD11 H  N N 179 
ILE HD12 H  N N 180 
ILE HD13 H  N N 181 
ILE HXT  H  N N 182 
LEU N    N  N N 183 
LEU CA   C  N S 184 
LEU C    C  N N 185 
LEU O    O  N N 186 
LEU CB   C  N N 187 
LEU CG   C  N N 188 
LEU CD1  C  N N 189 
LEU CD2  C  N N 190 
LEU OXT  O  N N 191 
LEU H    H  N N 192 
LEU H2   H  N N 193 
LEU HA   H  N N 194 
LEU HB2  H  N N 195 
LEU HB3  H  N N 196 
LEU HG   H  N N 197 
LEU HD11 H  N N 198 
LEU HD12 H  N N 199 
LEU HD13 H  N N 200 
LEU HD21 H  N N 201 
LEU HD22 H  N N 202 
LEU HD23 H  N N 203 
LEU HXT  H  N N 204 
LYS N    N  N N 205 
LYS CA   C  N S 206 
LYS C    C  N N 207 
LYS O    O  N N 208 
LYS CB   C  N N 209 
LYS CG   C  N N 210 
LYS CD   C  N N 211 
LYS CE   C  N N 212 
LYS NZ   N  N N 213 
LYS OXT  O  N N 214 
LYS H    H  N N 215 
LYS H2   H  N N 216 
LYS HA   H  N N 217 
LYS HB2  H  N N 218 
LYS HB3  H  N N 219 
LYS HG2  H  N N 220 
LYS HG3  H  N N 221 
LYS HD2  H  N N 222 
LYS HD3  H  N N 223 
LYS HE2  H  N N 224 
LYS HE3  H  N N 225 
LYS HZ1  H  N N 226 
LYS HZ2  H  N N 227 
LYS HZ3  H  N N 228 
LYS HXT  H  N N 229 
MET N    N  N N 230 
MET CA   C  N S 231 
MET C    C  N N 232 
MET O    O  N N 233 
MET CB   C  N N 234 
MET CG   C  N N 235 
MET SD   S  N N 236 
MET CE   C  N N 237 
MET OXT  O  N N 238 
MET H    H  N N 239 
MET H2   H  N N 240 
MET HA   H  N N 241 
MET HB2  H  N N 242 
MET HB3  H  N N 243 
MET HG2  H  N N 244 
MET HG3  H  N N 245 
MET HE1  H  N N 246 
MET HE2  H  N N 247 
MET HE3  H  N N 248 
MET HXT  H  N N 249 
MSE N    N  N N 250 
MSE CA   C  N S 251 
MSE C    C  N N 252 
MSE O    O  N N 253 
MSE OXT  O  N N 254 
MSE CB   C  N N 255 
MSE CG   C  N N 256 
MSE SE   SE N N 257 
MSE CE   C  N N 258 
MSE H    H  N N 259 
MSE H2   H  N N 260 
MSE HA   H  N N 261 
MSE HXT  H  N N 262 
MSE HB2  H  N N 263 
MSE HB3  H  N N 264 
MSE HG2  H  N N 265 
MSE HG3  H  N N 266 
MSE HE1  H  N N 267 
MSE HE2  H  N N 268 
MSE HE3  H  N N 269 
PHE N    N  N N 270 
PHE CA   C  N S 271 
PHE C    C  N N 272 
PHE O    O  N N 273 
PHE CB   C  N N 274 
PHE CG   C  Y N 275 
PHE CD1  C  Y N 276 
PHE CD2  C  Y N 277 
PHE CE1  C  Y N 278 
PHE CE2  C  Y N 279 
PHE CZ   C  Y N 280 
PHE OXT  O  N N 281 
PHE H    H  N N 282 
PHE H2   H  N N 283 
PHE HA   H  N N 284 
PHE HB2  H  N N 285 
PHE HB3  H  N N 286 
PHE HD1  H  N N 287 
PHE HD2  H  N N 288 
PHE HE1  H  N N 289 
PHE HE2  H  N N 290 
PHE HZ   H  N N 291 
PHE HXT  H  N N 292 
PRO N    N  N N 293 
PRO CA   C  N S 294 
PRO C    C  N N 295 
PRO O    O  N N 296 
PRO CB   C  N N 297 
PRO CG   C  N N 298 
PRO CD   C  N N 299 
PRO OXT  O  N N 300 
PRO H    H  N N 301 
PRO HA   H  N N 302 
PRO HB2  H  N N 303 
PRO HB3  H  N N 304 
PRO HG2  H  N N 305 
PRO HG3  H  N N 306 
PRO HD2  H  N N 307 
PRO HD3  H  N N 308 
PRO HXT  H  N N 309 
SER N    N  N N 310 
SER CA   C  N S 311 
SER C    C  N N 312 
SER O    O  N N 313 
SER CB   C  N N 314 
SER OG   O  N N 315 
SER OXT  O  N N 316 
SER H    H  N N 317 
SER H2   H  N N 318 
SER HA   H  N N 319 
SER HB2  H  N N 320 
SER HB3  H  N N 321 
SER HG   H  N N 322 
SER HXT  H  N N 323 
SO4 S    S  N N 324 
SO4 O1   O  N N 325 
SO4 O2   O  N N 326 
SO4 O3   O  N N 327 
SO4 O4   O  N N 328 
THR N    N  N N 329 
THR CA   C  N S 330 
THR C    C  N N 331 
THR O    O  N N 332 
THR CB   C  N R 333 
THR OG1  O  N N 334 
THR CG2  C  N N 335 
THR OXT  O  N N 336 
THR H    H  N N 337 
THR H2   H  N N 338 
THR HA   H  N N 339 
THR HB   H  N N 340 
THR HG1  H  N N 341 
THR HG21 H  N N 342 
THR HG22 H  N N 343 
THR HG23 H  N N 344 
THR HXT  H  N N 345 
TRP N    N  N N 346 
TRP CA   C  N S 347 
TRP C    C  N N 348 
TRP O    O  N N 349 
TRP CB   C  N N 350 
TRP CG   C  Y N 351 
TRP CD1  C  Y N 352 
TRP CD2  C  Y N 353 
TRP NE1  N  Y N 354 
TRP CE2  C  Y N 355 
TRP CE3  C  Y N 356 
TRP CZ2  C  Y N 357 
TRP CZ3  C  Y N 358 
TRP CH2  C  Y N 359 
TRP OXT  O  N N 360 
TRP H    H  N N 361 
TRP H2   H  N N 362 
TRP HA   H  N N 363 
TRP HB2  H  N N 364 
TRP HB3  H  N N 365 
TRP HD1  H  N N 366 
TRP HE1  H  N N 367 
TRP HE3  H  N N 368 
TRP HZ2  H  N N 369 
TRP HZ3  H  N N 370 
TRP HH2  H  N N 371 
TRP HXT  H  N N 372 
VAL N    N  N N 373 
VAL CA   C  N S 374 
VAL C    C  N N 375 
VAL O    O  N N 376 
VAL CB   C  N N 377 
VAL CG1  C  N N 378 
VAL CG2  C  N N 379 
VAL OXT  O  N N 380 
VAL H    H  N N 381 
VAL H2   H  N N 382 
VAL HA   H  N N 383 
VAL HB   H  N N 384 
VAL HG11 H  N N 385 
VAL HG12 H  N N 386 
VAL HG13 H  N N 387 
VAL HG21 H  N N 388 
VAL HG22 H  N N 389 
VAL HG23 H  N N 390 
VAL HXT  H  N N 391 
ZN  ZN   ZN N N 392 
# 
loop_
_chem_comp_bond.comp_id 
_chem_comp_bond.atom_id_1 
_chem_comp_bond.atom_id_2 
_chem_comp_bond.value_order 
_chem_comp_bond.pdbx_aromatic_flag 
_chem_comp_bond.pdbx_stereo_config 
_chem_comp_bond.pdbx_ordinal 
ALA N   CA   sing N N 1   
ALA N   H    sing N N 2   
ALA N   H2   sing N N 3   
ALA CA  C    sing N N 4   
ALA CA  CB   sing N N 5   
ALA CA  HA   sing N N 6   
ALA C   O    doub N N 7   
ALA C   OXT  sing N N 8   
ALA CB  HB1  sing N N 9   
ALA CB  HB2  sing N N 10  
ALA CB  HB3  sing N N 11  
ALA OXT HXT  sing N N 12  
ARG N   CA   sing N N 13  
ARG N   H    sing N N 14  
ARG N   H2   sing N N 15  
ARG CA  C    sing N N 16  
ARG CA  CB   sing N N 17  
ARG CA  HA   sing N N 18  
ARG C   O    doub N N 19  
ARG C   OXT  sing N N 20  
ARG CB  CG   sing N N 21  
ARG CB  HB2  sing N N 22  
ARG CB  HB3  sing N N 23  
ARG CG  CD   sing N N 24  
ARG CG  HG2  sing N N 25  
ARG CG  HG3  sing N N 26  
ARG CD  NE   sing N N 27  
ARG CD  HD2  sing N N 28  
ARG CD  HD3  sing N N 29  
ARG NE  CZ   sing N N 30  
ARG NE  HE   sing N N 31  
ARG CZ  NH1  sing N N 32  
ARG CZ  NH2  doub N N 33  
ARG NH1 HH11 sing N N 34  
ARG NH1 HH12 sing N N 35  
ARG NH2 HH21 sing N N 36  
ARG NH2 HH22 sing N N 37  
ARG OXT HXT  sing N N 38  
ASN N   CA   sing N N 39  
ASN N   H    sing N N 40  
ASN N   H2   sing N N 41  
ASN CA  C    sing N N 42  
ASN CA  CB   sing N N 43  
ASN CA  HA   sing N N 44  
ASN C   O    doub N N 45  
ASN C   OXT  sing N N 46  
ASN CB  CG   sing N N 47  
ASN CB  HB2  sing N N 48  
ASN CB  HB3  sing N N 49  
ASN CG  OD1  doub N N 50  
ASN CG  ND2  sing N N 51  
ASN ND2 HD21 sing N N 52  
ASN ND2 HD22 sing N N 53  
ASN OXT HXT  sing N N 54  
ASP N   CA   sing N N 55  
ASP N   H    sing N N 56  
ASP N   H2   sing N N 57  
ASP CA  C    sing N N 58  
ASP CA  CB   sing N N 59  
ASP CA  HA   sing N N 60  
ASP C   O    doub N N 61  
ASP C   OXT  sing N N 62  
ASP CB  CG   sing N N 63  
ASP CB  HB2  sing N N 64  
ASP CB  HB3  sing N N 65  
ASP CG  OD1  doub N N 66  
ASP CG  OD2  sing N N 67  
ASP OD2 HD2  sing N N 68  
ASP OXT HXT  sing N N 69  
CYS N   CA   sing N N 70  
CYS N   H    sing N N 71  
CYS N   H2   sing N N 72  
CYS CA  C    sing N N 73  
CYS CA  CB   sing N N 74  
CYS CA  HA   sing N N 75  
CYS C   O    doub N N 76  
CYS C   OXT  sing N N 77  
CYS CB  SG   sing N N 78  
CYS CB  HB2  sing N N 79  
CYS CB  HB3  sing N N 80  
CYS SG  HG   sing N N 81  
CYS OXT HXT  sing N N 82  
GLN N   CA   sing N N 83  
GLN N   H    sing N N 84  
GLN N   H2   sing N N 85  
GLN CA  C    sing N N 86  
GLN CA  CB   sing N N 87  
GLN CA  HA   sing N N 88  
GLN C   O    doub N N 89  
GLN C   OXT  sing N N 90  
GLN CB  CG   sing N N 91  
GLN CB  HB2  sing N N 92  
GLN CB  HB3  sing N N 93  
GLN CG  CD   sing N N 94  
GLN CG  HG2  sing N N 95  
GLN CG  HG3  sing N N 96  
GLN CD  OE1  doub N N 97  
GLN CD  NE2  sing N N 98  
GLN NE2 HE21 sing N N 99  
GLN NE2 HE22 sing N N 100 
GLN OXT HXT  sing N N 101 
GLU N   CA   sing N N 102 
GLU N   H    sing N N 103 
GLU N   H2   sing N N 104 
GLU CA  C    sing N N 105 
GLU CA  CB   sing N N 106 
GLU CA  HA   sing N N 107 
GLU C   O    doub N N 108 
GLU C   OXT  sing N N 109 
GLU CB  CG   sing N N 110 
GLU CB  HB2  sing N N 111 
GLU CB  HB3  sing N N 112 
GLU CG  CD   sing N N 113 
GLU CG  HG2  sing N N 114 
GLU CG  HG3  sing N N 115 
GLU CD  OE1  doub N N 116 
GLU CD  OE2  sing N N 117 
GLU OE2 HE2  sing N N 118 
GLU OXT HXT  sing N N 119 
GLY N   CA   sing N N 120 
GLY N   H    sing N N 121 
GLY N   H2   sing N N 122 
GLY CA  C    sing N N 123 
GLY CA  HA2  sing N N 124 
GLY CA  HA3  sing N N 125 
GLY C   O    doub N N 126 
GLY C   OXT  sing N N 127 
GLY OXT HXT  sing N N 128 
HIS N   CA   sing N N 129 
HIS N   H    sing N N 130 
HIS N   H2   sing N N 131 
HIS CA  C    sing N N 132 
HIS CA  CB   sing N N 133 
HIS CA  HA   sing N N 134 
HIS C   O    doub N N 135 
HIS C   OXT  sing N N 136 
HIS CB  CG   sing N N 137 
HIS CB  HB2  sing N N 138 
HIS CB  HB3  sing N N 139 
HIS CG  ND1  sing Y N 140 
HIS CG  CD2  doub Y N 141 
HIS ND1 CE1  doub Y N 142 
HIS ND1 HD1  sing N N 143 
HIS CD2 NE2  sing Y N 144 
HIS CD2 HD2  sing N N 145 
HIS CE1 NE2  sing Y N 146 
HIS CE1 HE1  sing N N 147 
HIS NE2 HE2  sing N N 148 
HIS OXT HXT  sing N N 149 
HOH O   H1   sing N N 150 
HOH O   H2   sing N N 151 
ILE N   CA   sing N N 152 
ILE N   H    sing N N 153 
ILE N   H2   sing N N 154 
ILE CA  C    sing N N 155 
ILE CA  CB   sing N N 156 
ILE CA  HA   sing N N 157 
ILE C   O    doub N N 158 
ILE C   OXT  sing N N 159 
ILE CB  CG1  sing N N 160 
ILE CB  CG2  sing N N 161 
ILE CB  HB   sing N N 162 
ILE CG1 CD1  sing N N 163 
ILE CG1 HG12 sing N N 164 
ILE CG1 HG13 sing N N 165 
ILE CG2 HG21 sing N N 166 
ILE CG2 HG22 sing N N 167 
ILE CG2 HG23 sing N N 168 
ILE CD1 HD11 sing N N 169 
ILE CD1 HD12 sing N N 170 
ILE CD1 HD13 sing N N 171 
ILE OXT HXT  sing N N 172 
LEU N   CA   sing N N 173 
LEU N   H    sing N N 174 
LEU N   H2   sing N N 175 
LEU CA  C    sing N N 176 
LEU CA  CB   sing N N 177 
LEU CA  HA   sing N N 178 
LEU C   O    doub N N 179 
LEU C   OXT  sing N N 180 
LEU CB  CG   sing N N 181 
LEU CB  HB2  sing N N 182 
LEU CB  HB3  sing N N 183 
LEU CG  CD1  sing N N 184 
LEU CG  CD2  sing N N 185 
LEU CG  HG   sing N N 186 
LEU CD1 HD11 sing N N 187 
LEU CD1 HD12 sing N N 188 
LEU CD1 HD13 sing N N 189 
LEU CD2 HD21 sing N N 190 
LEU CD2 HD22 sing N N 191 
LEU CD2 HD23 sing N N 192 
LEU OXT HXT  sing N N 193 
LYS N   CA   sing N N 194 
LYS N   H    sing N N 195 
LYS N   H2   sing N N 196 
LYS CA  C    sing N N 197 
LYS CA  CB   sing N N 198 
LYS CA  HA   sing N N 199 
LYS C   O    doub N N 200 
LYS C   OXT  sing N N 201 
LYS CB  CG   sing N N 202 
LYS CB  HB2  sing N N 203 
LYS CB  HB3  sing N N 204 
LYS CG  CD   sing N N 205 
LYS CG  HG2  sing N N 206 
LYS CG  HG3  sing N N 207 
LYS CD  CE   sing N N 208 
LYS CD  HD2  sing N N 209 
LYS CD  HD3  sing N N 210 
LYS CE  NZ   sing N N 211 
LYS CE  HE2  sing N N 212 
LYS CE  HE3  sing N N 213 
LYS NZ  HZ1  sing N N 214 
LYS NZ  HZ2  sing N N 215 
LYS NZ  HZ3  sing N N 216 
LYS OXT HXT  sing N N 217 
MET N   CA   sing N N 218 
MET N   H    sing N N 219 
MET N   H2   sing N N 220 
MET CA  C    sing N N 221 
MET CA  CB   sing N N 222 
MET CA  HA   sing N N 223 
MET C   O    doub N N 224 
MET C   OXT  sing N N 225 
MET CB  CG   sing N N 226 
MET CB  HB2  sing N N 227 
MET CB  HB3  sing N N 228 
MET CG  SD   sing N N 229 
MET CG  HG2  sing N N 230 
MET CG  HG3  sing N N 231 
MET SD  CE   sing N N 232 
MET CE  HE1  sing N N 233 
MET CE  HE2  sing N N 234 
MET CE  HE3  sing N N 235 
MET OXT HXT  sing N N 236 
MSE N   CA   sing N N 237 
MSE N   H    sing N N 238 
MSE N   H2   sing N N 239 
MSE CA  C    sing N N 240 
MSE CA  CB   sing N N 241 
MSE CA  HA   sing N N 242 
MSE C   O    doub N N 243 
MSE C   OXT  sing N N 244 
MSE OXT HXT  sing N N 245 
MSE CB  CG   sing N N 246 
MSE CB  HB2  sing N N 247 
MSE CB  HB3  sing N N 248 
MSE CG  SE   sing N N 249 
MSE CG  HG2  sing N N 250 
MSE CG  HG3  sing N N 251 
MSE SE  CE   sing N N 252 
MSE CE  HE1  sing N N 253 
MSE CE  HE2  sing N N 254 
MSE CE  HE3  sing N N 255 
PHE N   CA   sing N N 256 
PHE N   H    sing N N 257 
PHE N   H2   sing N N 258 
PHE CA  C    sing N N 259 
PHE CA  CB   sing N N 260 
PHE CA  HA   sing N N 261 
PHE C   O    doub N N 262 
PHE C   OXT  sing N N 263 
PHE CB  CG   sing N N 264 
PHE CB  HB2  sing N N 265 
PHE CB  HB3  sing N N 266 
PHE CG  CD1  doub Y N 267 
PHE CG  CD2  sing Y N 268 
PHE CD1 CE1  sing Y N 269 
PHE CD1 HD1  sing N N 270 
PHE CD2 CE2  doub Y N 271 
PHE CD2 HD2  sing N N 272 
PHE CE1 CZ   doub Y N 273 
PHE CE1 HE1  sing N N 274 
PHE CE2 CZ   sing Y N 275 
PHE CE2 HE2  sing N N 276 
PHE CZ  HZ   sing N N 277 
PHE OXT HXT  sing N N 278 
PRO N   CA   sing N N 279 
PRO N   CD   sing N N 280 
PRO N   H    sing N N 281 
PRO CA  C    sing N N 282 
PRO CA  CB   sing N N 283 
PRO CA  HA   sing N N 284 
PRO C   O    doub N N 285 
PRO C   OXT  sing N N 286 
PRO CB  CG   sing N N 287 
PRO CB  HB2  sing N N 288 
PRO CB  HB3  sing N N 289 
PRO CG  CD   sing N N 290 
PRO CG  HG2  sing N N 291 
PRO CG  HG3  sing N N 292 
PRO CD  HD2  sing N N 293 
PRO CD  HD3  sing N N 294 
PRO OXT HXT  sing N N 295 
SER N   CA   sing N N 296 
SER N   H    sing N N 297 
SER N   H2   sing N N 298 
SER CA  C    sing N N 299 
SER CA  CB   sing N N 300 
SER CA  HA   sing N N 301 
SER C   O    doub N N 302 
SER C   OXT  sing N N 303 
SER CB  OG   sing N N 304 
SER CB  HB2  sing N N 305 
SER CB  HB3  sing N N 306 
SER OG  HG   sing N N 307 
SER OXT HXT  sing N N 308 
SO4 S   O1   doub N N 309 
SO4 S   O2   doub N N 310 
SO4 S   O3   sing N N 311 
SO4 S   O4   sing N N 312 
THR N   CA   sing N N 313 
THR N   H    sing N N 314 
THR N   H2   sing N N 315 
THR CA  C    sing N N 316 
THR CA  CB   sing N N 317 
THR CA  HA   sing N N 318 
THR C   O    doub N N 319 
THR C   OXT  sing N N 320 
THR CB  OG1  sing N N 321 
THR CB  CG2  sing N N 322 
THR CB  HB   sing N N 323 
THR OG1 HG1  sing N N 324 
THR CG2 HG21 sing N N 325 
THR CG2 HG22 sing N N 326 
THR CG2 HG23 sing N N 327 
THR OXT HXT  sing N N 328 
TRP N   CA   sing N N 329 
TRP N   H    sing N N 330 
TRP N   H2   sing N N 331 
TRP CA  C    sing N N 332 
TRP CA  CB   sing N N 333 
TRP CA  HA   sing N N 334 
TRP C   O    doub N N 335 
TRP C   OXT  sing N N 336 
TRP CB  CG   sing N N 337 
TRP CB  HB2  sing N N 338 
TRP CB  HB3  sing N N 339 
TRP CG  CD1  doub Y N 340 
TRP CG  CD2  sing Y N 341 
TRP CD1 NE1  sing Y N 342 
TRP CD1 HD1  sing N N 343 
TRP CD2 CE2  doub Y N 344 
TRP CD2 CE3  sing Y N 345 
TRP NE1 CE2  sing Y N 346 
TRP NE1 HE1  sing N N 347 
TRP CE2 CZ2  sing Y N 348 
TRP CE3 CZ3  doub Y N 349 
TRP CE3 HE3  sing N N 350 
TRP CZ2 CH2  doub Y N 351 
TRP CZ2 HZ2  sing N N 352 
TRP CZ3 CH2  sing Y N 353 
TRP CZ3 HZ3  sing N N 354 
TRP CH2 HH2  sing N N 355 
TRP OXT HXT  sing N N 356 
VAL N   CA   sing N N 357 
VAL N   H    sing N N 358 
VAL N   H2   sing N N 359 
VAL CA  C    sing N N 360 
VAL CA  CB   sing N N 361 
VAL CA  HA   sing N N 362 
VAL C   O    doub N N 363 
VAL C   OXT  sing N N 364 
VAL CB  CG1  sing N N 365 
VAL CB  CG2  sing N N 366 
VAL CB  HB   sing N N 367 
VAL CG1 HG11 sing N N 368 
VAL CG1 HG12 sing N N 369 
VAL CG1 HG13 sing N N 370 
VAL CG2 HG21 sing N N 371 
VAL CG2 HG22 sing N N 372 
VAL CG2 HG23 sing N N 373 
VAL OXT HXT  sing N N 374 
# 
_atom_sites.entry_id                    1VE0 
_atom_sites.fract_transf_matrix[1][1]   0.00908155 
_atom_sites.fract_transf_matrix[1][2]   -0.00679966 
_atom_sites.fract_transf_matrix[1][3]   -0.00810539 
_atom_sites.fract_transf_matrix[2][1]   0.00763528 
_atom_sites.fract_transf_matrix[2][2]   0.01160658 
_atom_sites.fract_transf_matrix[2][3]   -0.00118199 
_atom_sites.fract_transf_matrix[3][1]   0.00732360 
_atom_sites.fract_transf_matrix[3][2]   -0.00366870 
_atom_sites.fract_transf_matrix[3][3]   0.01128329 
_atom_sites.fract_transf_vector[1]      0.112856 
_atom_sites.fract_transf_vector[2]      0.725210 
_atom_sites.fract_transf_vector[3]      0.173396 
# 
loop_
_atom_type.symbol 
C  
N  
O  
S  
SE 
ZN 
# 
loop_
_atom_site.group_PDB 
_atom_site.id 
_atom_site.type_symbol 
_atom_site.label_atom_id 
_atom_site.label_alt_id 
_atom_site.label_comp_id 
_atom_site.label_asym_id 
_atom_site.label_entity_id 
_atom_site.label_seq_id 
_atom_site.pdbx_PDB_ins_code 
_atom_site.Cartn_x 
_atom_site.Cartn_y 
_atom_site.Cartn_z 
_atom_site.occupancy 
_atom_site.B_iso_or_equiv 
_atom_site.pdbx_formal_charge 
_atom_site.auth_seq_id 
_atom_site.auth_comp_id 
_atom_site.auth_asym_id 
_atom_site.auth_atom_id 
_atom_site.pdbx_PDB_model_num 
HETATM 1    N  N   . MSE A 1 1   ? 14.610  12.122  19.027  1.00 53.78 ? 1   MSE A N   1 
HETATM 2    C  CA  . MSE A 1 1   ? 13.827  12.892  18.024  1.00 52.38 ? 1   MSE A CA  1 
HETATM 3    C  C   . MSE A 1 1   ? 12.332  12.816  18.307  1.00 49.05 ? 1   MSE A C   1 
HETATM 4    O  O   . MSE A 1 1   ? 11.903  12.906  19.454  1.00 50.34 ? 1   MSE A O   1 
HETATM 5    C  CB  . MSE A 1 1   ? 14.106  12.378  16.608  1.00 57.69 ? 1   MSE A CB  1 
HETATM 6    C  CG  . MSE A 1 1   ? 15.510  12.655  16.091  1.00 63.01 ? 1   MSE A CG  1 
HETATM 7    SE SE  . MSE A 1 1   ? 15.803  11.951  14.304  1.00 72.25 ? 1   MSE A SE  1 
HETATM 8    C  CE  . MSE A 1 1   ? 16.150  10.106  14.769  1.00 68.44 ? 1   MSE A CE  1 
ATOM   9    N  N   . LYS A 1 2   ? 11.544  12.624  17.256  1.00 43.93 ? 2   LYS A N   1 
ATOM   10   C  CA  . LYS A 1 2   ? 10.093  12.582  17.376  1.00 39.58 ? 2   LYS A CA  1 
ATOM   11   C  C   . LYS A 1 2   ? 9.479   11.388  16.642  1.00 36.43 ? 2   LYS A C   1 
ATOM   12   O  O   . LYS A 1 2   ? 9.971   10.978  15.595  1.00 32.96 ? 2   LYS A O   1 
ATOM   13   C  CB  . LYS A 1 2   ? 9.545   13.890  16.816  1.00 40.36 ? 2   LYS A CB  1 
ATOM   14   C  CG  . LYS A 1 2   ? 8.054   14.062  16.871  1.00 42.03 ? 2   LYS A CG  1 
ATOM   15   C  CD  . LYS A 1 2   ? 7.703   15.510  16.549  1.00 43.56 ? 2   LYS A CD  1 
ATOM   16   C  CE  . LYS A 1 2   ? 8.425   16.460  17.492  1.00 44.32 ? 2   LYS A CE  1 
ATOM   17   N  NZ  . LYS A 1 2   ? 7.972   17.870  17.339  1.00 45.23 ? 2   LYS A NZ  1 
ATOM   18   N  N   . ILE A 1 3   ? 8.399   10.838  17.195  1.00 34.09 ? 3   ILE A N   1 
ATOM   19   C  CA  . ILE A 1 3   ? 7.727   9.687   16.585  1.00 33.17 ? 3   ILE A CA  1 
ATOM   20   C  C   . ILE A 1 3   ? 6.230   9.913   16.458  1.00 31.56 ? 3   ILE A C   1 
ATOM   21   O  O   . ILE A 1 3   ? 5.540   10.100  17.458  1.00 31.94 ? 3   ILE A O   1 
ATOM   22   C  CB  . ILE A 1 3   ? 7.920   8.412   17.421  1.00 33.07 ? 3   ILE A CB  1 
ATOM   23   C  CG1 . ILE A 1 3   ? 9.410   8.123   17.589  1.00 34.50 ? 3   ILE A CG1 1 
ATOM   24   C  CG2 . ILE A 1 3   ? 7.199   7.238   16.748  1.00 33.34 ? 3   ILE A CG2 1 
ATOM   25   C  CD1 . ILE A 1 3   ? 9.710   6.991   18.546  1.00 35.51 ? 3   ILE A CD1 1 
ATOM   26   N  N   . ILE A 1 4   ? 5.729   9.901   15.229  1.00 28.05 ? 4   ILE A N   1 
ATOM   27   C  CA  . ILE A 1 4   ? 4.310   10.085  14.999  1.00 27.94 ? 4   ILE A CA  1 
ATOM   28   C  C   . ILE A 1 4   ? 3.744   8.766   14.492  1.00 27.51 ? 4   ILE A C   1 
ATOM   29   O  O   . ILE A 1 4   ? 4.346   8.105   13.637  1.00 26.75 ? 4   ILE A O   1 
ATOM   30   C  CB  . ILE A 1 4   ? 4.025   11.186  13.940  1.00 28.04 ? 4   ILE A CB  1 
ATOM   31   C  CG1 . ILE A 1 4   ? 4.547   12.541  14.417  1.00 29.87 ? 4   ILE A CG1 1 
ATOM   32   C  CG2 . ILE A 1 4   ? 2.536   11.272  13.680  1.00 29.32 ? 4   ILE A CG2 1 
ATOM   33   C  CD1 . ILE A 1 4   ? 3.932   13.024  15.703  1.00 29.70 ? 4   ILE A CD1 1 
ATOM   34   N  N   . SER A 1 5   ? 2.597   8.381   15.033  1.00 25.37 ? 5   SER A N   1 
ATOM   35   C  CA  . SER A 1 5   ? 1.946   7.143   14.632  1.00 26.49 ? 5   SER A CA  1 
ATOM   36   C  C   . SER A 1 5   ? 0.493   7.465   14.365  1.00 27.33 ? 5   SER A C   1 
ATOM   37   O  O   . SER A 1 5   ? -0.239  7.846   15.283  1.00 27.20 ? 5   SER A O   1 
ATOM   38   C  CB  . SER A 1 5   ? 2.037   6.100   15.747  1.00 26.86 ? 5   SER A CB  1 
ATOM   39   O  OG  . SER A 1 5   ? 3.380   5.880   16.128  1.00 28.52 ? 5   SER A OG  1 
ATOM   40   N  N   . LYS A 1 6   ? 0.074   7.331   13.112  1.00 24.63 ? 6   LYS A N   1 
ATOM   41   C  CA  . LYS A 1 6   ? -1.306  7.621   12.755  1.00 26.29 ? 6   LYS A CA  1 
ATOM   42   C  C   . LYS A 1 6   ? -1.842  6.630   11.742  1.00 25.22 ? 6   LYS A C   1 
ATOM   43   O  O   . LYS A 1 6   ? -1.150  6.278   10.774  1.00 25.30 ? 6   LYS A O   1 
ATOM   44   C  CB  . LYS A 1 6   ? -1.431  9.047   12.207  1.00 27.26 ? 6   LYS A CB  1 
ATOM   45   C  CG  . LYS A 1 6   ? -1.098  10.115  13.234  1.00 33.53 ? 6   LYS A CG  1 
ATOM   46   C  CD  . LYS A 1 6   ? -1.867  11.413  12.981  1.00 37.78 ? 6   LYS A CD  1 
ATOM   47   C  CE  . LYS A 1 6   ? -1.277  12.230  11.839  1.00 38.86 ? 6   LYS A CE  1 
ATOM   48   N  NZ  . LYS A 1 6   ? -0.020  12.963  12.209  1.00 38.31 ? 6   LYS A NZ  1 
ATOM   49   N  N   . GLU A 1 7   ? -3.079  6.189   11.965  1.00 22.84 ? 7   GLU A N   1 
ATOM   50   C  CA  . GLU A 1 7   ? -3.728  5.226   11.086  1.00 25.07 ? 7   GLU A CA  1 
ATOM   51   C  C   . GLU A 1 7   ? -4.959  5.813   10.411  1.00 25.70 ? 7   GLU A C   1 
ATOM   52   O  O   . GLU A 1 7   ? -5.605  6.703   10.958  1.00 27.71 ? 7   GLU A O   1 
ATOM   53   C  CB  . GLU A 1 7   ? -4.160  3.991   11.882  1.00 27.97 ? 7   GLU A CB  1 
ATOM   54   C  CG  . GLU A 1 7   ? -3.024  3.199   12.517  1.00 29.96 ? 7   GLU A CG  1 
ATOM   55   C  CD  . GLU A 1 7   ? -3.511  1.934   13.215  1.00 34.65 ? 7   GLU A CD  1 
ATOM   56   O  OE1 . GLU A 1 7   ? -2.665  1.088   13.577  1.00 36.79 ? 7   GLU A OE1 1 
ATOM   57   O  OE2 . GLU A 1 7   ? -4.737  1.784   13.405  1.00 35.98 ? 7   GLU A OE2 1 
ATOM   58   N  N   . PHE A 1 8   ? -5.267  5.325   9.214   1.00 23.66 ? 8   PHE A N   1 
ATOM   59   C  CA  . PHE A 1 8   ? -6.465  5.743   8.499   1.00 22.90 ? 8   PHE A CA  1 
ATOM   60   C  C   . PHE A 1 8   ? -6.943  4.518   7.729   1.00 22.91 ? 8   PHE A C   1 
ATOM   61   O  O   . PHE A 1 8   ? -6.170  3.581   7.521   1.00 22.15 ? 8   PHE A O   1 
ATOM   62   C  CB  . PHE A 1 8   ? -6.186  6.931   7.566   1.00 22.37 ? 8   PHE A CB  1 
ATOM   63   C  CG  . PHE A 1 8   ? -5.189  6.650   6.469   1.00 21.63 ? 8   PHE A CG  1 
ATOM   64   C  CD1 . PHE A 1 8   ? -5.588  6.021   5.290   1.00 21.00 ? 8   PHE A CD1 1 
ATOM   65   C  CD2 . PHE A 1 8   ? -3.858  7.055   6.600   1.00 20.31 ? 8   PHE A CD2 1 
ATOM   66   C  CE1 . PHE A 1 8   ? -4.680  5.801   4.249   1.00 20.89 ? 8   PHE A CE1 1 
ATOM   67   C  CE2 . PHE A 1 8   ? -2.935  6.840   5.562   1.00 18.41 ? 8   PHE A CE2 1 
ATOM   68   C  CZ  . PHE A 1 8   ? -3.349  6.213   4.385   1.00 19.48 ? 8   PHE A CZ  1 
ATOM   69   N  N   . THR A 1 9   ? -8.215  4.497   7.337   1.00 24.30 ? 9   THR A N   1 
ATOM   70   C  CA  . THR A 1 9   ? -8.761  3.353   6.606   1.00 24.07 ? 9   THR A CA  1 
ATOM   71   C  C   . THR A 1 9   ? -9.232  3.739   5.211   1.00 25.55 ? 9   THR A C   1 
ATOM   72   O  O   . THR A 1 9   ? -9.575  4.888   4.952   1.00 26.15 ? 9   THR A O   1 
ATOM   73   C  CB  . THR A 1 9   ? -9.979  2.718   7.331   1.00 25.92 ? 9   THR A CB  1 
ATOM   74   O  OG1 . THR A 1 9   ? -11.030 3.686   7.427   1.00 24.40 ? 9   THR A OG1 1 
ATOM   75   C  CG2 . THR A 1 9   ? -9.608  2.246   8.725   1.00 25.56 ? 9   THR A CG2 1 
ATOM   76   N  N   . VAL A 1 10  ? -9.225  2.771   4.310   1.00 24.86 ? 10  VAL A N   1 
ATOM   77   C  CA  . VAL A 1 10  ? -9.693  2.990   2.958   1.00 27.62 ? 10  VAL A CA  1 
ATOM   78   C  C   . VAL A 1 10  ? -10.509 1.764   2.618   1.00 28.35 ? 10  VAL A C   1 
ATOM   79   O  O   . VAL A 1 10  ? -10.161 0.646   3.002   1.00 29.96 ? 10  VAL A O   1 
ATOM   80   C  CB  . VAL A 1 10  ? -8.539  3.143   1.938   1.00 28.81 ? 10  VAL A CB  1 
ATOM   81   C  CG1 . VAL A 1 10  ? -7.719  4.385   2.260   1.00 30.24 ? 10  VAL A CG1 1 
ATOM   82   C  CG2 . VAL A 1 10  ? -7.664  1.907   1.950   1.00 28.36 ? 10  VAL A CG2 1 
ATOM   83   N  N   . LYS A 1 11  ? -11.600 1.971   1.903   1.00 29.68 ? 11  LYS A N   1 
ATOM   84   C  CA  . LYS A 1 11  ? -12.465 0.873   1.537   1.00 30.77 ? 11  LYS A CA  1 
ATOM   85   C  C   . LYS A 1 11  ? -12.155 0.416   0.123   1.00 29.54 ? 11  LYS A C   1 
ATOM   86   O  O   . LYS A 1 11  ? -12.292 1.196   -0.819  1.00 29.08 ? 11  LYS A O   1 
ATOM   87   C  CB  . LYS A 1 11  ? -13.925 1.329   1.633   1.00 34.69 ? 11  LYS A CB  1 
ATOM   88   C  CG  . LYS A 1 11  ? -14.867 0.293   2.200   1.00 37.95 ? 11  LYS A CG  1 
ATOM   89   C  CD  . LYS A 1 11  ? -14.906 -0.951  1.346   1.00 41.29 ? 11  LYS A CD  1 
ATOM   90   C  CE  . LYS A 1 11  ? -15.729 -2.033  2.031   1.00 43.75 ? 11  LYS A CE  1 
ATOM   91   N  NZ  . LYS A 1 11  ? -15.133 -2.395  3.350   1.00 46.31 ? 11  LYS A NZ  1 
ATOM   92   N  N   . THR A 1 12  ? -11.725 -0.834  -0.040  1.00 27.30 ? 12  THR A N   1 
ATOM   93   C  CA  . THR A 1 12  ? -11.447 -1.323  -1.386  1.00 27.70 ? 12  THR A CA  1 
ATOM   94   C  C   . THR A 1 12  ? -12.767 -1.800  -1.985  1.00 28.54 ? 12  THR A C   1 
ATOM   95   O  O   . THR A 1 12  ? -13.623 -2.364  -1.302  1.00 28.50 ? 12  THR A O   1 
ATOM   96   C  CB  . THR A 1 12  ? -10.346 -2.407  -1.407  1.00 24.66 ? 12  THR A CB  1 
ATOM   97   O  OG1 . THR A 1 12  ? -10.788 -3.590  -0.741  1.00 23.46 ? 12  THR A OG1 1 
ATOM   98   C  CG2 . THR A 1 12  ? -9.095  -1.870  -0.693  1.00 25.46 ? 12  THR A CG2 1 
ATOM   99   N  N   . ARG A 1 13  ? -12.921 -1.551  -3.278  1.00 30.59 ? 13  ARG A N   1 
ATOM   100  C  CA  . ARG A 1 13  ? -14.166 -1.814  -3.979  1.00 32.03 ? 13  ARG A CA  1 
ATOM   101  C  C   . ARG A 1 13  ? -14.285 -3.076  -4.795  1.00 31.53 ? 13  ARG A C   1 
ATOM   102  O  O   . ARG A 1 13  ? -15.327 -3.310  -5.399  1.00 31.12 ? 13  ARG A O   1 
ATOM   103  C  CB  . ARG A 1 13  ? -14.440 -0.625  -4.897  1.00 35.56 ? 13  ARG A CB  1 
ATOM   104  C  CG  . ARG A 1 13  ? -14.146 0.718   -4.246  1.00 38.90 ? 13  ARG A CG  1 
ATOM   105  C  CD  . ARG A 1 13  ? -13.788 1.786   -5.274  1.00 41.50 ? 13  ARG A CD  1 
ATOM   106  N  NE  . ARG A 1 13  ? -12.458 1.599   -5.859  1.00 43.26 ? 13  ARG A NE  1 
ATOM   107  C  CZ  . ARG A 1 13  ? -11.871 2.485   -6.663  1.00 45.11 ? 13  ARG A CZ  1 
ATOM   108  N  NH1 . ARG A 1 13  ? -10.664 2.251   -7.160  1.00 43.00 ? 13  ARG A NH1 1 
ATOM   109  N  NH2 . ARG A 1 13  ? -12.498 3.617   -6.968  1.00 47.08 ? 13  ARG A NH2 1 
ATOM   110  N  N   . SER A 1 14  ? -13.241 -3.889  -4.820  1.00 30.14 ? 14  SER A N   1 
ATOM   111  C  CA  . SER A 1 14  ? -13.278 -5.099  -5.626  1.00 29.89 ? 14  SER A CA  1 
ATOM   112  C  C   . SER A 1 14  ? -12.260 -6.093  -5.086  1.00 28.11 ? 14  SER A C   1 
ATOM   113  O  O   . SER A 1 14  ? -11.529 -5.777  -4.148  1.00 27.55 ? 14  SER A O   1 
ATOM   114  C  CB  . SER A 1 14  ? -12.949 -4.725  -7.078  1.00 30.70 ? 14  SER A CB  1 
ATOM   115  O  OG  . SER A 1 14  ? -13.344 -5.739  -7.978  1.00 34.53 ? 14  SER A OG  1 
ATOM   116  N  N   . ARG A 1 15  ? -12.216 -7.296  -5.657  1.00 27.14 ? 15  ARG A N   1 
ATOM   117  C  CA  . ARG A 1 15  ? -11.238 -8.279  -5.203  1.00 26.44 ? 15  ARG A CA  1 
ATOM   118  C  C   . ARG A 1 15  ? -9.861  -7.675  -5.459  1.00 25.90 ? 15  ARG A C   1 
ATOM   119  O  O   . ARG A 1 15  ? -8.998  -7.660  -4.574  1.00 24.53 ? 15  ARG A O   1 
ATOM   120  C  CB  . ARG A 1 15  ? -11.373 -9.585  -5.973  1.00 26.56 ? 15  ARG A CB  1 
ATOM   121  C  CG  . ARG A 1 15  ? -10.504 -10.680 -5.422  1.00 28.69 ? 15  ARG A CG  1 
ATOM   122  C  CD  . ARG A 1 15  ? -10.567 -11.908 -6.296  1.00 34.19 ? 15  ARG A CD  1 
ATOM   123  N  NE  . ARG A 1 15  ? -10.258 -13.120 -5.548  1.00 37.29 ? 15  ARG A NE  1 
ATOM   124  C  CZ  . ARG A 1 15  ? -10.131 -14.320 -6.102  1.00 37.68 ? 15  ARG A CZ  1 
ATOM   125  N  NH1 . ARG A 1 15  ? -9.854  -15.374 -5.348  1.00 36.11 ? 15  ARG A NH1 1 
ATOM   126  N  NH2 . ARG A 1 15  ? -10.270 -14.459 -7.415  1.00 38.11 ? 15  ARG A NH2 1 
ATOM   127  N  N   . PHE A 1 16  ? -9.673  -7.185  -6.682  1.00 24.46 ? 16  PHE A N   1 
ATOM   128  C  CA  . PHE A 1 16  ? -8.429  -6.523  -7.094  1.00 25.10 ? 16  PHE A CA  1 
ATOM   129  C  C   . PHE A 1 16  ? -8.751  -5.043  -7.211  1.00 24.84 ? 16  PHE A C   1 
ATOM   130  O  O   . PHE A 1 16  ? -9.673  -4.657  -7.922  1.00 23.69 ? 16  PHE A O   1 
ATOM   131  C  CB  . PHE A 1 16  ? -7.958  -7.065  -8.442  1.00 26.88 ? 16  PHE A CB  1 
ATOM   132  C  CG  . PHE A 1 16  ? -7.343  -8.433  -8.356  1.00 29.11 ? 16  PHE A CG  1 
ATOM   133  C  CD1 . PHE A 1 16  ? -5.968  -8.581  -8.192  1.00 30.85 ? 16  PHE A CD1 1 
ATOM   134  C  CD2 . PHE A 1 16  ? -8.140  -9.571  -8.383  1.00 30.55 ? 16  PHE A CD2 1 
ATOM   135  C  CE1 . PHE A 1 16  ? -5.399  -9.849  -8.056  1.00 30.59 ? 16  PHE A CE1 1 
ATOM   136  C  CE2 . PHE A 1 16  ? -7.578  -10.842 -8.244  1.00 29.83 ? 16  PHE A CE2 1 
ATOM   137  C  CZ  . PHE A 1 16  ? -6.208  -10.977 -8.079  1.00 30.31 ? 16  PHE A CZ  1 
ATOM   138  N  N   . ASP A 1 17  ? -8.000  -4.209  -6.506  1.00 22.62 ? 17  ASP A N   1 
ATOM   139  C  CA  . ASP A 1 17  ? -8.261  -2.778  -6.538  1.00 22.37 ? 17  ASP A CA  1 
ATOM   140  C  C   . ASP A 1 17  ? -6.961  -2.030  -6.267  1.00 21.73 ? 17  ASP A C   1 
ATOM   141  O  O   . ASP A 1 17  ? -6.014  -2.585  -5.698  1.00 19.97 ? 17  ASP A O   1 
ATOM   142  C  CB  . ASP A 1 17  ? -9.299  -2.432  -5.468  1.00 24.36 ? 17  ASP A CB  1 
ATOM   143  C  CG  . ASP A 1 17  ? -10.000 -1.117  -5.726  1.00 25.69 ? 17  ASP A CG  1 
ATOM   144  O  OD1 . ASP A 1 17  ? -9.802  -0.530  -6.815  1.00 26.14 ? 17  ASP A OD1 1 
ATOM   145  O  OD2 . ASP A 1 17  ? -10.767 -0.682  -4.837  1.00 24.66 ? 17  ASP A OD2 1 
ATOM   146  N  N   . SER A 1 18  ? -6.910  -0.781  -6.700  1.00 19.98 ? 18  SER A N   1 
ATOM   147  C  CA  . SER A 1 18  ? -5.727  0.042   -6.485  1.00 20.93 ? 18  SER A CA  1 
ATOM   148  C  C   . SER A 1 18  ? -6.213  1.427   -6.086  1.00 21.43 ? 18  SER A C   1 
ATOM   149  O  O   . SER A 1 18  ? -7.045  2.031   -6.759  1.00 21.06 ? 18  SER A O   1 
ATOM   150  C  CB  . SER A 1 18  ? -4.857  0.087   -7.748  1.00 20.15 ? 18  SER A CB  1 
ATOM   151  O  OG  . SER A 1 18  ? -5.625  0.319   -8.913  1.00 22.81 ? 18  SER A OG  1 
ATOM   152  N  N   . ILE A 1 19  ? -5.699  1.921   -4.971  1.00 20.63 ? 19  ILE A N   1 
ATOM   153  C  CA  . ILE A 1 19  ? -6.131  3.212   -4.467  1.00 21.13 ? 19  ILE A CA  1 
ATOM   154  C  C   . ILE A 1 19  ? -4.976  4.142   -4.161  1.00 19.55 ? 19  ILE A C   1 
ATOM   155  O  O   . ILE A 1 19  ? -4.053  3.758   -3.450  1.00 17.71 ? 19  ILE A O   1 
ATOM   156  C  CB  . ILE A 1 19  ? -6.951  3.025   -3.173  1.00 22.30 ? 19  ILE A CB  1 
ATOM   157  C  CG1 . ILE A 1 19  ? -8.219  2.212   -3.476  1.00 25.55 ? 19  ILE A CG1 1 
ATOM   158  C  CG2 . ILE A 1 19  ? -7.287  4.384   -2.560  1.00 23.80 ? 19  ILE A CG2 1 
ATOM   159  C  CD1 . ILE A 1 19  ? -9.050  1.893   -2.241  1.00 28.57 ? 19  ILE A CD1 1 
ATOM   160  N  N   . ASP A 1 20  ? -5.053  5.365   -4.688  1.00 19.36 ? 20  ASP A N   1 
ATOM   161  C  CA  . ASP A 1 20  ? -4.036  6.386   -4.450  1.00 20.38 ? 20  ASP A CA  1 
ATOM   162  C  C   . ASP A 1 20  ? -4.306  6.931   -3.043  1.00 19.61 ? 20  ASP A C   1 
ATOM   163  O  O   . ASP A 1 20  ? -5.328  7.574   -2.816  1.00 19.40 ? 20  ASP A O   1 
ATOM   164  C  CB  . ASP A 1 20  ? -4.171  7.506   -5.487  1.00 20.96 ? 20  ASP A CB  1 
ATOM   165  C  CG  . ASP A 1 20  ? -3.050  8.530   -5.397  1.00 23.28 ? 20  ASP A CG  1 
ATOM   166  O  OD1 . ASP A 1 20  ? -2.473  8.700   -4.306  1.00 21.47 ? 20  ASP A OD1 1 
ATOM   167  O  OD2 . ASP A 1 20  ? -2.758  9.180   -6.423  1.00 21.73 ? 20  ASP A OD2 1 
ATOM   168  N  N   . ILE A 1 21  ? -3.402  6.672   -2.101  1.00 18.10 ? 21  ILE A N   1 
ATOM   169  C  CA  . ILE A 1 21  ? -3.602  7.126   -0.729  1.00 18.41 ? 21  ILE A CA  1 
ATOM   170  C  C   . ILE A 1 21  ? -2.674  8.260   -0.321  1.00 19.92 ? 21  ILE A C   1 
ATOM   171  O  O   . ILE A 1 21  ? -2.548  8.570   0.857   1.00 17.89 ? 21  ILE A O   1 
ATOM   172  C  CB  . ILE A 1 21  ? -3.431  5.951   0.279   1.00 18.85 ? 21  ILE A CB  1 
ATOM   173  C  CG1 . ILE A 1 21  ? -2.053  5.291   0.098   1.00 20.33 ? 21  ILE A CG1 1 
ATOM   174  C  CG2 . ILE A 1 21  ? -4.528  4.920   0.053   1.00 16.55 ? 21  ILE A CG2 1 
ATOM   175  C  CD1 . ILE A 1 21  ? -1.730  4.237   1.161   1.00 20.43 ? 21  ILE A CD1 1 
ATOM   176  N  N   . THR A 1 22  ? -2.034  8.886   -1.303  1.00 20.47 ? 22  THR A N   1 
ATOM   177  C  CA  . THR A 1 22  ? -1.095  9.972   -1.036  1.00 20.51 ? 22  THR A CA  1 
ATOM   178  C  C   . THR A 1 22  ? -1.639  11.086  -0.135  1.00 21.22 ? 22  THR A C   1 
ATOM   179  O  O   . THR A 1 22  ? -0.974  11.505  0.812   1.00 18.49 ? 22  THR A O   1 
ATOM   180  C  CB  . THR A 1 22  ? -0.625  10.622  -2.343  1.00 20.62 ? 22  THR A CB  1 
ATOM   181  O  OG1 . THR A 1 22  ? -0.281  9.602   -3.292  1.00 18.80 ? 22  THR A OG1 1 
ATOM   182  C  CG2 . THR A 1 22  ? 0.594   11.499  -2.086  1.00 21.76 ? 22  THR A CG2 1 
ATOM   183  N  N   . GLU A 1 23  ? -2.837  11.575  -0.428  1.00 22.84 ? 23  GLU A N   1 
ATOM   184  C  CA  . GLU A 1 23  ? -3.407  12.656  0.379   1.00 24.05 ? 23  GLU A CA  1 
ATOM   185  C  C   . GLU A 1 23  ? -3.571  12.272  1.848   1.00 22.95 ? 23  GLU A C   1 
ATOM   186  O  O   . GLU A 1 23  ? -3.257  13.071  2.746   1.00 22.93 ? 23  GLU A O   1 
ATOM   187  C  CB  . GLU A 1 23  ? -4.758  13.105  -0.200  1.00 27.43 ? 23  GLU A CB  1 
ATOM   188  C  CG  . GLU A 1 23  ? -4.696  13.510  -1.667  1.00 35.58 ? 23  GLU A CG  1 
ATOM   189  C  CD  . GLU A 1 23  ? -3.716  14.653  -1.924  1.00 41.95 ? 23  GLU A CD  1 
ATOM   190  O  OE1 . GLU A 1 23  ? -3.291  14.832  -3.092  1.00 44.66 ? 23  GLU A OE1 1 
ATOM   191  O  OE2 . GLU A 1 23  ? -3.379  15.381  -0.960  1.00 43.97 ? 23  GLU A OE2 1 
ATOM   192  N  N   . GLN A 1 24  ? -4.061  11.061  2.102   1.00 21.24 ? 24  GLN A N   1 
ATOM   193  C  CA  . GLN A 1 24  ? -4.248  10.606  3.477   1.00 22.06 ? 24  GLN A CA  1 
ATOM   194  C  C   . GLN A 1 24  ? -2.904  10.474  4.174   1.00 21.79 ? 24  GLN A C   1 
ATOM   195  O  O   . GLN A 1 24  ? -2.792  10.742  5.373   1.00 20.76 ? 24  GLN A O   1 
ATOM   196  C  CB  . GLN A 1 24  ? -4.982  9.257   3.528   1.00 22.73 ? 24  GLN A CB  1 
ATOM   197  C  CG  . GLN A 1 24  ? -6.385  9.272   2.920   1.00 25.71 ? 24  GLN A CG  1 
ATOM   198  C  CD  . GLN A 1 24  ? -6.398  8.818   1.467   1.00 29.72 ? 24  GLN A CD  1 
ATOM   199  O  OE1 . GLN A 1 24  ? -5.694  9.372   0.615   1.00 29.64 ? 24  GLN A OE1 1 
ATOM   200  N  NE2 . GLN A 1 24  ? -7.201  7.804   1.178   1.00 30.61 ? 24  GLN A NE2 1 
ATOM   201  N  N   . VAL A 1 25  ? -1.877  10.056  3.439   1.00 20.69 ? 25  VAL A N   1 
ATOM   202  C  CA  . VAL A 1 25  ? -0.567  9.946   4.062   1.00 18.76 ? 25  VAL A CA  1 
ATOM   203  C  C   . VAL A 1 25  ? 0.004   11.336  4.369   1.00 20.39 ? 25  VAL A C   1 
ATOM   204  O  O   . VAL A 1 25  ? 0.656   11.519  5.399   1.00 18.98 ? 25  VAL A O   1 
ATOM   205  C  CB  . VAL A 1 25  ? 0.451   9.159   3.186   1.00 17.50 ? 25  VAL A CB  1 
ATOM   206  C  CG1 . VAL A 1 25  ? 1.822   9.182   3.854   1.00 15.14 ? 25  VAL A CG1 1 
ATOM   207  C  CG2 . VAL A 1 25  ? 0.008   7.707   3.039   1.00 14.12 ? 25  VAL A CG2 1 
ATOM   208  N  N   . SER A 1 26  ? -0.234  12.318  3.497   1.00 20.11 ? 26  SER A N   1 
ATOM   209  C  CA  . SER A 1 26  ? 0.300   13.655  3.766   1.00 22.52 ? 26  SER A CA  1 
ATOM   210  C  C   . SER A 1 26  ? -0.307  14.226  5.046   1.00 22.33 ? 26  SER A C   1 
ATOM   211  O  O   . SER A 1 26  ? 0.348   14.972  5.772   1.00 22.19 ? 26  SER A O   1 
ATOM   212  C  CB  . SER A 1 26  ? 0.071   14.608  2.574   1.00 23.70 ? 26  SER A CB  1 
ATOM   213  O  OG  . SER A 1 26  ? -1.302  14.758  2.277   1.00 30.88 ? 26  SER A OG  1 
ATOM   214  N  N   . GLU A 1 27  ? -1.554  13.870  5.346   1.00 23.51 ? 27  GLU A N   1 
ATOM   215  C  CA  . GLU A 1 27  ? -2.182  14.349  6.577   1.00 23.56 ? 27  GLU A CA  1 
ATOM   216  C  C   . GLU A 1 27  ? -1.594  13.617  7.784   1.00 23.22 ? 27  GLU A C   1 
ATOM   217  O  O   . GLU A 1 27  ? -1.330  14.221  8.829   1.00 21.76 ? 27  GLU A O   1 
ATOM   218  C  CB  . GLU A 1 27  ? -3.701  14.113  6.542   1.00 27.11 ? 27  GLU A CB  1 
ATOM   219  C  CG  . GLU A 1 27  ? -4.419  14.939  5.509   1.00 30.81 ? 27  GLU A CG  1 
ATOM   220  C  CD  . GLU A 1 27  ? -4.345  16.425  5.803   1.00 35.98 ? 27  GLU A CD  1 
ATOM   221  O  OE1 . GLU A 1 27  ? -4.537  17.229  4.864   1.00 38.88 ? 27  GLU A OE1 1 
ATOM   222  O  OE2 . GLU A 1 27  ? -4.106  16.796  6.975   1.00 37.17 ? 27  GLU A OE2 1 
ATOM   223  N  N   . ALA A 1 28  ? -1.376  12.311  7.629   1.00 20.69 ? 28  ALA A N   1 
ATOM   224  C  CA  . ALA A 1 28  ? -0.849  11.493  8.712   1.00 20.50 ? 28  ALA A CA  1 
ATOM   225  C  C   . ALA A 1 28  ? 0.577   11.810  9.180   1.00 21.45 ? 28  ALA A C   1 
ATOM   226  O  O   . ALA A 1 28  ? 0.949   11.453  10.302  1.00 22.03 ? 28  ALA A O   1 
ATOM   227  C  CB  . ALA A 1 28  ? -0.964  10.010  8.339   1.00 19.48 ? 28  ALA A CB  1 
ATOM   228  N  N   . ILE A 1 29  ? 1.382   12.480  8.357   1.00 20.32 ? 29  ILE A N   1 
ATOM   229  C  CA  . ILE A 1 29  ? 2.749   12.793  8.776   1.00 20.51 ? 29  ILE A CA  1 
ATOM   230  C  C   . ILE A 1 29  ? 2.861   14.097  9.565   1.00 23.53 ? 29  ILE A C   1 
ATOM   231  O  O   . ILE A 1 29  ? 3.916   14.393  10.128  1.00 23.08 ? 29  ILE A O   1 
ATOM   232  C  CB  . ILE A 1 29  ? 3.722   12.889  7.562   1.00 20.37 ? 29  ILE A CB  1 
ATOM   233  C  CG1 . ILE A 1 29  ? 3.298   14.033  6.629   1.00 19.61 ? 29  ILE A CG1 1 
ATOM   234  C  CG2 . ILE A 1 29  ? 3.762   11.556  6.831   1.00 15.77 ? 29  ILE A CG2 1 
ATOM   235  C  CD1 . ILE A 1 29  ? 4.377   14.448  5.625   1.00 19.88 ? 29  ILE A CD1 1 
ATOM   236  N  N   . LYS A 1 30  ? 1.785   14.876  9.612   1.00 24.74 ? 30  LYS A N   1 
ATOM   237  C  CA  . LYS A 1 30  ? 1.831   16.147  10.325  1.00 26.34 ? 30  LYS A CA  1 
ATOM   238  C  C   . LYS A 1 30  ? 2.410   15.967  11.715  1.00 26.13 ? 30  LYS A C   1 
ATOM   239  O  O   . LYS A 1 30  ? 1.974   15.123  12.486  1.00 26.44 ? 30  LYS A O   1 
ATOM   240  C  CB  . LYS A 1 30  ? 0.441   16.788  10.386  1.00 29.02 ? 30  LYS A CB  1 
ATOM   241  C  CG  . LYS A 1 30  ? -0.045  17.271  9.011   1.00 31.97 ? 30  LYS A CG  1 
ATOM   242  C  CD  . LYS A 1 30  ? -1.235  18.205  9.127   1.00 35.33 ? 30  LYS A CD  1 
ATOM   243  C  CE  . LYS A 1 30  ? -1.949  18.378  7.794   1.00 36.99 ? 30  LYS A CE  1 
ATOM   244  N  NZ  . LYS A 1 30  ? -1.058  18.864  6.715   1.00 37.90 ? 30  LYS A NZ  1 
ATOM   245  N  N   . GLY A 1 31  ? 3.422   16.763  12.015  1.00 26.55 ? 31  GLY A N   1 
ATOM   246  C  CA  . GLY A 1 31  ? 4.081   16.664  13.303  1.00 28.27 ? 31  GLY A CA  1 
ATOM   247  C  C   . GLY A 1 31  ? 5.563   16.475  13.048  1.00 27.98 ? 31  GLY A C   1 
ATOM   248  O  O   . GLY A 1 31  ? 6.396   16.857  13.865  1.00 30.10 ? 31  GLY A O   1 
ATOM   249  N  N   . ILE A 1 32  ? 5.888   15.875  11.904  1.00 26.57 ? 32  ILE A N   1 
ATOM   250  C  CA  . ILE A 1 32  ? 7.276   15.650  11.518  1.00 24.66 ? 32  ILE A CA  1 
ATOM   251  C  C   . ILE A 1 32  ? 7.654   16.640  10.411  1.00 25.38 ? 32  ILE A C   1 
ATOM   252  O  O   . ILE A 1 32  ? 6.934   16.788  9.424   1.00 23.12 ? 32  ILE A O   1 
ATOM   253  C  CB  . ILE A 1 32  ? 7.484   14.208  10.992  1.00 24.59 ? 32  ILE A CB  1 
ATOM   254  C  CG1 . ILE A 1 32  ? 7.226   13.195  12.118  1.00 26.18 ? 32  ILE A CG1 1 
ATOM   255  C  CG2 . ILE A 1 32  ? 8.884   14.064  10.407  1.00 21.77 ? 32  ILE A CG2 1 
ATOM   256  C  CD1 . ILE A 1 32  ? 8.210   13.270  13.277  1.00 28.17 ? 32  ILE A CD1 1 
ATOM   257  N  N   . ASN A 1 33  ? 8.786   17.313  10.588  1.00 25.82 ? 33  ASN A N   1 
ATOM   258  C  CA  . ASN A 1 33  ? 9.275   18.292  9.626   1.00 27.53 ? 33  ASN A CA  1 
ATOM   259  C  C   . ASN A 1 33  ? 10.308  17.728  8.649   1.00 26.12 ? 33  ASN A C   1 
ATOM   260  O  O   . ASN A 1 33  ? 10.280  18.032  7.456   1.00 25.59 ? 33  ASN A O   1 
ATOM   261  C  CB  . ASN A 1 33  ? 9.873   19.494  10.382  1.00 32.05 ? 33  ASN A CB  1 
ATOM   262  C  CG  . ASN A 1 33  ? 10.757  20.359  9.500   1.00 37.70 ? 33  ASN A CG  1 
ATOM   263  O  OD1 . ASN A 1 33  ? 11.944  20.070  9.309   1.00 39.92 ? 33  ASN A OD1 1 
ATOM   264  N  ND2 . ASN A 1 33  ? 10.177  21.419  8.943   1.00 40.49 ? 33  ASN A ND2 1 
ATOM   265  N  N   . ASN A 1 34  ? 11.221  16.910  9.159   1.00 26.01 ? 34  ASN A N   1 
ATOM   266  C  CA  . ASN A 1 34  ? 12.269  16.313  8.337   1.00 24.93 ? 34  ASN A CA  1 
ATOM   267  C  C   . ASN A 1 34  ? 12.470  14.899  8.855   1.00 24.91 ? 34  ASN A C   1 
ATOM   268  O  O   . ASN A 1 34  ? 12.711  14.698  10.046  1.00 23.86 ? 34  ASN A O   1 
ATOM   269  C  CB  . ASN A 1 34  ? 13.566  17.116  8.489   1.00 27.82 ? 34  ASN A CB  1 
ATOM   270  C  CG  . ASN A 1 34  ? 14.738  16.525  7.704   1.00 29.84 ? 34  ASN A CG  1 
ATOM   271  O  OD1 . ASN A 1 34  ? 15.898  16.801  8.017   1.00 33.69 ? 34  ASN A OD1 1 
ATOM   272  N  ND2 . ASN A 1 34  ? 14.445  15.735  6.679   1.00 30.94 ? 34  ASN A ND2 1 
ATOM   273  N  N   . GLY A 1 35  ? 12.370  13.914  7.970   1.00 22.71 ? 35  GLY A N   1 
ATOM   274  C  CA  . GLY A 1 35  ? 12.549  12.549  8.429   1.00 22.10 ? 35  GLY A CA  1 
ATOM   275  C  C   . GLY A 1 35  ? 12.059  11.493  7.472   1.00 20.18 ? 35  GLY A C   1 
ATOM   276  O  O   . GLY A 1 35  ? 12.148  11.662  6.257   1.00 19.50 ? 35  GLY A O   1 
ATOM   277  N  N   . ILE A 1 36  ? 11.521  10.408  8.026   1.00 20.04 ? 36  ILE A N   1 
ATOM   278  C  CA  . ILE A 1 36  ? 11.050  9.292   7.213   1.00 18.09 ? 36  ILE A CA  1 
ATOM   279  C  C   . ILE A 1 36  ? 9.650   8.839   7.620   1.00 17.41 ? 36  ILE A C   1 
ATOM   280  O  O   . ILE A 1 36  ? 9.335   8.737   8.799   1.00 17.48 ? 36  ILE A O   1 
ATOM   281  C  CB  . ILE A 1 36  ? 12.015  8.075   7.346   1.00 19.67 ? 36  ILE A CB  1 
ATOM   282  C  CG1 . ILE A 1 36  ? 13.372  8.402   6.709   1.00 19.83 ? 36  ILE A CG1 1 
ATOM   283  C  CG2 . ILE A 1 36  ? 11.408  6.840   6.695   1.00 21.80 ? 36  ILE A CG2 1 
ATOM   284  C  CD1 . ILE A 1 36  ? 13.299  8.632   5.207   1.00 23.65 ? 36  ILE A CD1 1 
ATOM   285  N  N   . ALA A 1 37  ? 8.817   8.600   6.619   1.00 14.98 ? 37  ALA A N   1 
ATOM   286  C  CA  . ALA A 1 37  ? 7.470   8.110   6.834   1.00 16.48 ? 37  ALA A CA  1 
ATOM   287  C  C   . ALA A 1 37  ? 7.474   6.655   6.395   1.00 15.88 ? 37  ALA A C   1 
ATOM   288  O  O   . ALA A 1 37  ? 7.878   6.339   5.270   1.00 17.05 ? 37  ALA A O   1 
ATOM   289  C  CB  . ALA A 1 37  ? 6.477   8.899   5.983   1.00 17.31 ? 37  ALA A CB  1 
ATOM   290  N  N   . HIS A 1 38  ? 7.072   5.768   7.291   1.00 14.89 ? 38  HIS A N   1 
ATOM   291  C  CA  . HIS A 1 38  ? 6.973   4.357   6.946   1.00 17.14 ? 38  HIS A CA  1 
ATOM   292  C  C   . HIS A 1 38  ? 5.484   4.119   6.742   1.00 16.19 ? 38  HIS A C   1 
ATOM   293  O  O   . HIS A 1 38  ? 4.713   4.221   7.691   1.00 15.89 ? 38  HIS A O   1 
ATOM   294  C  CB  . HIS A 1 38  ? 7.472   3.485   8.094   1.00 18.80 ? 38  HIS A CB  1 
ATOM   295  C  CG  . HIS A 1 38  ? 8.937   3.617   8.354   1.00 22.01 ? 38  HIS A CG  1 
ATOM   296  N  ND1 . HIS A 1 38  ? 9.879   2.865   7.687   1.00 24.18 ? 38  HIS A ND1 1 
ATOM   297  C  CD2 . HIS A 1 38  ? 9.626   4.435   9.185   1.00 21.13 ? 38  HIS A CD2 1 
ATOM   298  C  CE1 . HIS A 1 38  ? 11.087  3.214   8.095   1.00 23.62 ? 38  HIS A CE1 1 
ATOM   299  N  NE2 . HIS A 1 38  ? 10.960  4.164   9.006   1.00 20.36 ? 38  HIS A NE2 1 
ATOM   300  N  N   . VAL A 1 39  ? 5.084   3.831   5.508   1.00 15.43 ? 39  VAL A N   1 
ATOM   301  C  CA  . VAL A 1 39  ? 3.677   3.582   5.185   1.00 15.95 ? 39  VAL A CA  1 
ATOM   302  C  C   . VAL A 1 39  ? 3.542   2.071   5.274   1.00 16.79 ? 39  VAL A C   1 
ATOM   303  O  O   . VAL A 1 39  ? 4.096   1.328   4.449   1.00 16.10 ? 39  VAL A O   1 
ATOM   304  C  CB  . VAL A 1 39  ? 3.343   4.079   3.774   1.00 15.74 ? 39  VAL A CB  1 
ATOM   305  C  CG1 . VAL A 1 39  ? 1.870   3.827   3.446   1.00 14.86 ? 39  VAL A CG1 1 
ATOM   306  C  CG2 . VAL A 1 39  ? 3.653   5.578   3.690   1.00 16.41 ? 39  VAL A CG2 1 
ATOM   307  N  N   . ILE A 1 40  ? 2.807   1.636   6.291   1.00 15.25 ? 40  ILE A N   1 
ATOM   308  C  CA  . ILE A 1 40  ? 2.663   0.217   6.605   1.00 17.52 ? 40  ILE A CA  1 
ATOM   309  C  C   . ILE A 1 40  ? 1.245   -0.320  6.696   1.00 18.84 ? 40  ILE A C   1 
ATOM   310  O  O   . ILE A 1 40  ? 0.355   0.362   7.189   1.00 20.90 ? 40  ILE A O   1 
ATOM   311  C  CB  . ILE A 1 40  ? 3.329   -0.051  7.995   1.00 17.36 ? 40  ILE A CB  1 
ATOM   312  C  CG1 . ILE A 1 40  ? 4.808   0.318   7.940   1.00 16.23 ? 40  ILE A CG1 1 
ATOM   313  C  CG2 . ILE A 1 40  ? 3.119   -1.510  8.446   1.00 18.01 ? 40  ILE A CG2 1 
ATOM   314  C  CD1 . ILE A 1 40  ? 5.351   0.752   9.284   1.00 18.04 ? 40  ILE A CD1 1 
ATOM   315  N  N   . VAL A 1 41  ? 1.018   -1.536  6.208   1.00 19.06 ? 41  VAL A N   1 
ATOM   316  C  CA  . VAL A 1 41  ? -0.298  -2.133  6.424   1.00 19.83 ? 41  VAL A CA  1 
ATOM   317  C  C   . VAL A 1 41  ? -0.006  -3.349  7.285   1.00 20.55 ? 41  VAL A C   1 
ATOM   318  O  O   . VAL A 1 41  ? 0.996   -4.036  7.078   1.00 21.36 ? 41  VAL A O   1 
ATOM   319  C  CB  . VAL A 1 41  ? -1.027  -2.580  5.130   1.00 19.90 ? 41  VAL A CB  1 
ATOM   320  C  CG1 . VAL A 1 41  ? -1.514  -1.351  4.369   1.00 15.50 ? 41  VAL A CG1 1 
ATOM   321  C  CG2 . VAL A 1 41  ? -0.116  -3.483  4.266   1.00 20.50 ? 41  VAL A CG2 1 
ATOM   322  N  N   . LYS A 1 42  ? -0.849  -3.598  8.276   1.00 19.99 ? 42  LYS A N   1 
ATOM   323  C  CA  . LYS A 1 42  ? -0.650  -4.757  9.127   1.00 22.25 ? 42  LYS A CA  1 
ATOM   324  C  C   . LYS A 1 42  ? -1.459  -5.903  8.547   1.00 23.24 ? 42  LYS A C   1 
ATOM   325  O  O   . LYS A 1 42  ? -1.851  -6.827  9.260   1.00 26.01 ? 42  LYS A O   1 
ATOM   326  C  CB  . LYS A 1 42  ? -1.102  -4.466  10.559  1.00 22.69 ? 42  LYS A CB  1 
ATOM   327  C  CG  . LYS A 1 42  ? -0.379  -3.311  11.228  1.00 25.86 ? 42  LYS A CG  1 
ATOM   328  C  CD  . LYS A 1 42  ? -0.921  -3.112  12.639  1.00 30.65 ? 42  LYS A CD  1 
ATOM   329  C  CE  . LYS A 1 42  ? -0.479  -1.806  13.244  1.00 33.33 ? 42  LYS A CE  1 
ATOM   330  N  NZ  . LYS A 1 42  ? -1.066  -1.639  14.613  1.00 36.47 ? 42  LYS A NZ  1 
ATOM   331  N  N   . HIS A 1 43  ? -1.698  -5.831  7.239   1.00 22.06 ? 43  HIS A N   1 
ATOM   332  C  CA  . HIS A 1 43  ? -2.454  -6.849  6.511   1.00 20.67 ? 43  HIS A CA  1 
ATOM   333  C  C   . HIS A 1 43  ? -1.492  -7.777  5.774   1.00 20.51 ? 43  HIS A C   1 
ATOM   334  O  O   . HIS A 1 43  ? -0.344  -7.408  5.532   1.00 19.21 ? 43  HIS A O   1 
ATOM   335  C  CB  . HIS A 1 43  ? -3.370  -6.179  5.492   1.00 21.76 ? 43  HIS A CB  1 
ATOM   336  C  CG  . HIS A 1 43  ? -4.408  -5.299  6.104   1.00 23.74 ? 43  HIS A CG  1 
ATOM   337  N  ND1 . HIS A 1 43  ? -5.365  -5.777  6.972   1.00 24.18 ? 43  HIS A ND1 1 
ATOM   338  C  CD2 . HIS A 1 43  ? -4.660  -3.976  5.953   1.00 24.68 ? 43  HIS A CD2 1 
ATOM   339  C  CE1 . HIS A 1 43  ? -6.166  -4.786  7.330   1.00 25.00 ? 43  HIS A CE1 1 
ATOM   340  N  NE2 . HIS A 1 43  ? -5.759  -3.683  6.726   1.00 25.82 ? 43  HIS A NE2 1 
ATOM   341  N  N   . THR A 1 44  ? -1.964  -8.963  5.398   1.00 17.73 ? 44  THR A N   1 
ATOM   342  C  CA  . THR A 1 44  ? -1.117  -9.907  4.687   1.00 18.22 ? 44  THR A CA  1 
ATOM   343  C  C   . THR A 1 44  ? -1.580  -10.124 3.257   1.00 17.81 ? 44  THR A C   1 
ATOM   344  O  O   . THR A 1 44  ? -0.934  -10.846 2.507   1.00 17.43 ? 44  THR A O   1 
ATOM   345  C  CB  . THR A 1 44  ? -1.087  -11.292 5.379   1.00 18.19 ? 44  THR A CB  1 
ATOM   346  O  OG1 . THR A 1 44  ? -2.407  -11.845 5.381   1.00 21.59 ? 44  THR A OG1 1 
ATOM   347  C  CG2 . THR A 1 44  ? -0.591  -11.181 6.808   1.00 16.70 ? 44  THR A CG2 1 
ATOM   348  N  N   . THR A 1 45  ? -2.702  -9.524  2.869   1.00 19.84 ? 45  THR A N   1 
ATOM   349  C  CA  . THR A 1 45  ? -3.192  -9.735  1.509   1.00 19.32 ? 45  THR A CA  1 
ATOM   350  C  C   . THR A 1 45  ? -3.350  -8.493  0.661   1.00 20.30 ? 45  THR A C   1 
ATOM   351  O  O   . THR A 1 45  ? -4.046  -8.507  -0.354  1.00 20.00 ? 45  THR A O   1 
ATOM   352  C  CB  . THR A 1 45  ? -4.524  -10.504 1.497   1.00 20.64 ? 45  THR A CB  1 
ATOM   353  O  OG1 . THR A 1 45  ? -5.436  -9.875  2.398   1.00 17.77 ? 45  THR A OG1 1 
ATOM   354  C  CG2 . THR A 1 45  ? -4.299  -11.964 1.893   1.00 21.19 ? 45  THR A CG2 1 
ATOM   355  N  N   . CYS A 1 46  ? -2.732  -7.407  1.090   1.00 19.46 ? 46  CYS A N   1 
ATOM   356  C  CA  . CYS A 1 46  ? -2.734  -6.188  0.287   1.00 21.81 ? 46  CYS A CA  1 
ATOM   357  C  C   . CYS A 1 46  ? -1.310  -5.650  0.465   1.00 20.06 ? 46  CYS A C   1 
ATOM   358  O  O   . CYS A 1 46  ? -0.621  -6.050  1.408   1.00 20.50 ? 46  CYS A O   1 
ATOM   359  C  CB  . CYS A 1 46  ? -3.832  -5.196  0.743   1.00 20.39 ? 46  CYS A CB  1 
ATOM   360  S  SG  . CYS A 1 46  ? -3.714  -4.503  2.395   1.00 22.96 ? 46  CYS A SG  1 
ATOM   361  N  N   . ALA A 1 47  ? -0.846  -4.808  -0.452  1.00 20.05 ? 47  ALA A N   1 
ATOM   362  C  CA  . ALA A 1 47  ? 0.506   -4.277  -0.362  1.00 18.46 ? 47  ALA A CA  1 
ATOM   363  C  C   . ALA A 1 47  ? 0.576   -2.788  -0.670  1.00 18.95 ? 47  ALA A C   1 
ATOM   364  O  O   . ALA A 1 47  ? -0.410  -2.187  -1.115  1.00 16.65 ? 47  ALA A O   1 
ATOM   365  C  CB  . ALA A 1 47  ? 1.417   -5.042  -1.305  1.00 19.79 ? 47  ALA A CB  1 
ATOM   366  N  N   . ILE A 1 48  ? 1.748   -2.202  -0.422  1.00 15.77 ? 48  ILE A N   1 
ATOM   367  C  CA  . ILE A 1 48  ? 1.985   -0.774  -0.653  1.00 16.78 ? 48  ILE A CA  1 
ATOM   368  C  C   . ILE A 1 48  ? 3.123   -0.620  -1.657  1.00 16.32 ? 48  ILE A C   1 
ATOM   369  O  O   . ILE A 1 48  ? 4.136   -1.311  -1.561  1.00 15.30 ? 48  ILE A O   1 
ATOM   370  C  CB  . ILE A 1 48  ? 2.417   -0.031  0.666   1.00 17.38 ? 48  ILE A CB  1 
ATOM   371  C  CG1 . ILE A 1 48  ? 1.288   -0.057  1.711   1.00 17.34 ? 48  ILE A CG1 1 
ATOM   372  C  CG2 . ILE A 1 48  ? 2.816   1.414   0.358   1.00 14.99 ? 48  ILE A CG2 1 
ATOM   373  C  CD1 . ILE A 1 48  ? 0.019   0.708   1.316   1.00 14.33 ? 48  ILE A CD1 1 
ATOM   374  N  N   . ILE A 1 49  ? 2.941   0.260   -2.635  1.00 16.22 ? 49  ILE A N   1 
ATOM   375  C  CA  . ILE A 1 49  ? 3.974   0.535   -3.627  1.00 13.53 ? 49  ILE A CA  1 
ATOM   376  C  C   . ILE A 1 49  ? 3.995   2.042   -3.786  1.00 15.92 ? 49  ILE A C   1 
ATOM   377  O  O   . ILE A 1 49  ? 3.024   2.705   -3.412  1.00 16.09 ? 49  ILE A O   1 
ATOM   378  C  CB  . ILE A 1 49  ? 3.664   -0.043  -5.048  1.00 14.32 ? 49  ILE A CB  1 
ATOM   379  C  CG1 . ILE A 1 49  ? 2.415   0.637   -5.636  1.00 12.39 ? 49  ILE A CG1 1 
ATOM   380  C  CG2 . ILE A 1 49  ? 3.475   -1.554  -4.995  1.00 13.27 ? 49  ILE A CG2 1 
ATOM   381  C  CD1 . ILE A 1 49  ? 2.104   0.218   -7.064  1.00 15.19 ? 49  ILE A CD1 1 
ATOM   382  N  N   . ILE A 1 50  ? 5.107   2.576   -4.294  1.00 15.77 ? 50  ILE A N   1 
ATOM   383  C  CA  . ILE A 1 50  ? 5.222   4.006   -4.580  1.00 16.81 ? 50  ILE A CA  1 
ATOM   384  C  C   . ILE A 1 50  ? 5.429   4.061   -6.089  1.00 17.35 ? 50  ILE A C   1 
ATOM   385  O  O   . ILE A 1 50  ? 6.476   3.644   -6.582  1.00 17.97 ? 50  ILE A O   1 
ATOM   386  C  CB  . ILE A 1 50  ? 6.459   4.677   -3.929  1.00 16.36 ? 50  ILE A CB  1 
ATOM   387  C  CG1 . ILE A 1 50  ? 6.499   4.411   -2.427  1.00 15.75 ? 50  ILE A CG1 1 
ATOM   388  C  CG2 . ILE A 1 50  ? 6.425   6.200   -4.190  1.00 15.20 ? 50  ILE A CG2 1 
ATOM   389  C  CD1 . ILE A 1 50  ? 5.254   4.847   -1.683  1.00 17.66 ? 50  ILE A CD1 1 
ATOM   390  N  N   . ASN A 1 51  ? 4.437   4.549   -6.829  1.00 17.60 ? 51  ASN A N   1 
ATOM   391  C  CA  . ASN A 1 51  ? 4.586   4.637   -8.270  1.00 17.22 ? 51  ASN A CA  1 
ATOM   392  C  C   . ASN A 1 51  ? 3.614   5.624   -8.912  1.00 17.68 ? 51  ASN A C   1 
ATOM   393  O  O   . ASN A 1 51  ? 2.999   6.425   -8.222  1.00 18.36 ? 51  ASN A O   1 
ATOM   394  C  CB  . ASN A 1 51  ? 4.451   3.244   -8.890  1.00 16.30 ? 51  ASN A CB  1 
ATOM   395  C  CG  . ASN A 1 51  ? 5.391   3.049   -10.063 1.00 18.05 ? 51  ASN A CG  1 
ATOM   396  O  OD1 . ASN A 1 51  ? 5.069   3.410   -11.192 1.00 18.57 ? 51  ASN A OD1 1 
ATOM   397  N  ND2 . ASN A 1 51  ? 6.578   2.500   -9.795  1.00 16.49 ? 51  ASN A ND2 1 
ATOM   398  N  N   . GLU A 1 52  ? 3.464   5.572   -10.231 1.00 18.60 ? 52  GLU A N   1 
ATOM   399  C  CA  . GLU A 1 52  ? 2.579   6.529   -10.890 1.00 20.39 ? 52  GLU A CA  1 
ATOM   400  C  C   . GLU A 1 52  ? 1.130   6.059   -10.886 1.00 20.22 ? 52  GLU A C   1 
ATOM   401  O  O   . GLU A 1 52  ? 0.832   4.916   -11.235 1.00 21.68 ? 52  GLU A O   1 
ATOM   402  C  CB  . GLU A 1 52  ? 3.055   6.803   -12.323 1.00 22.28 ? 52  GLU A CB  1 
ATOM   403  C  CG  . GLU A 1 52  ? 2.274   7.916   -13.019 1.00 24.60 ? 52  GLU A CG  1 
ATOM   404  C  CD  . GLU A 1 52  ? 2.746   8.192   -14.440 1.00 27.21 ? 52  GLU A CD  1 
ATOM   405  O  OE1 . GLU A 1 52  ? 2.074   8.974   -15.145 1.00 27.01 ? 52  GLU A OE1 1 
ATOM   406  O  OE2 . GLU A 1 52  ? 3.787   7.640   -14.853 1.00 30.09 ? 52  GLU A OE2 1 
ATOM   407  N  N   . ALA A 1 53  ? 0.229   6.942   -10.479 1.00 20.38 ? 53  ALA A N   1 
ATOM   408  C  CA  . ALA A 1 53  ? -1.176  6.587   -10.420 1.00 21.97 ? 53  ALA A CA  1 
ATOM   409  C  C   . ALA A 1 53  ? -1.916  6.946   -11.707 1.00 25.38 ? 53  ALA A C   1 
ATOM   410  O  O   . ALA A 1 53  ? -3.046  7.430   -11.662 1.00 26.44 ? 53  ALA A O   1 
ATOM   411  C  CB  . ALA A 1 53  ? -1.832  7.272   -9.234  1.00 20.59 ? 53  ALA A CB  1 
ATOM   412  N  N   . GLU A 1 54  ? -1.285  6.729   -12.855 1.00 26.79 ? 54  GLU A N   1 
ATOM   413  C  CA  . GLU A 1 54  ? -1.966  7.021   -14.107 1.00 27.67 ? 54  GLU A CA  1 
ATOM   414  C  C   . GLU A 1 54  ? -3.088  5.987   -14.254 1.00 27.90 ? 54  GLU A C   1 
ATOM   415  O  O   . GLU A 1 54  ? -2.945  4.832   -13.840 1.00 26.69 ? 54  GLU A O   1 
ATOM   416  C  CB  . GLU A 1 54  ? -0.999  6.940   -15.290 1.00 26.31 ? 54  GLU A CB  1 
ATOM   417  C  CG  . GLU A 1 54  ? -1.655  7.297   -16.623 1.00 28.14 ? 54  GLU A CG  1 
ATOM   418  C  CD  . GLU A 1 54  ? -2.166  6.080   -17.368 1.00 29.15 ? 54  GLU A CD  1 
ATOM   419  O  OE1 . GLU A 1 54  ? -3.214  6.190   -18.045 1.00 29.96 ? 54  GLU A OE1 1 
ATOM   420  O  OE2 . GLU A 1 54  ? -1.507  5.017   -17.290 1.00 26.89 ? 54  GLU A OE2 1 
ATOM   421  N  N   . SER A 1 55  ? -4.209  6.405   -14.833 1.00 28.26 ? 55  SER A N   1 
ATOM   422  C  CA  . SER A 1 55  ? -5.357  5.522   -15.002 1.00 28.91 ? 55  SER A CA  1 
ATOM   423  C  C   . SER A 1 55  ? -5.072  4.112   -15.527 1.00 28.24 ? 55  SER A C   1 
ATOM   424  O  O   . SER A 1 55  ? -5.489  3.125   -14.915 1.00 27.56 ? 55  SER A O   1 
ATOM   425  C  CB  . SER A 1 55  ? -6.395  6.181   -15.910 1.00 31.85 ? 55  SER A CB  1 
ATOM   426  O  OG  . SER A 1 55  ? -7.458  5.281   -16.137 1.00 36.99 ? 55  SER A OG  1 
ATOM   427  N  N   . GLY A 1 56  ? -4.378  4.015   -16.658 1.00 27.52 ? 56  GLY A N   1 
ATOM   428  C  CA  . GLY A 1 56  ? -4.085  2.712   -17.228 1.00 26.30 ? 56  GLY A CA  1 
ATOM   429  C  C   . GLY A 1 56  ? -3.186  1.870   -16.342 1.00 27.16 ? 56  GLY A C   1 
ATOM   430  O  O   . GLY A 1 56  ? -3.428  0.679   -16.122 1.00 25.87 ? 56  GLY A O   1 
ATOM   431  N  N   . LEU A 1 57  ? -2.145  2.512   -15.819 1.00 26.16 ? 57  LEU A N   1 
ATOM   432  C  CA  . LEU A 1 57  ? -1.175  1.856   -14.956 1.00 27.02 ? 57  LEU A CA  1 
ATOM   433  C  C   . LEU A 1 57  ? -1.854  1.312   -13.690 1.00 25.71 ? 57  LEU A C   1 
ATOM   434  O  O   . LEU A 1 57  ? -1.504  0.245   -13.199 1.00 27.28 ? 57  LEU A O   1 
ATOM   435  C  CB  . LEU A 1 57  ? -0.079  2.867   -14.613 1.00 27.07 ? 57  LEU A CB  1 
ATOM   436  C  CG  . LEU A 1 57  ? 1.356   2.423   -14.366 1.00 28.97 ? 57  LEU A CG  1 
ATOM   437  C  CD1 . LEU A 1 57  ? 1.857   1.531   -15.498 1.00 27.39 ? 57  LEU A CD1 1 
ATOM   438  C  CD2 . LEU A 1 57  ? 2.223   3.677   -14.232 1.00 27.54 ? 57  LEU A CD2 1 
HETATM 439  N  N   . MSE A 1 58  ? -2.842  2.033   -13.172 1.00 27.28 ? 58  MSE A N   1 
HETATM 440  C  CA  . MSE A 1 58  ? -3.538  1.573   -11.977 1.00 27.60 ? 58  MSE A CA  1 
HETATM 441  C  C   . MSE A 1 58  ? -4.191  0.219   -12.256 1.00 29.18 ? 58  MSE A C   1 
HETATM 442  O  O   . MSE A 1 58  ? -4.384  -0.581  -11.343 1.00 29.58 ? 58  MSE A O   1 
HETATM 443  C  CB  . MSE A 1 58  ? -4.570  2.610   -11.532 1.00 26.92 ? 58  MSE A CB  1 
HETATM 444  C  CG  . MSE A 1 58  ? -3.946  3.850   -10.912 1.00 26.27 ? 58  MSE A CG  1 
HETATM 445  SE SE  . MSE A 1 58  ? -2.991  3.433   -9.243  1.00 32.57 ? 58  MSE A SE  1 
HETATM 446  C  CE  . MSE A 1 58  ? -4.486  3.757   -8.036  1.00 24.47 ? 58  MSE A CE  1 
ATOM   447  N  N   . LYS A 1 59  ? -4.515  -0.040  -13.523 1.00 28.04 ? 59  LYS A N   1 
ATOM   448  C  CA  . LYS A 1 59  ? -5.093  -1.321  -13.913 1.00 28.47 ? 59  LYS A CA  1 
ATOM   449  C  C   . LYS A 1 59  ? -3.953  -2.331  -14.129 1.00 26.48 ? 59  LYS A C   1 
ATOM   450  O  O   . LYS A 1 59  ? -4.032  -3.476  -13.687 1.00 25.95 ? 59  LYS A O   1 
ATOM   451  C  CB  . LYS A 1 59  ? -5.892  -1.192  -15.216 1.00 29.46 ? 59  LYS A CB  1 
ATOM   452  C  CG  . LYS A 1 59  ? -7.183  -0.393  -15.131 1.00 34.15 ? 59  LYS A CG  1 
ATOM   453  C  CD  . LYS A 1 59  ? -7.888  -0.462  -16.480 1.00 35.77 ? 59  LYS A CD  1 
ATOM   454  C  CE  . LYS A 1 59  ? -9.225  0.254   -16.494 1.00 39.97 ? 59  LYS A CE  1 
ATOM   455  N  NZ  . LYS A 1 59  ? -9.080  1.729   -16.561 1.00 42.51 ? 59  LYS A NZ  1 
ATOM   456  N  N   . ASP A 1 60  ? -2.904  -1.894  -14.826 1.00 25.31 ? 60  ASP A N   1 
ATOM   457  C  CA  . ASP A 1 60  ? -1.733  -2.731  -15.108 1.00 25.09 ? 60  ASP A CA  1 
ATOM   458  C  C   . ASP A 1 60  ? -1.132  -3.404  -13.862 1.00 23.66 ? 60  ASP A C   1 
ATOM   459  O  O   . ASP A 1 60  ? -0.778  -4.585  -13.905 1.00 23.78 ? 60  ASP A O   1 
ATOM   460  C  CB  . ASP A 1 60  ? -0.632  -1.894  -15.779 1.00 25.26 ? 60  ASP A CB  1 
ATOM   461  C  CG  . ASP A 1 60  ? -0.992  -1.458  -17.193 1.00 28.25 ? 60  ASP A CG  1 
ATOM   462  O  OD1 . ASP A 1 60  ? -0.431  -0.435  -17.659 1.00 26.67 ? 60  ASP A OD1 1 
ATOM   463  O  OD2 . ASP A 1 60  ? -1.820  -2.138  -17.842 1.00 29.32 ? 60  ASP A OD2 1 
ATOM   464  N  N   . PHE A 1 61  ? -0.998  -2.663  -12.761 1.00 22.74 ? 61  PHE A N   1 
ATOM   465  C  CA  . PHE A 1 61  ? -0.414  -3.253  -11.555 1.00 23.00 ? 61  PHE A CA  1 
ATOM   466  C  C   . PHE A 1 61  ? -1.191  -4.502  -11.147 1.00 22.43 ? 61  PHE A C   1 
ATOM   467  O  O   . PHE A 1 61  ? -0.601  -5.530  -10.817 1.00 21.20 ? 61  PHE A O   1 
ATOM   468  C  CB  . PHE A 1 61  ? -0.412  -2.264  -10.369 1.00 22.28 ? 61  PHE A CB  1 
ATOM   469  C  CG  . PHE A 1 61  ? 0.440   -1.046  -10.582 1.00 22.98 ? 61  PHE A CG  1 
ATOM   470  C  CD1 . PHE A 1 61  ? 1.753   -1.161  -11.044 1.00 23.77 ? 61  PHE A CD1 1 
ATOM   471  C  CD2 . PHE A 1 61  ? -0.080  0.227   -10.350 1.00 22.18 ? 61  PHE A CD2 1 
ATOM   472  C  CE1 . PHE A 1 61  ? 2.533   -0.027  -11.277 1.00 21.53 ? 61  PHE A CE1 1 
ATOM   473  C  CE2 . PHE A 1 61  ? 0.692   1.364   -10.581 1.00 22.89 ? 61  PHE A CE2 1 
ATOM   474  C  CZ  . PHE A 1 61  ? 2.006   1.236   -11.048 1.00 21.51 ? 61  PHE A CZ  1 
ATOM   475  N  N   . LEU A 1 62  ? -2.517  -4.393  -11.177 1.00 22.35 ? 62  LEU A N   1 
ATOM   476  C  CA  . LEU A 1 62  ? -3.402  -5.487  -10.805 1.00 23.46 ? 62  LEU A CA  1 
ATOM   477  C  C   . LEU A 1 62  ? -3.383  -6.614  -11.830 1.00 24.20 ? 62  LEU A C   1 
ATOM   478  O  O   . LEU A 1 62  ? -3.252  -7.782  -11.469 1.00 24.36 ? 62  LEU A O   1 
ATOM   479  C  CB  . LEU A 1 62  ? -4.828  -4.959  -10.632 1.00 23.72 ? 62  LEU A CB  1 
ATOM   480  C  CG  . LEU A 1 62  ? -4.906  -3.803  -9.632  1.00 21.27 ? 62  LEU A CG  1 
ATOM   481  C  CD1 . LEU A 1 62  ? -6.323  -3.254  -9.593  1.00 20.00 ? 62  LEU A CD1 1 
ATOM   482  C  CD2 . LEU A 1 62  ? -4.464  -4.300  -8.261  1.00 21.38 ? 62  LEU A CD2 1 
ATOM   483  N  N   . ASN A 1 63  ? -3.501  -6.267  -13.106 1.00 24.18 ? 63  ASN A N   1 
ATOM   484  C  CA  . ASN A 1 63  ? -3.488  -7.285  -14.150 1.00 25.25 ? 63  ASN A CA  1 
ATOM   485  C  C   . ASN A 1 63  ? -2.168  -8.042  -14.239 1.00 25.51 ? 63  ASN A C   1 
ATOM   486  O  O   . ASN A 1 63  ? -2.150  -9.241  -14.527 1.00 25.36 ? 63  ASN A O   1 
ATOM   487  C  CB  . ASN A 1 63  ? -3.835  -6.666  -15.509 1.00 26.98 ? 63  ASN A CB  1 
ATOM   488  C  CG  . ASN A 1 63  ? -5.272  -6.200  -15.572 1.00 28.95 ? 63  ASN A CG  1 
ATOM   489  O  OD1 . ASN A 1 63  ? -6.160  -6.835  -14.997 1.00 28.38 ? 63  ASN A OD1 1 
ATOM   490  N  ND2 . ASN A 1 63  ? -5.516  -5.099  -16.280 1.00 27.79 ? 63  ASN A ND2 1 
ATOM   491  N  N   . TRP A 1 64  ? -1.055  -7.363  -13.995 1.00 26.10 ? 64  TRP A N   1 
ATOM   492  C  CA  . TRP A 1 64  ? 0.218   -8.063  -14.049 1.00 25.39 ? 64  TRP A CA  1 
ATOM   493  C  C   . TRP A 1 64  ? 0.437   -8.866  -12.781 1.00 25.65 ? 64  TRP A C   1 
ATOM   494  O  O   . TRP A 1 64  ? 1.099   -9.901  -12.795 1.00 25.48 ? 64  TRP A O   1 
ATOM   495  C  CB  . TRP A 1 64  ? 1.362   -7.089  -14.315 1.00 25.70 ? 64  TRP A CB  1 
ATOM   496  C  CG  . TRP A 1 64  ? 1.456   -6.820  -15.770 1.00 26.13 ? 64  TRP A CG  1 
ATOM   497  C  CD1 . TRP A 1 64  ? 0.768   -5.877  -16.481 1.00 27.09 ? 64  TRP A CD1 1 
ATOM   498  C  CD2 . TRP A 1 64  ? 2.146   -7.624  -16.733 1.00 27.45 ? 64  TRP A CD2 1 
ATOM   499  N  NE1 . TRP A 1 64  ? 0.982   -6.051  -17.833 1.00 26.60 ? 64  TRP A NE1 1 
ATOM   500  C  CE2 . TRP A 1 64  ? 1.822   -7.117  -18.013 1.00 26.24 ? 64  TRP A CE2 1 
ATOM   501  C  CE3 . TRP A 1 64  ? 3.004   -8.730  -16.639 1.00 27.35 ? 64  TRP A CE3 1 
ATOM   502  C  CZ2 . TRP A 1 64  ? 2.324   -7.680  -19.187 1.00 28.30 ? 64  TRP A CZ2 1 
ATOM   503  C  CZ3 . TRP A 1 64  ? 3.505   -9.288  -17.809 1.00 26.74 ? 64  TRP A CZ3 1 
ATOM   504  C  CH2 . TRP A 1 64  ? 3.161   -8.762  -19.066 1.00 27.19 ? 64  TRP A CH2 1 
ATOM   505  N  N   . ALA A 1 65  ? -0.143  -8.399  -11.681 1.00 26.43 ? 65  ALA A N   1 
ATOM   506  C  CA  . ALA A 1 65  ? -0.033  -9.141  -10.438 1.00 26.47 ? 65  ALA A CA  1 
ATOM   507  C  C   . ALA A 1 65  ? -0.754  -10.460 -10.710 1.00 27.96 ? 65  ALA A C   1 
ATOM   508  O  O   . ALA A 1 65  ? -0.268  -11.537 -10.358 1.00 28.70 ? 65  ALA A O   1 
ATOM   509  C  CB  . ALA A 1 65  ? -0.720  -8.387  -9.312  1.00 25.85 ? 65  ALA A CB  1 
ATOM   510  N  N   . LYS A 1 66  ? -1.916  -10.368 -11.352 1.00 28.78 ? 66  LYS A N   1 
ATOM   511  C  CA  . LYS A 1 66  ? -2.690  -11.563 -11.679 1.00 31.75 ? 66  LYS A CA  1 
ATOM   512  C  C   . LYS A 1 66  ? -1.934  -12.485 -12.630 1.00 31.71 ? 66  LYS A C   1 
ATOM   513  O  O   . LYS A 1 66  ? -2.066  -13.707 -12.547 1.00 31.65 ? 66  LYS A O   1 
ATOM   514  C  CB  . LYS A 1 66  ? -4.043  -11.187 -12.302 1.00 31.96 ? 66  LYS A CB  1 
ATOM   515  C  CG  . LYS A 1 66  ? -5.046  -10.661 -11.293 1.00 35.81 ? 66  LYS A CG  1 
ATOM   516  C  CD  . LYS A 1 66  ? -6.476  -10.660 -11.829 1.00 35.99 ? 66  LYS A CD  1 
ATOM   517  C  CE  . LYS A 1 66  ? -6.655  -9.663  -12.947 1.00 39.86 ? 66  LYS A CE  1 
ATOM   518  N  NZ  . LYS A 1 66  ? -8.087  -9.517  -13.328 1.00 43.23 ? 66  LYS A NZ  1 
ATOM   519  N  N   . LYS A 1 67  ? -1.144  -11.905 -13.529 1.00 32.11 ? 67  LYS A N   1 
ATOM   520  C  CA  . LYS A 1 67  ? -0.383  -12.706 -14.484 1.00 32.49 ? 67  LYS A CA  1 
ATOM   521  C  C   . LYS A 1 67  ? 0.753   -13.450 -13.795 1.00 31.36 ? 67  LYS A C   1 
ATOM   522  O  O   . LYS A 1 67  ? 1.043   -14.600 -14.119 1.00 30.99 ? 67  LYS A O   1 
ATOM   523  C  CB  . LYS A 1 67  ? 0.216   -11.830 -15.589 1.00 35.23 ? 67  LYS A CB  1 
ATOM   524  C  CG  . LYS A 1 67  ? -0.777  -11.189 -16.534 1.00 39.45 ? 67  LYS A CG  1 
ATOM   525  C  CD  . LYS A 1 67  ? -0.035  -10.513 -17.690 1.00 41.74 ? 67  LYS A CD  1 
ATOM   526  C  CE  . LYS A 1 67  ? -0.991  -9.905  -18.704 1.00 43.27 ? 67  LYS A CE  1 
ATOM   527  N  NZ  . LYS A 1 67  ? -1.856  -8.862  -18.095 1.00 44.24 ? 67  LYS A NZ  1 
ATOM   528  N  N   . LEU A 1 68  ? 1.401   -12.785 -12.847 1.00 28.24 ? 68  LEU A N   1 
ATOM   529  C  CA  . LEU A 1 68  ? 2.515   -13.386 -12.132 1.00 26.24 ? 68  LEU A CA  1 
ATOM   530  C  C   . LEU A 1 68  ? 2.075   -14.472 -11.163 1.00 24.65 ? 68  LEU A C   1 
ATOM   531  O  O   . LEU A 1 68  ? 2.714   -15.519 -11.059 1.00 23.55 ? 68  LEU A O   1 
ATOM   532  C  CB  . LEU A 1 68  ? 3.279   -12.301 -11.383 1.00 26.56 ? 68  LEU A CB  1 
ATOM   533  C  CG  . LEU A 1 68  ? 3.823   -11.203 -12.297 1.00 28.39 ? 68  LEU A CG  1 
ATOM   534  C  CD1 . LEU A 1 68  ? 4.315   -10.022 -11.463 1.00 27.79 ? 68  LEU A CD1 1 
ATOM   535  C  CD2 . LEU A 1 68  ? 4.954   -11.787 -13.142 1.00 28.84 ? 68  LEU A CD2 1 
ATOM   536  N  N   . VAL A 1 69  ? 0.982   -14.220 -10.453 1.00 24.32 ? 69  VAL A N   1 
ATOM   537  C  CA  . VAL A 1 69  ? 0.458   -15.181 -9.487  1.00 23.61 ? 69  VAL A CA  1 
ATOM   538  C  C   . VAL A 1 69  ? -1.058  -15.323 -9.688  1.00 25.08 ? 69  VAL A C   1 
ATOM   539  O  O   . VAL A 1 69  ? -1.848  -14.723 -8.971  1.00 23.55 ? 69  VAL A O   1 
ATOM   540  C  CB  . VAL A 1 69  ? 0.741   -14.719 -8.045  1.00 22.23 ? 69  VAL A CB  1 
ATOM   541  C  CG1 . VAL A 1 69  ? 0.399   -15.835 -7.064  1.00 23.21 ? 69  VAL A CG1 1 
ATOM   542  C  CG2 . VAL A 1 69  ? 2.207   -14.314 -7.914  1.00 21.16 ? 69  VAL A CG2 1 
ATOM   543  N  N   . PRO A 1 70  ? -1.474  -16.123 -10.687 1.00 26.47 ? 70  PRO A N   1 
ATOM   544  C  CA  . PRO A 1 70  ? -2.891  -16.350 -11.000 1.00 27.60 ? 70  PRO A CA  1 
ATOM   545  C  C   . PRO A 1 70  ? -3.730  -16.770 -9.799  1.00 26.07 ? 70  PRO A C   1 
ATOM   546  O  O   . PRO A 1 70  ? -3.382  -17.713 -9.090  1.00 26.01 ? 70  PRO A O   1 
ATOM   547  C  CB  . PRO A 1 70  ? -2.830  -17.447 -12.061 1.00 29.33 ? 70  PRO A CB  1 
ATOM   548  C  CG  . PRO A 1 70  ? -1.552  -17.148 -12.773 1.00 29.69 ? 70  PRO A CG  1 
ATOM   549  C  CD  . PRO A 1 70  ? -0.612  -16.881 -11.610 1.00 28.17 ? 70  PRO A CD  1 
ATOM   550  N  N   . PRO A 1 71  ? -4.847  -16.071 -9.552  1.00 27.66 ? 71  PRO A N   1 
ATOM   551  C  CA  . PRO A 1 71  ? -5.735  -16.389 -8.425  1.00 29.94 ? 71  PRO A CA  1 
ATOM   552  C  C   . PRO A 1 71  ? -6.271  -17.817 -8.548  1.00 31.84 ? 71  PRO A C   1 
ATOM   553  O  O   . PRO A 1 71  ? -6.627  -18.454 -7.561  1.00 31.55 ? 71  PRO A O   1 
ATOM   554  C  CB  . PRO A 1 71  ? -6.860  -15.365 -8.568  1.00 29.93 ? 71  PRO A CB  1 
ATOM   555  C  CG  . PRO A 1 71  ? -6.204  -14.222 -9.255  1.00 31.31 ? 71  PRO A CG  1 
ATOM   556  C  CD  . PRO A 1 71  ? -5.331  -14.889 -10.283 1.00 28.46 ? 71  PRO A CD  1 
ATOM   557  N  N   . ASP A 1 72  ? -6.324  -18.303 -9.781  1.00 34.41 ? 72  ASP A N   1 
ATOM   558  C  CA  . ASP A 1 72  ? -6.833  -19.637 -10.081 1.00 37.23 ? 72  ASP A CA  1 
ATOM   559  C  C   . ASP A 1 72  ? -5.702  -20.648 -9.968  1.00 37.73 ? 72  ASP A C   1 
ATOM   560  O  O   . ASP A 1 72  ? -5.884  -21.833 -10.252 1.00 38.34 ? 72  ASP A O   1 
ATOM   561  C  CB  . ASP A 1 72  ? -7.387  -19.643 -11.503 1.00 39.42 ? 72  ASP A CB  1 
ATOM   562  C  CG  . ASP A 1 72  ? -7.759  -18.249 -11.977 1.00 44.27 ? 72  ASP A CG  1 
ATOM   563  O  OD1 . ASP A 1 72  ? -8.973  -17.939 -12.032 1.00 45.41 ? 72  ASP A OD1 1 
ATOM   564  O  OD2 . ASP A 1 72  ? -6.828  -17.454 -12.275 1.00 44.12 ? 72  ASP A OD2 1 
ATOM   565  N  N   . GLY A 1 73  ? -4.532  -20.169 -9.558  1.00 36.79 ? 73  GLY A N   1 
ATOM   566  C  CA  . GLY A 1 73  ? -3.383  -21.042 -9.430  1.00 35.84 ? 73  GLY A CA  1 
ATOM   567  C  C   . GLY A 1 73  ? -3.501  -22.036 -8.293  1.00 35.23 ? 73  GLY A C   1 
ATOM   568  O  O   . GLY A 1 73  ? -4.457  -22.004 -7.514  1.00 35.95 ? 73  GLY A O   1 
ATOM   569  N  N   . GLU A 1 74  ? -2.515  -22.918 -8.201  1.00 35.58 ? 74  GLU A N   1 
ATOM   570  C  CA  . GLU A 1 74  ? -2.465  -23.944 -7.170  1.00 36.66 ? 74  GLU A CA  1 
ATOM   571  C  C   . GLU A 1 74  ? -1.818  -23.395 -5.899  1.00 34.40 ? 74  GLU A C   1 
ATOM   572  O  O   . GLU A 1 74  ? -0.665  -22.971 -5.923  1.00 35.03 ? 74  GLU A O   1 
ATOM   573  C  CB  . GLU A 1 74  ? -1.671  -25.146 -7.691  1.00 39.64 ? 74  GLU A CB  1 
ATOM   574  C  CG  . GLU A 1 74  ? -1.394  -26.214 -6.656  1.00 44.99 ? 74  GLU A CG  1 
ATOM   575  C  CD  . GLU A 1 74  ? -0.564  -27.361 -7.211  1.00 48.97 ? 74  GLU A CD  1 
ATOM   576  O  OE1 . GLU A 1 74  ? -0.200  -28.267 -6.425  1.00 50.38 ? 74  GLU A OE1 1 
ATOM   577  O  OE2 . GLU A 1 74  ? -0.278  -27.358 -8.431  1.00 51.36 ? 74  GLU A OE2 1 
ATOM   578  N  N   . PHE A 1 75  ? -2.574  -23.398 -4.801  1.00 31.97 ? 75  PHE A N   1 
ATOM   579  C  CA  . PHE A 1 75  ? -2.100  -22.900 -3.505  1.00 30.93 ? 75  PHE A CA  1 
ATOM   580  C  C   . PHE A 1 75  ? -2.525  -23.840 -2.375  1.00 31.36 ? 75  PHE A C   1 
ATOM   581  O  O   . PHE A 1 75  ? -3.714  -24.102 -2.190  1.00 30.31 ? 75  PHE A O   1 
ATOM   582  C  CB  . PHE A 1 75  ? -2.683  -21.507 -3.222  1.00 28.87 ? 75  PHE A CB  1 
ATOM   583  C  CG  . PHE A 1 75  ? -2.298  -20.464 -4.235  1.00 28.85 ? 75  PHE A CG  1 
ATOM   584  C  CD1 . PHE A 1 75  ? -1.038  -19.860 -4.196  1.00 28.02 ? 75  PHE A CD1 1 
ATOM   585  C  CD2 . PHE A 1 75  ? -3.186  -20.095 -5.237  1.00 26.81 ? 75  PHE A CD2 1 
ATOM   586  C  CE1 . PHE A 1 75  ? -0.673  -18.904 -5.140  1.00 25.05 ? 75  PHE A CE1 1 
ATOM   587  C  CE2 . PHE A 1 75  ? -2.830  -19.141 -6.191  1.00 28.58 ? 75  PHE A CE2 1 
ATOM   588  C  CZ  . PHE A 1 75  ? -1.569  -18.543 -6.143  1.00 26.00 ? 75  PHE A CZ  1 
ATOM   589  N  N   . GLU A 1 76  ? -1.566  -24.342 -1.607  1.00 31.34 ? 76  GLU A N   1 
ATOM   590  C  CA  . GLU A 1 76  ? -1.910  -25.233 -0.508  1.00 32.38 ? 76  GLU A CA  1 
ATOM   591  C  C   . GLU A 1 76  ? -2.746  -24.509 0.535   1.00 31.46 ? 76  GLU A C   1 
ATOM   592  O  O   . GLU A 1 76  ? -3.527  -25.124 1.273   1.00 28.92 ? 76  GLU A O   1 
ATOM   593  C  CB  . GLU A 1 76  ? -0.647  -25.792 0.134   1.00 35.63 ? 76  GLU A CB  1 
ATOM   594  C  CG  . GLU A 1 76  ? 0.151   -26.663 -0.810  1.00 42.43 ? 76  GLU A CG  1 
ATOM   595  C  CD  . GLU A 1 76  ? 0.784   -27.845 -0.108  1.00 47.35 ? 76  GLU A CD  1 
ATOM   596  O  OE1 . GLU A 1 76  ? 1.394   -28.688 -0.808  1.00 49.46 ? 76  GLU A OE1 1 
ATOM   597  O  OE2 . GLU A 1 76  ? 0.671   -27.934 1.140   1.00 48.71 ? 76  GLU A OE2 1 
ATOM   598  N  N   . HIS A 1 77  ? -2.580  -23.193 0.592   1.00 30.05 ? 77  HIS A N   1 
ATOM   599  C  CA  . HIS A 1 77  ? -3.319  -22.381 1.543   1.00 30.46 ? 77  HIS A CA  1 
ATOM   600  C  C   . HIS A 1 77  ? -4.813  -22.403 1.257   1.00 30.60 ? 77  HIS A C   1 
ATOM   601  O  O   . HIS A 1 77  ? -5.628  -22.321 2.178   1.00 29.74 ? 77  HIS A O   1 
ATOM   602  C  CB  . HIS A 1 77  ? -2.836  -20.933 1.484   1.00 28.34 ? 77  HIS A CB  1 
ATOM   603  C  CG  . HIS A 1 77  ? -3.585  -20.011 2.389   1.00 24.94 ? 77  HIS A CG  1 
ATOM   604  N  ND1 . HIS A 1 77  ? -3.486  -20.072 3.760   1.00 26.31 ? 77  HIS A ND1 1 
ATOM   605  C  CD2 . HIS A 1 77  ? -4.461  -19.013 2.117   1.00 25.26 ? 77  HIS A CD2 1 
ATOM   606  C  CE1 . HIS A 1 77  ? -4.268  -19.152 4.298   1.00 26.19 ? 77  HIS A CE1 1 
ATOM   607  N  NE2 . HIS A 1 77  ? -4.870  -18.496 3.322   1.00 27.98 ? 77  HIS A NE2 1 
ATOM   608  N  N   . ASN A 1 78  ? -5.168  -22.517 -0.020  1.00 32.17 ? 78  ASN A N   1 
ATOM   609  C  CA  . ASN A 1 78  ? -6.572  -22.491 -0.413  1.00 33.16 ? 78  ASN A CA  1 
ATOM   610  C  C   . ASN A 1 78  ? -7.429  -23.614 0.149   1.00 35.05 ? 78  ASN A C   1 
ATOM   611  O  O   . ASN A 1 78  ? -8.637  -23.650 -0.077  1.00 35.19 ? 78  ASN A O   1 
ATOM   612  C  CB  . ASN A 1 78  ? -6.687  -22.392 -1.939  1.00 32.47 ? 78  ASN A CB  1 
ATOM   613  C  CG  . ASN A 1 78  ? -6.308  -20.999 -2.456  1.00 32.59 ? 78  ASN A CG  1 
ATOM   614  O  OD1 . ASN A 1 78  ? -5.725  -20.201 -1.728  1.00 29.76 ? 78  ASN A OD1 1 
ATOM   615  N  ND2 . ASN A 1 78  ? -6.635  -20.712 -3.707  1.00 31.60 ? 78  ASN A ND2 1 
ATOM   616  N  N   . ILE A 1 79  ? -6.801  -24.517 0.897   1.00 36.06 ? 79  ILE A N   1 
ATOM   617  C  CA  . ILE A 1 79  ? -7.514  -25.606 1.557   1.00 37.61 ? 79  ILE A CA  1 
ATOM   618  C  C   . ILE A 1 79  ? -8.273  -24.949 2.710   1.00 38.64 ? 79  ILE A C   1 
ATOM   619  O  O   . ILE A 1 79  ? -9.337  -25.409 3.118   1.00 40.01 ? 79  ILE A O   1 
ATOM   620  C  CB  . ILE A 1 79  ? -6.532  -26.647 2.155   1.00 37.49 ? 79  ILE A CB  1 
ATOM   621  C  CG1 . ILE A 1 79  ? -5.942  -27.515 1.042   1.00 37.23 ? 79  ILE A CG1 1 
ATOM   622  C  CG2 . ILE A 1 79  ? -7.240  -27.504 3.193   1.00 37.75 ? 79  ILE A CG2 1 
ATOM   623  C  CD1 . ILE A 1 79  ? -4.841  -28.447 1.513   1.00 38.33 ? 79  ILE A CD1 1 
ATOM   624  N  N   . ILE A 1 80  ? -7.707  -23.865 3.224   1.00 38.62 ? 80  ILE A N   1 
ATOM   625  C  CA  . ILE A 1 80  ? -8.296  -23.127 4.335   1.00 40.50 ? 80  ILE A CA  1 
ATOM   626  C  C   . ILE A 1 80  ? -9.063  -21.881 3.908   1.00 40.02 ? 80  ILE A C   1 
ATOM   627  O  O   . ILE A 1 80  ? -10.120 -21.584 4.449   1.00 40.06 ? 80  ILE A O   1 
ATOM   628  C  CB  . ILE A 1 80  ? -7.209  -22.673 5.329   1.00 41.84 ? 80  ILE A CB  1 
ATOM   629  C  CG1 . ILE A 1 80  ? -6.455  -23.889 5.873   1.00 43.40 ? 80  ILE A CG1 1 
ATOM   630  C  CG2 . ILE A 1 80  ? -7.846  -21.875 6.466   1.00 43.53 ? 80  ILE A CG2 1 
ATOM   631  C  CD1 . ILE A 1 80  ? -5.364  -23.537 6.854   1.00 43.71 ? 80  ILE A CD1 1 
ATOM   632  N  N   . ASP A 1 81  ? -8.516  -21.157 2.936   1.00 40.97 ? 81  ASP A N   1 
ATOM   633  C  CA  . ASP A 1 81  ? -9.104  -19.912 2.446   1.00 41.37 ? 81  ASP A CA  1 
ATOM   634  C  C   . ASP A 1 81  ? -8.587  -19.716 1.020   1.00 40.98 ? 81  ASP A C   1 
ATOM   635  O  O   . ASP A 1 81  ? -7.421  -19.997 0.746   1.00 43.53 ? 81  ASP A O   1 
ATOM   636  C  CB  . ASP A 1 81  ? -8.646  -18.772 3.360   1.00 43.17 ? 81  ASP A CB  1 
ATOM   637  C  CG  . ASP A 1 81  ? -9.252  -17.437 2.996   1.00 44.26 ? 81  ASP A CG  1 
ATOM   638  O  OD1 . ASP A 1 81  ? -9.045  -16.471 3.764   1.00 44.35 ? 81  ASP A OD1 1 
ATOM   639  O  OD2 . ASP A 1 81  ? -9.925  -17.348 1.950   1.00 46.94 ? 81  ASP A OD2 1 
ATOM   640  N  N   . ASN A 1 82  ? -9.435  -19.223 0.119   1.00 39.23 ? 82  ASN A N   1 
ATOM   641  C  CA  . ASN A 1 82  ? -9.045  -19.054 -1.283  1.00 36.94 ? 82  ASN A CA  1 
ATOM   642  C  C   . ASN A 1 82  ? -8.353  -17.742 -1.662  1.00 34.46 ? 82  ASN A C   1 
ATOM   643  O  O   . ASN A 1 82  ? -8.694  -17.125 -2.671  1.00 34.42 ? 82  ASN A O   1 
ATOM   644  C  CB  . ASN A 1 82  ? -10.272 -19.252 -2.179  1.00 39.79 ? 82  ASN A CB  1 
ATOM   645  C  CG  . ASN A 1 82  ? -11.281 -18.131 -2.036  1.00 42.44 ? 82  ASN A CG  1 
ATOM   646  O  OD1 . ASN A 1 82  ? -11.616 -17.721 -0.924  1.00 45.14 ? 82  ASN A OD1 1 
ATOM   647  N  ND2 . ASN A 1 82  ? -11.775 -17.628 -3.166  1.00 43.26 ? 82  ASN A ND2 1 
ATOM   648  N  N   . ASN A 1 83  ? -7.377  -17.316 -0.868  1.00 29.99 ? 83  ASN A N   1 
ATOM   649  C  CA  . ASN A 1 83  ? -6.669  -16.082 -1.180  1.00 27.53 ? 83  ASN A CA  1 
ATOM   650  C  C   . ASN A 1 83  ? -5.154  -16.275 -1.135  1.00 25.25 ? 83  ASN A C   1 
ATOM   651  O  O   . ASN A 1 83  ? -4.419  -15.337 -0.847  1.00 23.36 ? 83  ASN A O   1 
ATOM   652  C  CB  . ASN A 1 83  ? -7.085  -14.973 -0.213  1.00 26.54 ? 83  ASN A CB  1 
ATOM   653  C  CG  . ASN A 1 83  ? -6.779  -15.307 1.227   1.00 27.11 ? 83  ASN A CG  1 
ATOM   654  O  OD1 . ASN A 1 83  ? -6.294  -16.396 1.532   1.00 26.83 ? 83  ASN A OD1 1 
ATOM   655  N  ND2 . ASN A 1 83  ? -7.064  -14.367 2.130   1.00 26.66 ? 83  ASN A ND2 1 
ATOM   656  N  N   . GLY A 1 84  ? -4.700  -17.496 -1.417  1.00 22.89 ? 84  GLY A N   1 
ATOM   657  C  CA  . GLY A 1 84  ? -3.278  -17.779 -1.415  1.00 24.10 ? 84  GLY A CA  1 
ATOM   658  C  C   . GLY A 1 84  ? -2.499  -16.884 -2.364  1.00 24.39 ? 84  GLY A C   1 
ATOM   659  O  O   . GLY A 1 84  ? -1.358  -16.491 -2.083  1.00 25.69 ? 84  GLY A O   1 
ATOM   660  N  N   . HIS A 1 85  ? -3.108  -16.557 -3.495  1.00 24.52 ? 85  HIS A N   1 
ATOM   661  C  CA  . HIS A 1 85  ? -2.457  -15.702 -4.478  1.00 24.05 ? 85  HIS A CA  1 
ATOM   662  C  C   . HIS A 1 85  ? -2.210  -14.315 -3.886  1.00 22.47 ? 85  HIS A C   1 
ATOM   663  O  O   . HIS A 1 85  ? -1.177  -13.703 -4.152  1.00 23.74 ? 85  HIS A O   1 
ATOM   664  C  CB  . HIS A 1 85  ? -3.335  -15.543 -5.723  1.00 22.96 ? 85  HIS A CB  1 
ATOM   665  C  CG  . HIS A 1 85  ? -4.509  -14.640 -5.509  1.00 21.88 ? 85  HIS A CG  1 
ATOM   666  N  ND1 . HIS A 1 85  ? -5.608  -15.016 -4.764  1.00 22.74 ? 85  HIS A ND1 1 
ATOM   667  C  CD2 . HIS A 1 85  ? -4.709  -13.345 -5.847  1.00 21.17 ? 85  HIS A CD2 1 
ATOM   668  C  CE1 . HIS A 1 85  ? -6.431  -13.990 -4.648  1.00 19.85 ? 85  HIS A CE1 1 
ATOM   669  N  NE2 . HIS A 1 85  ? -5.909  -12.963 -5.295  1.00 23.25 ? 85  HIS A NE2 1 
ATOM   670  N  N   . ALA A 1 86  ? -3.161  -13.820 -3.099  1.00 20.23 ? 86  ALA A N   1 
ATOM   671  C  CA  . ALA A 1 86  ? -3.028  -12.492 -2.502  1.00 19.93 ? 86  ALA A CA  1 
ATOM   672  C  C   . ALA A 1 86  ? -1.882  -12.466 -1.498  1.00 20.36 ? 86  ALA A C   1 
ATOM   673  O  O   . ALA A 1 86  ? -1.144  -11.477 -1.405  1.00 19.83 ? 86  ALA A O   1 
ATOM   674  C  CB  . ALA A 1 86  ? -4.330  -12.088 -1.826  1.00 18.34 ? 86  ALA A CB  1 
ATOM   675  N  N   . HIS A 1 87  ? -1.745  -13.556 -0.747  1.00 20.29 ? 87  HIS A N   1 
ATOM   676  C  CA  . HIS A 1 87  ? -0.686  -13.687 0.250   1.00 18.86 ? 87  HIS A CA  1 
ATOM   677  C  C   . HIS A 1 87  ? 0.679   -13.688 -0.427  1.00 18.26 ? 87  HIS A C   1 
ATOM   678  O  O   . HIS A 1 87  ? 1.598   -12.970 -0.020  1.00 16.78 ? 87  HIS A O   1 
ATOM   679  C  CB  . HIS A 1 87  ? -0.855  -14.996 1.033   1.00 19.29 ? 87  HIS A CB  1 
ATOM   680  C  CG  . HIS A 1 87  ? -1.900  -14.933 2.100   1.00 20.01 ? 87  HIS A CG  1 
ATOM   681  N  ND1 . HIS A 1 87  ? -1.717  -14.244 3.282   1.00 18.01 ? 87  HIS A ND1 1 
ATOM   682  C  CD2 . HIS A 1 87  ? -3.132  -15.494 2.179   1.00 20.00 ? 87  HIS A CD2 1 
ATOM   683  C  CE1 . HIS A 1 87  ? -2.788  -14.389 4.043   1.00 17.68 ? 87  HIS A CE1 1 
ATOM   684  N  NE2 . HIS A 1 87  ? -3.659  -15.142 3.399   1.00 18.66 ? 87  HIS A NE2 1 
ATOM   685  N  N   . VAL A 1 88  ? 0.801   -14.501 -1.468  1.00 17.69 ? 88  VAL A N   1 
ATOM   686  C  CA  . VAL A 1 88  ? 2.048   -14.628 -2.199  1.00 19.63 ? 88  VAL A CA  1 
ATOM   687  C  C   . VAL A 1 88  ? 2.510   -13.339 -2.881  1.00 19.13 ? 88  VAL A C   1 
ATOM   688  O  O   . VAL A 1 88  ? 3.646   -12.895 -2.684  1.00 18.50 ? 88  VAL A O   1 
ATOM   689  C  CB  . VAL A 1 88  ? 1.944   -15.748 -3.263  1.00 20.57 ? 88  VAL A CB  1 
ATOM   690  C  CG1 . VAL A 1 88  ? 3.170   -15.728 -4.174  1.00 20.05 ? 88  VAL A CG1 1 
ATOM   691  C  CG2 . VAL A 1 88  ? 1.813   -17.094 -2.569  1.00 21.79 ? 88  VAL A CG2 1 
ATOM   692  N  N   . ILE A 1 89  ? 1.645   -12.733 -3.682  1.00 18.68 ? 89  ILE A N   1 
ATOM   693  C  CA  . ILE A 1 89  ? 2.062   -11.517 -4.370  1.00 19.30 ? 89  ILE A CA  1 
ATOM   694  C  C   . ILE A 1 89  ? 2.320   -10.371 -3.379  1.00 18.03 ? 89  ILE A C   1 
ATOM   695  O  O   . ILE A 1 89  ? 3.246   -9.581  -3.568  1.00 17.33 ? 89  ILE A O   1 
ATOM   696  C  CB  . ILE A 1 89  ? 1.027   -11.091 -5.448  1.00 19.69 ? 89  ILE A CB  1 
ATOM   697  C  CG1 . ILE A 1 89  ? 1.624   -9.987  -6.327  1.00 19.41 ? 89  ILE A CG1 1 
ATOM   698  C  CG2 . ILE A 1 89  ? -0.287  -10.658 -4.793  1.00 18.38 ? 89  ILE A CG2 1 
ATOM   699  C  CD1 . ILE A 1 89  ? 2.867   -10.416 -7.090  1.00 19.30 ? 89  ILE A CD1 1 
ATOM   700  N  N   . SER A 1 90  ? 1.511   -10.288 -2.325  1.00 17.83 ? 90  SER A N   1 
ATOM   701  C  CA  . SER A 1 90  ? 1.692   -9.252  -1.300  1.00 16.41 ? 90  SER A CA  1 
ATOM   702  C  C   . SER A 1 90  ? 3.020   -9.415  -0.544  1.00 17.16 ? 90  SER A C   1 
ATOM   703  O  O   . SER A 1 90  ? 3.640   -8.429  -0.146  1.00 15.48 ? 90  SER A O   1 
ATOM   704  C  CB  . SER A 1 90  ? 0.543   -9.283  -0.274  1.00 15.31 ? 90  SER A CB  1 
ATOM   705  O  OG  . SER A 1 90  ? -0.681  -8.801  -0.827  1.00 15.89 ? 90  SER A OG  1 
ATOM   706  N  N   . ALA A 1 91  ? 3.435   -10.659 -0.315  1.00 16.41 ? 91  ALA A N   1 
ATOM   707  C  CA  . ALA A 1 91  ? 4.685   -10.913 0.400   1.00 19.08 ? 91  ALA A CA  1 
ATOM   708  C  C   . ALA A 1 91  ? 5.858   -10.463 -0.459  1.00 17.67 ? 91  ALA A C   1 
ATOM   709  O  O   . ALA A 1 91  ? 6.821   -9.874  0.035   1.00 19.02 ? 91  ALA A O   1 
ATOM   710  C  CB  . ALA A 1 91  ? 4.815   -12.395 0.729   1.00 17.53 ? 91  ALA A CB  1 
ATOM   711  N  N   . ILE A 1 92  ? 5.774   -10.743 -1.750  1.00 17.72 ? 92  ILE A N   1 
ATOM   712  C  CA  . ILE A 1 92  ? 6.835   -10.361 -2.667  1.00 17.55 ? 92  ILE A CA  1 
ATOM   713  C  C   . ILE A 1 92  ? 6.965   -8.834  -2.792  1.00 17.88 ? 92  ILE A C   1 
ATOM   714  O  O   . ILE A 1 92  ? 8.071   -8.282  -2.682  1.00 15.55 ? 92  ILE A O   1 
ATOM   715  C  CB  . ILE A 1 92  ? 6.590   -10.997 -4.059  1.00 18.30 ? 92  ILE A CB  1 
ATOM   716  C  CG1 . ILE A 1 92  ? 6.688   -12.521 -3.923  1.00 19.95 ? 92  ILE A CG1 1 
ATOM   717  C  CG2 . ILE A 1 92  ? 7.616   -10.462 -5.085  1.00 17.79 ? 92  ILE A CG2 1 
ATOM   718  C  CD1 . ILE A 1 92  ? 6.254   -13.309 -5.162  1.00 19.90 ? 92  ILE A CD1 1 
ATOM   719  N  N   . ILE A 1 93  ? 5.841   -8.151  -2.994  1.00 15.43 ? 93  ILE A N   1 
ATOM   720  C  CA  . ILE A 1 93  ? 5.861   -6.688  -3.138  1.00 16.35 ? 93  ILE A CA  1 
ATOM   721  C  C   . ILE A 1 93  ? 6.254   -6.012  -1.826  1.00 15.70 ? 93  ILE A C   1 
ATOM   722  O  O   . ILE A 1 93  ? 7.063   -5.071  -1.811  1.00 16.47 ? 93  ILE A O   1 
ATOM   723  C  CB  . ILE A 1 93  ? 4.476   -6.158  -3.603  1.00 16.50 ? 93  ILE A CB  1 
ATOM   724  C  CG1 . ILE A 1 93  ? 4.154   -6.733  -4.987  1.00 18.33 ? 93  ILE A CG1 1 
ATOM   725  C  CG2 . ILE A 1 93  ? 4.475   -4.633  -3.656  1.00 15.06 ? 93  ILE A CG2 1 
ATOM   726  C  CD1 . ILE A 1 93  ? 2.730   -6.421  -5.471  1.00 20.03 ? 93  ILE A CD1 1 
ATOM   727  N  N   . GLY A 1 94  ? 5.702   -6.512  -0.725  1.00 14.98 ? 94  GLY A N   1 
ATOM   728  C  CA  . GLY A 1 94  ? 6.001   -5.940  0.573   1.00 16.01 ? 94  GLY A CA  1 
ATOM   729  C  C   . GLY A 1 94  ? 4.807   -5.216  1.171   1.00 15.24 ? 94  GLY A C   1 
ATOM   730  O  O   . GLY A 1 94  ? 3.951   -4.694  0.452   1.00 16.84 ? 94  GLY A O   1 
ATOM   731  N  N   . ASN A 1 95  ? 4.759   -5.155  2.496   1.00 15.04 ? 95  ASN A N   1 
ATOM   732  C  CA  . ASN A 1 95  ? 3.640   -4.507  3.172   1.00 17.24 ? 95  ASN A CA  1 
ATOM   733  C  C   . ASN A 1 95  ? 3.955   -3.085  3.597   1.00 17.11 ? 95  ASN A C   1 
ATOM   734  O  O   . ASN A 1 95  ? 3.177   -2.474  4.325   1.00 19.34 ? 95  ASN A O   1 
ATOM   735  C  CB  . ASN A 1 95  ? 3.237   -5.313  4.399   1.00 16.66 ? 95  ASN A CB  1 
ATOM   736  C  CG  . ASN A 1 95  ? 4.306   -5.303  5.459   1.00 19.06 ? 95  ASN A CG  1 
ATOM   737  O  OD1 . ASN A 1 95  ? 5.463   -5.629  5.193   1.00 16.77 ? 95  ASN A OD1 1 
ATOM   738  N  ND2 . ASN A 1 95  ? 3.928   -4.916  6.677   1.00 19.09 ? 95  ASN A ND2 1 
ATOM   739  N  N   . SER A 1 96  ? 5.095   -2.561  3.156   1.00 15.61 ? 96  SER A N   1 
ATOM   740  C  CA  . SER A 1 96  ? 5.458   -1.201  3.499   1.00 16.29 ? 96  SER A CA  1 
ATOM   741  C  C   . SER A 1 96  ? 6.362   -0.574  2.453   1.00 16.03 ? 96  SER A C   1 
ATOM   742  O  O   . SER A 1 96  ? 6.958   -1.267  1.628   1.00 15.59 ? 96  SER A O   1 
ATOM   743  C  CB  . SER A 1 96  ? 6.180   -1.148  4.856   1.00 18.65 ? 96  SER A CB  1 
ATOM   744  O  OG  . SER A 1 96  ? 7.464   -1.761  4.780   1.00 19.88 ? 96  SER A OG  1 
ATOM   745  N  N   . ARG A 1 97  ? 6.441   0.750   2.510   1.00 14.75 ? 97  ARG A N   1 
ATOM   746  C  CA  . ARG A 1 97  ? 7.288   1.549   1.633   1.00 17.26 ? 97  ARG A CA  1 
ATOM   747  C  C   . ARG A 1 97  ? 7.693   2.773   2.455   1.00 17.74 ? 97  ARG A C   1 
ATOM   748  O  O   . ARG A 1 97  ? 6.950   3.193   3.345   1.00 17.87 ? 97  ARG A O   1 
ATOM   749  C  CB  . ARG A 1 97  ? 6.517   2.002   0.381   1.00 15.64 ? 97  ARG A CB  1 
ATOM   750  C  CG  . ARG A 1 97  ? 6.343   0.916   -0.673  1.00 13.97 ? 97  ARG A CG  1 
ATOM   751  C  CD  . ARG A 1 97  ? 7.691   0.535   -1.268  1.00 13.48 ? 97  ARG A CD  1 
ATOM   752  N  NE  . ARG A 1 97  ? 7.558   -0.410  -2.374  1.00 11.78 ? 97  ARG A NE  1 
ATOM   753  C  CZ  . ARG A 1 97  ? 7.387   -1.721  -2.226  1.00 15.39 ? 97  ARG A CZ  1 
ATOM   754  N  NH1 . ARG A 1 97  ? 7.319   -2.257  -1.007  1.00 13.43 ? 97  ARG A NH1 1 
ATOM   755  N  NH2 . ARG A 1 97  ? 7.327   -2.506  -3.300  1.00 13.71 ? 97  ARG A NH2 1 
ATOM   756  N  N   . VAL A 1 98  ? 8.866   3.330   2.177   1.00 17.13 ? 98  VAL A N   1 
ATOM   757  C  CA  . VAL A 1 98  ? 9.300   4.515   2.896   1.00 18.11 ? 98  VAL A CA  1 
ATOM   758  C  C   . VAL A 1 98  ? 9.189   5.732   1.993   1.00 18.45 ? 98  VAL A C   1 
ATOM   759  O  O   . VAL A 1 98  ? 9.378   5.640   0.780   1.00 17.77 ? 98  VAL A O   1 
ATOM   760  C  CB  . VAL A 1 98  ? 10.757  4.392   3.385   1.00 21.07 ? 98  VAL A CB  1 
ATOM   761  C  CG1 . VAL A 1 98  ? 10.878  3.238   4.363   1.00 23.17 ? 98  VAL A CG1 1 
ATOM   762  C  CG2 . VAL A 1 98  ? 11.676  4.169   2.218   1.00 20.58 ? 98  VAL A CG2 1 
ATOM   763  N  N   . VAL A 1 99  ? 8.846   6.870   2.584   1.00 16.87 ? 99  VAL A N   1 
ATOM   764  C  CA  . VAL A 1 99  ? 8.746   8.108   1.828   1.00 18.53 ? 99  VAL A CA  1 
ATOM   765  C  C   . VAL A 1 99  ? 9.458   9.144   2.680   1.00 18.80 ? 99  VAL A C   1 
ATOM   766  O  O   . VAL A 1 99  ? 9.193   9.271   3.872   1.00 17.34 ? 99  VAL A O   1 
ATOM   767  C  CB  . VAL A 1 99  ? 7.275   8.538   1.586   1.00 18.02 ? 99  VAL A CB  1 
ATOM   768  C  CG1 . VAL A 1 99  ? 7.238   9.796   0.726   1.00 17.12 ? 99  VAL A CG1 1 
ATOM   769  C  CG2 . VAL A 1 99  ? 6.519   7.429   0.881   1.00 19.36 ? 99  VAL A CG2 1 
ATOM   770  N  N   . PRO A 1 100 ? 10.427  9.856   2.094   1.00 19.56 ? 100 PRO A N   1 
ATOM   771  C  CA  . PRO A 1 100 ? 11.110  10.853  2.919   1.00 19.83 ? 100 PRO A CA  1 
ATOM   772  C  C   . PRO A 1 100 ? 10.196  12.049  3.140   1.00 21.42 ? 100 PRO A C   1 
ATOM   773  O  O   . PRO A 1 100 ? 9.300   12.307  2.341   1.00 18.91 ? 100 PRO A O   1 
ATOM   774  C  CB  . PRO A 1 100 ? 12.346  11.207  2.097   1.00 21.42 ? 100 PRO A CB  1 
ATOM   775  C  CG  . PRO A 1 100 ? 11.868  10.996  0.660   1.00 22.41 ? 100 PRO A CG  1 
ATOM   776  C  CD  . PRO A 1 100 ? 11.029  9.735   0.754   1.00 21.18 ? 100 PRO A CD  1 
ATOM   777  N  N   . ILE A 1 101 ? 10.432  12.756  4.238   1.00 20.79 ? 101 ILE A N   1 
ATOM   778  C  CA  . ILE A 1 101 ? 9.672   13.939  4.588   1.00 23.97 ? 101 ILE A CA  1 
ATOM   779  C  C   . ILE A 1 101 ? 10.681  15.083  4.637   1.00 24.93 ? 101 ILE A C   1 
ATOM   780  O  O   . ILE A 1 101 ? 11.747  14.940  5.230   1.00 26.93 ? 101 ILE A O   1 
ATOM   781  C  CB  . ILE A 1 101 ? 9.028   13.809  5.990   1.00 22.65 ? 101 ILE A CB  1 
ATOM   782  C  CG1 . ILE A 1 101 ? 8.097   12.597  6.034   1.00 22.98 ? 101 ILE A CG1 1 
ATOM   783  C  CG2 . ILE A 1 101 ? 8.255   15.087  6.319   1.00 22.73 ? 101 ILE A CG2 1 
ATOM   784  C  CD1 . ILE A 1 101 ? 7.529   12.314  7.418   1.00 24.09 ? 101 ILE A CD1 1 
ATOM   785  N  N   . ILE A 1 102 ? 10.354  16.205  4.009   1.00 25.43 ? 102 ILE A N   1 
ATOM   786  C  CA  . ILE A 1 102 ? 11.250  17.351  4.024   1.00 26.93 ? 102 ILE A CA  1 
ATOM   787  C  C   . ILE A 1 102 ? 10.380  18.609  4.026   1.00 26.95 ? 102 ILE A C   1 
ATOM   788  O  O   . ILE A 1 102 ? 9.384   18.688  3.311   1.00 25.17 ? 102 ILE A O   1 
ATOM   789  C  CB  . ILE A 1 102 ? 12.211  17.315  2.795   1.00 27.78 ? 102 ILE A CB  1 
ATOM   790  C  CG1 . ILE A 1 102 ? 13.306  18.377  2.941   1.00 31.80 ? 102 ILE A CG1 1 
ATOM   791  C  CG2 . ILE A 1 102 ? 11.447  17.538  1.509   1.00 29.62 ? 102 ILE A CG2 1 
ATOM   792  C  CD1 . ILE A 1 102 ? 14.248  18.135  4.116   1.00 32.02 ? 102 ILE A CD1 1 
ATOM   793  N  N   . GLU A 1 103 ? 10.723  19.569  4.875   1.00 30.18 ? 103 GLU A N   1 
ATOM   794  C  CA  . GLU A 1 103 ? 9.951   20.811  4.955   1.00 32.46 ? 103 GLU A CA  1 
ATOM   795  C  C   . GLU A 1 103 ? 8.512   20.509  5.356   1.00 31.59 ? 103 GLU A C   1 
ATOM   796  O  O   . GLU A 1 103 ? 7.597   21.229  4.963   1.00 33.15 ? 103 GLU A O   1 
ATOM   797  C  CB  . GLU A 1 103 ? 9.954   21.517  3.592   1.00 36.67 ? 103 GLU A CB  1 
ATOM   798  C  CG  . GLU A 1 103 ? 11.321  21.963  3.138   1.00 42.70 ? 103 GLU A CG  1 
ATOM   799  C  CD  . GLU A 1 103 ? 11.892  23.010  4.063   1.00 48.14 ? 103 GLU A CD  1 
ATOM   800  O  OE1 . GLU A 1 103 ? 11.294  24.109  4.147   1.00 50.34 ? 103 GLU A OE1 1 
ATOM   801  O  OE2 . GLU A 1 103 ? 12.923  22.733  4.717   1.00 52.13 ? 103 GLU A OE2 1 
ATOM   802  N  N   . GLY A 1 104 ? 8.316   19.435  6.120   1.00 30.12 ? 104 GLY A N   1 
ATOM   803  C  CA  . GLY A 1 104 ? 6.982   19.054  6.547   1.00 26.99 ? 104 GLY A CA  1 
ATOM   804  C  C   . GLY A 1 104 ? 6.102   18.409  5.485   1.00 26.57 ? 104 GLY A C   1 
ATOM   805  O  O   . GLY A 1 104 ? 4.925   18.134  5.747   1.00 27.36 ? 104 GLY A O   1 
ATOM   806  N  N   . LYS A 1 105 ? 6.655   18.154  4.299   1.00 24.50 ? 105 LYS A N   1 
ATOM   807  C  CA  . LYS A 1 105 ? 5.898   17.544  3.199   1.00 24.19 ? 105 LYS A CA  1 
ATOM   808  C  C   . LYS A 1 105 ? 6.506   16.231  2.676   1.00 23.03 ? 105 LYS A C   1 
ATOM   809  O  O   . LYS A 1 105 ? 7.697   15.983  2.826   1.00 22.58 ? 105 LYS A O   1 
ATOM   810  C  CB  . LYS A 1 105 ? 5.809   18.515  2.013   1.00 25.87 ? 105 LYS A CB  1 
ATOM   811  C  CG  . LYS A 1 105 ? 5.442   19.933  2.396   1.00 29.28 ? 105 LYS A CG  1 
ATOM   812  C  CD  . LYS A 1 105 ? 5.185   20.797  1.168   1.00 34.97 ? 105 LYS A CD  1 
ATOM   813  C  CE  . LYS A 1 105 ? 6.456   21.079  0.391   1.00 34.97 ? 105 LYS A CE  1 
ATOM   814  N  NZ  . LYS A 1 105 ? 6.176   21.882  -0.840  1.00 40.77 ? 105 LYS A NZ  1 
ATOM   815  N  N   . LEU A 1 106 ? 5.683   15.406  2.037   1.00 19.80 ? 106 LEU A N   1 
ATOM   816  C  CA  . LEU A 1 106 ? 6.175   14.159  1.454   1.00 20.89 ? 106 LEU A CA  1 
ATOM   817  C  C   . LEU A 1 106 ? 7.116   14.551  0.310   1.00 21.34 ? 106 LEU A C   1 
ATOM   818  O  O   . LEU A 1 106 ? 6.747   15.330  -0.563  1.00 21.13 ? 106 LEU A O   1 
ATOM   819  C  CB  . LEU A 1 106 ? 5.017   13.338  0.894   1.00 18.43 ? 106 LEU A CB  1 
ATOM   820  C  CG  . LEU A 1 106 ? 3.996   12.829  1.913   1.00 20.27 ? 106 LEU A CG  1 
ATOM   821  C  CD1 . LEU A 1 106 ? 2.878   12.074  1.178   1.00 21.10 ? 106 LEU A CD1 1 
ATOM   822  C  CD2 . LEU A 1 106 ? 4.694   11.920  2.917   1.00 16.86 ? 106 LEU A CD2 1 
ATOM   823  N  N   . ASP A 1 107 ? 8.324   14.006  0.310   1.00 21.48 ? 107 ASP A N   1 
ATOM   824  C  CA  . ASP A 1 107 ? 9.304   14.310  -0.720  1.00 22.73 ? 107 ASP A CA  1 
ATOM   825  C  C   . ASP A 1 107 ? 9.146   13.280  -1.842  1.00 23.72 ? 107 ASP A C   1 
ATOM   826  O  O   . ASP A 1 107 ? 9.842   12.257  -1.877  1.00 23.20 ? 107 ASP A O   1 
ATOM   827  C  CB  . ASP A 1 107 ? 10.709  14.264  -0.095  1.00 24.88 ? 107 ASP A CB  1 
ATOM   828  C  CG  . ASP A 1 107 ? 11.808  14.649  -1.071  1.00 28.27 ? 107 ASP A CG  1 
ATOM   829  O  OD1 . ASP A 1 107 ? 11.523  15.384  -2.032  1.00 26.45 ? 107 ASP A OD1 1 
ATOM   830  O  OD2 . ASP A 1 107 ? 12.971  14.228  -0.859  1.00 31.14 ? 107 ASP A OD2 1 
ATOM   831  N  N   . LEU A 1 108 ? 8.220   13.571  -2.756  1.00 21.84 ? 108 LEU A N   1 
ATOM   832  C  CA  . LEU A 1 108 ? 7.898   12.693  -3.876  1.00 22.50 ? 108 LEU A CA  1 
ATOM   833  C  C   . LEU A 1 108 ? 8.383   13.204  -5.226  1.00 22.91 ? 108 LEU A C   1 
ATOM   834  O  O   . LEU A 1 108 ? 8.416   14.411  -5.469  1.00 22.09 ? 108 LEU A O   1 
ATOM   835  C  CB  . LEU A 1 108 ? 6.373   12.498  -3.944  1.00 23.71 ? 108 LEU A CB  1 
ATOM   836  C  CG  . LEU A 1 108 ? 5.762   11.828  -2.709  1.00 22.26 ? 108 LEU A CG  1 
ATOM   837  C  CD1 . LEU A 1 108 ? 4.248   12.078  -2.618  1.00 23.64 ? 108 LEU A CD1 1 
ATOM   838  C  CD2 . LEU A 1 108 ? 6.078   10.353  -2.774  1.00 21.12 ? 108 LEU A CD2 1 
ATOM   839  N  N   . GLY A 1 109 ? 8.741   12.267  -6.103  1.00 23.37 ? 109 GLY A N   1 
ATOM   840  C  CA  . GLY A 1 109 ? 9.183   12.619  -7.441  1.00 22.04 ? 109 GLY A CA  1 
ATOM   841  C  C   . GLY A 1 109 ? 7.989   13.085  -8.251  1.00 22.46 ? 109 GLY A C   1 
ATOM   842  O  O   . GLY A 1 109 ? 6.842   12.954  -7.811  1.00 20.43 ? 109 GLY A O   1 
ATOM   843  N  N   . THR A 1 110 ? 8.259   13.638  -9.427  1.00 21.94 ? 110 THR A N   1 
ATOM   844  C  CA  . THR A 1 110 ? 7.213   14.138  -10.320 1.00 25.17 ? 110 THR A CA  1 
ATOM   845  C  C   . THR A 1 110 ? 6.013   13.196  -10.469 1.00 23.76 ? 110 THR A C   1 
ATOM   846  O  O   . THR A 1 110 ? 4.865   13.611  -10.334 1.00 21.91 ? 110 THR A O   1 
ATOM   847  C  CB  . THR A 1 110 ? 7.794   14.396  -11.736 1.00 25.88 ? 110 THR A CB  1 
ATOM   848  O  OG1 . THR A 1 110 ? 8.891   15.306  -11.636 1.00 28.23 ? 110 THR A OG1 1 
ATOM   849  C  CG2 . THR A 1 110 ? 6.740   14.997  -12.660 1.00 27.49 ? 110 THR A CG2 1 
ATOM   850  N  N   . TRP A 1 111 ? 6.284   11.925  -10.740 1.00 23.57 ? 111 TRP A N   1 
ATOM   851  C  CA  . TRP A 1 111 ? 5.221   10.955  -10.954 1.00 24.58 ? 111 TRP A CA  1 
ATOM   852  C  C   . TRP A 1 111 ? 4.926   10.000  -9.793  1.00 22.34 ? 111 TRP A C   1 
ATOM   853  O  O   . TRP A 1 111 ? 4.166   9.057   -9.976  1.00 22.18 ? 111 TRP A O   1 
ATOM   854  C  CB  . TRP A 1 111 ? 5.535   10.125  -12.206 1.00 28.13 ? 111 TRP A CB  1 
ATOM   855  C  CG  . TRP A 1 111 ? 5.937   10.960  -13.388 1.00 31.25 ? 111 TRP A CG  1 
ATOM   856  C  CD1 . TRP A 1 111 ? 7.175   11.027  -13.959 1.00 32.88 ? 111 TRP A CD1 1 
ATOM   857  C  CD2 . TRP A 1 111 ? 5.109   11.886  -14.109 1.00 33.13 ? 111 TRP A CD2 1 
ATOM   858  N  NE1 . TRP A 1 111 ? 7.173   11.944  -14.992 1.00 33.46 ? 111 TRP A NE1 1 
ATOM   859  C  CE2 . TRP A 1 111 ? 5.920   12.485  -15.105 1.00 34.38 ? 111 TRP A CE2 1 
ATOM   860  C  CE3 . TRP A 1 111 ? 3.765   12.272  -14.009 1.00 33.33 ? 111 TRP A CE3 1 
ATOM   861  C  CZ2 . TRP A 1 111 ? 5.429   13.450  -15.995 1.00 33.66 ? 111 TRP A CZ2 1 
ATOM   862  C  CZ3 . TRP A 1 111 ? 3.277   13.237  -14.899 1.00 34.24 ? 111 TRP A CZ3 1 
ATOM   863  C  CH2 . TRP A 1 111 ? 4.109   13.812  -15.876 1.00 31.69 ? 111 TRP A CH2 1 
ATOM   864  N  N   . GLN A 1 112 ? 5.496   10.244  -8.615  1.00 21.50 ? 112 GLN A N   1 
ATOM   865  C  CA  . GLN A 1 112 ? 5.270   9.348   -7.479  1.00 19.95 ? 112 GLN A CA  1 
ATOM   866  C  C   . GLN A 1 112 ? 4.035   9.600   -6.637  1.00 19.05 ? 112 GLN A C   1 
ATOM   867  O  O   . GLN A 1 112 ? 3.770   10.720  -6.188  1.00 18.02 ? 112 GLN A O   1 
ATOM   868  C  CB  . GLN A 1 112 ? 6.466   9.336   -6.521  1.00 20.78 ? 112 GLN A CB  1 
ATOM   869  C  CG  . GLN A 1 112 ? 7.708   8.665   -7.026  1.00 19.62 ? 112 GLN A CG  1 
ATOM   870  C  CD  . GLN A 1 112 ? 8.761   8.591   -5.950  1.00 20.49 ? 112 GLN A CD  1 
ATOM   871  O  OE1 . GLN A 1 112 ? 9.018   9.579   -5.250  1.00 21.37 ? 112 GLN A OE1 1 
ATOM   872  N  NE2 . GLN A 1 112 ? 9.382   7.422   -5.801  1.00 20.32 ? 112 GLN A NE2 1 
ATOM   873  N  N   . ARG A 1 113 ? 3.302   8.524   -6.396  1.00 17.43 ? 113 ARG A N   1 
ATOM   874  C  CA  . ARG A 1 113 ? 2.116   8.562   -5.562  1.00 18.86 ? 113 ARG A CA  1 
ATOM   875  C  C   . ARG A 1 113 ? 2.217   7.317   -4.674  1.00 17.11 ? 113 ARG A C   1 
ATOM   876  O  O   . ARG A 1 113 ? 2.878   6.346   -5.024  1.00 18.84 ? 113 ARG A O   1 
ATOM   877  C  CB  . ARG A 1 113 ? 0.848   8.496   -6.420  1.00 18.59 ? 113 ARG A CB  1 
ATOM   878  C  CG  . ARG A 1 113 ? 0.718   9.652   -7.441  1.00 17.87 ? 113 ARG A CG  1 
ATOM   879  C  CD  . ARG A 1 113 ? 0.555   10.999  -6.766  1.00 19.26 ? 113 ARG A CD  1 
ATOM   880  N  NE  . ARG A 1 113 ? -0.754  11.140  -6.135  1.00 22.35 ? 113 ARG A NE  1 
ATOM   881  C  CZ  . ARG A 1 113 ? -1.181  12.247  -5.528  1.00 25.54 ? 113 ARG A CZ  1 
ATOM   882  N  NH1 . ARG A 1 113 ? -2.389  12.278  -4.982  1.00 25.36 ? 113 ARG A NH1 1 
ATOM   883  N  NH2 . ARG A 1 113 ? -0.403  13.326  -5.463  1.00 26.01 ? 113 ARG A NH2 1 
ATOM   884  N  N   . ILE A 1 114 ? 1.590   7.366   -3.516  1.00 18.51 ? 114 ILE A N   1 
ATOM   885  C  CA  . ILE A 1 114 ? 1.603   6.241   -2.595  1.00 17.13 ? 114 ILE A CA  1 
ATOM   886  C  C   . ILE A 1 114 ? 0.349   5.465   -2.964  1.00 17.46 ? 114 ILE A C   1 
ATOM   887  O  O   . ILE A 1 114 ? -0.749  6.001   -2.930  1.00 18.18 ? 114 ILE A O   1 
ATOM   888  C  CB  . ILE A 1 114 ? 1.552   6.742   -1.152  1.00 19.57 ? 114 ILE A CB  1 
ATOM   889  C  CG1 . ILE A 1 114 ? 2.763   7.659   -0.909  1.00 18.64 ? 114 ILE A CG1 1 
ATOM   890  C  CG2 . ILE A 1 114 ? 1.564   5.542   -0.177  1.00 18.15 ? 114 ILE A CG2 1 
ATOM   891  C  CD1 . ILE A 1 114 ? 2.779   8.329   0.448   1.00 21.53 ? 114 ILE A CD1 1 
ATOM   892  N  N   . ILE A 1 115 ? 0.522   4.205   -3.335  1.00 17.21 ? 115 ILE A N   1 
ATOM   893  C  CA  . ILE A 1 115 ? -0.608  3.395   -3.768  1.00 17.88 ? 115 ILE A CA  1 
ATOM   894  C  C   . ILE A 1 115 ? -0.852  2.124   -2.967  1.00 17.90 ? 115 ILE A C   1 
ATOM   895  O  O   . ILE A 1 115 ? 0.087   1.380   -2.674  1.00 16.63 ? 115 ILE A O   1 
ATOM   896  C  CB  . ILE A 1 115 ? -0.404  2.995   -5.251  1.00 17.84 ? 115 ILE A CB  1 
ATOM   897  C  CG1 . ILE A 1 115 ? -0.337  4.259   -6.117  1.00 18.30 ? 115 ILE A CG1 1 
ATOM   898  C  CG2 . ILE A 1 115 ? -1.512  2.056   -5.705  1.00 17.78 ? 115 ILE A CG2 1 
ATOM   899  C  CD1 . ILE A 1 115 ? 0.300   4.046   -7.469  1.00 18.19 ? 115 ILE A CD1 1 
ATOM   900  N  N   . LEU A 1 116 ? -2.113  1.871   -2.609  1.00 17.63 ? 116 LEU A N   1 
ATOM   901  C  CA  . LEU A 1 116 ? -2.444  0.625   -1.910  1.00 17.72 ? 116 LEU A CA  1 
ATOM   902  C  C   . LEU A 1 116 ? -2.954  -0.354  -2.973  1.00 16.61 ? 116 LEU A C   1 
ATOM   903  O  O   . LEU A 1 116 ? -3.834  -0.013  -3.750  1.00 16.26 ? 116 LEU A O   1 
ATOM   904  C  CB  . LEU A 1 116 ? -3.531  0.842   -0.849  1.00 20.05 ? 116 LEU A CB  1 
ATOM   905  C  CG  . LEU A 1 116 ? -4.221  -0.428  -0.311  1.00 22.23 ? 116 LEU A CG  1 
ATOM   906  C  CD1 . LEU A 1 116 ? -3.228  -1.304  0.426   1.00 26.52 ? 116 LEU A CD1 1 
ATOM   907  C  CD2 . LEU A 1 116 ? -5.347  -0.034  0.620   1.00 26.36 ? 116 LEU A CD2 1 
ATOM   908  N  N   . LEU A 1 117 ? -2.385  -1.558  -3.016  1.00 16.27 ? 117 LEU A N   1 
ATOM   909  C  CA  . LEU A 1 117 ? -2.801  -2.575  -3.980  1.00 19.22 ? 117 LEU A CA  1 
ATOM   910  C  C   . LEU A 1 117 ? -3.537  -3.653  -3.195  1.00 19.12 ? 117 LEU A C   1 
ATOM   911  O  O   . LEU A 1 117 ? -3.010  -4.200  -2.226  1.00 20.79 ? 117 LEU A O   1 
ATOM   912  C  CB  . LEU A 1 117 ? -1.592  -3.180  -4.724  1.00 16.52 ? 117 LEU A CB  1 
ATOM   913  C  CG  . LEU A 1 117 ? -0.803  -2.263  -5.685  1.00 17.82 ? 117 LEU A CG  1 
ATOM   914  C  CD1 . LEU A 1 117 ? 0.310   -3.084  -6.361  1.00 16.44 ? 117 LEU A CD1 1 
ATOM   915  C  CD2 . LEU A 1 117 ? -1.736  -1.676  -6.762  1.00 17.78 ? 117 LEU A CD2 1 
ATOM   916  N  N   . GLU A 1 118 ? -4.765  -3.928  -3.617  1.00 20.37 ? 118 GLU A N   1 
ATOM   917  C  CA  . GLU A 1 118 ? -5.647  -4.899  -2.973  1.00 19.12 ? 118 GLU A CA  1 
ATOM   918  C  C   . GLU A 1 118 ? -5.762  -6.138  -3.852  1.00 19.90 ? 118 GLU A C   1 
ATOM   919  O  O   . GLU A 1 118 ? -5.976  -6.030  -5.058  1.00 19.88 ? 118 GLU A O   1 
ATOM   920  C  CB  . GLU A 1 118 ? -7.022  -4.239  -2.782  1.00 18.83 ? 118 GLU A CB  1 
ATOM   921  C  CG  . GLU A 1 118 ? -8.166  -5.142  -2.343  1.00 18.81 ? 118 GLU A CG  1 
ATOM   922  C  CD  . GLU A 1 118 ? -7.990  -5.689  -0.949  1.00 19.85 ? 118 GLU A CD  1 
ATOM   923  O  OE1 . GLU A 1 118 ? -7.229  -6.670  -0.799  1.00 23.60 ? 118 GLU A OE1 1 
ATOM   924  O  OE2 . GLU A 1 118 ? -8.605  -5.131  -0.004  1.00 20.24 ? 118 GLU A OE2 1 
ATOM   925  N  N   . PHE A 1 119 ? -5.616  -7.314  -3.247  1.00 19.64 ? 119 PHE A N   1 
ATOM   926  C  CA  . PHE A 1 119 ? -5.705  -8.566  -3.983  1.00 18.60 ? 119 PHE A CA  1 
ATOM   927  C  C   . PHE A 1 119 ? -6.739  -9.504  -3.374  1.00 19.26 ? 119 PHE A C   1 
ATOM   928  O  O   . PHE A 1 119 ? -6.942  -10.597 -3.882  1.00 19.32 ? 119 PHE A O   1 
ATOM   929  C  CB  . PHE A 1 119 ? -4.342  -9.271  -4.007  1.00 17.51 ? 119 PHE A CB  1 
ATOM   930  C  CG  . PHE A 1 119 ? -3.211  -8.380  -4.448  1.00 18.52 ? 119 PHE A CG  1 
ATOM   931  C  CD1 . PHE A 1 119 ? -2.287  -7.903  -3.525  1.00 20.69 ? 119 PHE A CD1 1 
ATOM   932  C  CD2 . PHE A 1 119 ? -3.098  -7.985  -5.774  1.00 19.35 ? 119 PHE A CD2 1 
ATOM   933  C  CE1 . PHE A 1 119 ? -1.266  -7.043  -3.919  1.00 19.58 ? 119 PHE A CE1 1 
ATOM   934  C  CE2 . PHE A 1 119 ? -2.080  -7.121  -6.179  1.00 20.28 ? 119 PHE A CE2 1 
ATOM   935  C  CZ  . PHE A 1 119 ? -1.167  -6.652  -5.249  1.00 20.63 ? 119 PHE A CZ  1 
ATOM   936  N  N   . ASP A 1 120 ? -7.379  -9.076  -2.288  1.00 20.81 ? 120 ASP A N   1 
ATOM   937  C  CA  . ASP A 1 120 ? -8.379  -9.902  -1.609  1.00 23.81 ? 120 ASP A CA  1 
ATOM   938  C  C   . ASP A 1 120 ? -9.545  -9.053  -1.090  1.00 23.50 ? 120 ASP A C   1 
ATOM   939  O  O   . ASP A 1 120 ? -10.019 -9.259  0.032   1.00 24.51 ? 120 ASP A O   1 
ATOM   940  C  CB  . ASP A 1 120 ? -7.739  -10.651 -0.431  1.00 23.55 ? 120 ASP A CB  1 
ATOM   941  C  CG  . ASP A 1 120 ? -8.642  -11.754 0.129   1.00 27.14 ? 120 ASP A CG  1 
ATOM   942  O  OD1 . ASP A 1 120 ? -8.510  -12.098 1.323   1.00 30.27 ? 120 ASP A OD1 1 
ATOM   943  O  OD2 . ASP A 1 120 ? -9.473  -12.284 -0.631  1.00 26.24 ? 120 ASP A OD2 1 
ATOM   944  N  N   . GLY A 1 121 ? -9.993  -8.095  -1.899  1.00 23.30 ? 121 GLY A N   1 
ATOM   945  C  CA  . GLY A 1 121 ? -11.097 -7.236  -1.494  1.00 23.28 ? 121 GLY A CA  1 
ATOM   946  C  C   . GLY A 1 121 ? -12.455 -7.840  -1.844  1.00 24.09 ? 121 GLY A C   1 
ATOM   947  O  O   . GLY A 1 121 ? -12.520 -8.972  -2.300  1.00 21.69 ? 121 GLY A O   1 
ATOM   948  N  N   . PRO A 1 122 ? -13.563 -7.122  -1.619  1.00 26.14 ? 122 PRO A N   1 
ATOM   949  C  CA  . PRO A 1 122 ? -13.625 -5.770  -1.050  1.00 27.37 ? 122 PRO A CA  1 
ATOM   950  C  C   . PRO A 1 122 ? -13.457 -5.815  0.465   1.00 27.71 ? 122 PRO A C   1 
ATOM   951  O  O   . PRO A 1 122 ? -13.974 -6.712  1.120   1.00 28.42 ? 122 PRO A O   1 
ATOM   952  C  CB  . PRO A 1 122 ? -15.010 -5.285  -1.470  1.00 27.92 ? 122 PRO A CB  1 
ATOM   953  C  CG  . PRO A 1 122 ? -15.816 -6.559  -1.474  1.00 27.77 ? 122 PRO A CG  1 
ATOM   954  C  CD  . PRO A 1 122 ? -14.882 -7.545  -2.129  1.00 26.65 ? 122 PRO A CD  1 
ATOM   955  N  N   . ARG A 1 123 ? -12.732 -4.848  1.013   1.00 25.02 ? 123 ARG A N   1 
ATOM   956  C  CA  . ARG A 1 123 ? -12.489 -4.793  2.448   1.00 26.64 ? 123 ARG A CA  1 
ATOM   957  C  C   . ARG A 1 123 ? -12.128 -3.396  2.928   1.00 25.91 ? 123 ARG A C   1 
ATOM   958  O  O   . ARG A 1 123 ? -11.749 -2.531  2.133   1.00 26.03 ? 123 ARG A O   1 
ATOM   959  C  CB  . ARG A 1 123 ? -11.328 -5.721  2.822   1.00 29.90 ? 123 ARG A CB  1 
ATOM   960  C  CG  . ARG A 1 123 ? -11.711 -7.152  3.114   1.00 33.29 ? 123 ARG A CG  1 
ATOM   961  C  CD  . ARG A 1 123 ? -10.772 -7.720  4.155   1.00 33.21 ? 123 ARG A CD  1 
ATOM   962  N  NE  . ARG A 1 123 ? -9.820  -8.677  3.597   1.00 33.05 ? 123 ARG A NE  1 
ATOM   963  C  CZ  . ARG A 1 123 ? -8.837  -9.227  4.296   1.00 30.08 ? 123 ARG A CZ  1 
ATOM   964  N  NH1 . ARG A 1 123 ? -8.016  -10.099 3.725   1.00 33.93 ? 123 ARG A NH1 1 
ATOM   965  N  NH2 . ARG A 1 123 ? -8.663  -8.889  5.560   1.00 27.73 ? 123 ARG A NH2 1 
ATOM   966  N  N   . THR A 1 124 ? -12.248 -3.178  4.232   1.00 26.33 ? 124 THR A N   1 
ATOM   967  C  CA  . THR A 1 124 ? -11.845 -1.906  4.808   1.00 25.78 ? 124 THR A CA  1 
ATOM   968  C  C   . THR A 1 124 ? -10.416 -2.206  5.230   1.00 25.68 ? 124 THR A C   1 
ATOM   969  O  O   . THR A 1 124 ? -10.177 -3.075  6.069   1.00 25.62 ? 124 THR A O   1 
ATOM   970  C  CB  . THR A 1 124 ? -12.677 -1.507  6.038   1.00 27.90 ? 124 THR A CB  1 
ATOM   971  O  OG1 . THR A 1 124 ? -13.993 -1.129  5.617   1.00 30.69 ? 124 THR A OG1 1 
ATOM   972  C  CG2 . THR A 1 124 ? -12.031 -0.317  6.750   1.00 27.59 ? 124 THR A CG2 1 
ATOM   973  N  N   . ARG A 1 125 ? -9.467  -1.520  4.607   1.00 22.37 ? 125 ARG A N   1 
ATOM   974  C  CA  . ARG A 1 125 ? -8.068  -1.725  4.919   1.00 21.92 ? 125 ARG A CA  1 
ATOM   975  C  C   . ARG A 1 125 ? -7.546  -0.601  5.779   1.00 22.22 ? 125 ARG A C   1 
ATOM   976  O  O   . ARG A 1 125 ? -7.906  0.566   5.594   1.00 21.80 ? 125 ARG A O   1 
ATOM   977  C  CB  . ARG A 1 125 ? -7.239  -1.810  3.634   1.00 19.61 ? 125 ARG A CB  1 
ATOM   978  C  CG  . ARG A 1 125 ? -7.628  -2.970  2.734   1.00 19.06 ? 125 ARG A CG  1 
ATOM   979  C  CD  . ARG A 1 125 ? -7.485  -4.304  3.476   1.00 17.44 ? 125 ARG A CD  1 
ATOM   980  N  NE  . ARG A 1 125 ? -7.425  -5.428  2.546   1.00 16.99 ? 125 ARG A NE  1 
ATOM   981  C  CZ  . ARG A 1 125 ? -6.938  -6.624  2.865   1.00 19.55 ? 125 ARG A CZ  1 
ATOM   982  N  NH1 . ARG A 1 125 ? -6.911  -7.597  1.964   1.00 19.64 ? 125 ARG A NH1 1 
ATOM   983  N  NH2 . ARG A 1 125 ? -6.478  -6.846  4.092   1.00 20.76 ? 125 ARG A NH2 1 
ATOM   984  N  N   . THR A 1 126 ? -6.684  -0.950  6.719   1.00 20.14 ? 126 THR A N   1 
ATOM   985  C  CA  . THR A 1 126 ? -6.111  0.056   7.592   1.00 21.53 ? 126 THR A CA  1 
ATOM   986  C  C   . THR A 1 126 ? -4.662  0.317   7.206   1.00 21.81 ? 126 THR A C   1 
ATOM   987  O  O   . THR A 1 126 ? -3.898  -0.622  6.976   1.00 21.91 ? 126 THR A O   1 
ATOM   988  C  CB  . THR A 1 126 ? -6.149  -0.405  9.048   1.00 22.63 ? 126 THR A CB  1 
ATOM   989  O  OG1 . THR A 1 126 ? -7.510  -0.608  9.441   1.00 22.31 ? 126 THR A OG1 1 
ATOM   990  C  CG2 . THR A 1 126 ? -5.505  0.640   9.957   1.00 23.56 ? 126 THR A CG2 1 
ATOM   991  N  N   . VAL A 1 127 ? -4.295  1.589   7.127   1.00 20.53 ? 127 VAL A N   1 
ATOM   992  C  CA  . VAL A 1 127 ? -2.922  1.958   6.809   1.00 20.72 ? 127 VAL A CA  1 
ATOM   993  C  C   . VAL A 1 127 ? -2.291  2.668   7.997   1.00 18.98 ? 127 VAL A C   1 
ATOM   994  O  O   . VAL A 1 127 ? -2.864  3.610   8.545   1.00 19.35 ? 127 VAL A O   1 
ATOM   995  C  CB  . VAL A 1 127 ? -2.845  2.910   5.588   1.00 20.19 ? 127 VAL A CB  1 
ATOM   996  C  CG1 . VAL A 1 127 ? -1.384  3.323   5.338   1.00 18.21 ? 127 VAL A CG1 1 
ATOM   997  C  CG2 . VAL A 1 127 ? -3.408  2.223   4.356   1.00 20.61 ? 127 VAL A CG2 1 
ATOM   998  N  N   . LEU A 1 128 ? -1.130  2.198   8.426   1.00 17.01 ? 128 LEU A N   1 
ATOM   999  C  CA  . LEU A 1 128 ? -0.423  2.863   9.515   1.00 18.81 ? 128 LEU A CA  1 
ATOM   1000 C  C   . LEU A 1 128 ? 0.729   3.694   8.936   1.00 20.04 ? 128 LEU A C   1 
ATOM   1001 O  O   . LEU A 1 128 ? 1.526   3.191   8.126   1.00 19.27 ? 128 LEU A O   1 
ATOM   1002 C  CB  . LEU A 1 128 ? 0.152   1.835   10.499  1.00 19.70 ? 128 LEU A CB  1 
ATOM   1003 C  CG  . LEU A 1 128 ? 1.266   2.326   11.431  1.00 19.86 ? 128 LEU A CG  1 
ATOM   1004 C  CD1 . LEU A 1 128 ? 0.727   3.347   12.442  1.00 19.81 ? 128 LEU A CD1 1 
ATOM   1005 C  CD2 . LEU A 1 128 ? 1.873   1.127   12.149  1.00 21.23 ? 128 LEU A CD2 1 
ATOM   1006 N  N   . VAL A 1 129 ? 0.797   4.966   9.314   1.00 18.60 ? 129 VAL A N   1 
ATOM   1007 C  CA  . VAL A 1 129 ? 1.890   5.821   8.877   1.00 20.15 ? 129 VAL A CA  1 
ATOM   1008 C  C   . VAL A 1 129 ? 2.673   6.137   10.148  1.00 21.74 ? 129 VAL A C   1 
ATOM   1009 O  O   . VAL A 1 129 ? 2.204   6.853   11.043  1.00 22.31 ? 129 VAL A O   1 
ATOM   1010 C  CB  . VAL A 1 129 ? 1.406   7.132   8.222   1.00 21.14 ? 129 VAL A CB  1 
ATOM   1011 C  CG1 . VAL A 1 129 ? 2.625   7.941   7.752   1.00 21.46 ? 129 VAL A CG1 1 
ATOM   1012 C  CG2 . VAL A 1 129 ? 0.483   6.820   7.028   1.00 18.71 ? 129 VAL A CG2 1 
ATOM   1013 N  N   . LYS A 1 130 ? 3.862   5.567   10.231  1.00 18.81 ? 130 LYS A N   1 
ATOM   1014 C  CA  . LYS A 1 130 ? 4.723   5.741   11.383  1.00 20.56 ? 130 LYS A CA  1 
ATOM   1015 C  C   . LYS A 1 130 ? 5.880   6.597   10.909  1.00 21.63 ? 130 LYS A C   1 
ATOM   1016 O  O   . LYS A 1 130 ? 6.721   6.135   10.132  1.00 21.24 ? 130 LYS A O   1 
ATOM   1017 C  CB  . LYS A 1 130 ? 5.223   4.369   11.847  1.00 20.02 ? 130 LYS A CB  1 
ATOM   1018 C  CG  . LYS A 1 130 ? 6.009   4.378   13.135  1.00 25.12 ? 130 LYS A CG  1 
ATOM   1019 C  CD  . LYS A 1 130 ? 5.288   3.596   14.197  1.00 23.26 ? 130 LYS A CD  1 
ATOM   1020 C  CE  . LYS A 1 130 ? 6.120   3.462   15.447  1.00 27.30 ? 130 LYS A CE  1 
ATOM   1021 N  NZ  . LYS A 1 130 ? 5.277   2.999   16.569  1.00 27.33 ? 130 LYS A NZ  1 
ATOM   1022 N  N   . SER A 1 131 ? 5.916   7.845   11.365  1.00 20.51 ? 131 SER A N   1 
ATOM   1023 C  CA  . SER A 1 131 ? 6.967   8.762   10.954  1.00 21.97 ? 131 SER A CA  1 
ATOM   1024 C  C   . SER A 1 131 ? 7.953   9.071   12.062  1.00 22.84 ? 131 SER A C   1 
ATOM   1025 O  O   . SER A 1 131 ? 7.589   9.166   13.239  1.00 25.03 ? 131 SER A O   1 
ATOM   1026 C  CB  . SER A 1 131 ? 6.350   10.066  10.443  1.00 22.71 ? 131 SER A CB  1 
ATOM   1027 O  OG  . SER A 1 131 ? 5.372   9.799   9.464   1.00 20.18 ? 131 SER A OG  1 
HETATM 1028 N  N   . MSE A 1 132 ? 9.209   9.233   11.672  1.00 22.93 ? 132 MSE A N   1 
HETATM 1029 C  CA  . MSE A 1 132 ? 10.271  9.542   12.614  1.00 23.70 ? 132 MSE A CA  1 
HETATM 1030 C  C   . MSE A 1 132 ? 11.182  10.608  12.023  1.00 23.07 ? 132 MSE A C   1 
HETATM 1031 O  O   . MSE A 1 132 ? 11.443  10.624  10.823  1.00 20.45 ? 132 MSE A O   1 
HETATM 1032 C  CB  . MSE A 1 132 ? 11.085  8.277   12.954  1.00 26.62 ? 132 MSE A CB  1 
HETATM 1033 C  CG  . MSE A 1 132 ? 10.343  7.282   13.849  1.00 35.41 ? 132 MSE A CG  1 
HETATM 1034 SE SE  . MSE A 1 132 ? 11.418  5.755   14.468  1.00 47.21 ? 132 MSE A SE  1 
HETATM 1035 C  CE  . MSE A 1 132 ? 13.159  6.586   14.452  1.00 37.39 ? 132 MSE A CE  1 
ATOM   1036 N  N   . GLY A 1 133 ? 11.657  11.506  12.879  1.00 23.28 ? 133 GLY A N   1 
ATOM   1037 C  CA  . GLY A 1 133 ? 12.544  12.563  12.425  1.00 25.24 ? 133 GLY A CA  1 
ATOM   1038 C  C   . GLY A 1 133 ? 12.436  13.709  13.396  1.00 26.38 ? 133 GLY A C   1 
ATOM   1039 O  O   . GLY A 1 133 ? 12.152  13.488  14.574  1.00 26.98 ? 133 GLY A O   1 
ATOM   1040 N  N   . GLU A 1 134 ? 12.636  14.933  12.922  1.00 26.95 ? 134 GLU A N   1 
ATOM   1041 C  CA  . GLU A 1 134 ? 12.544  16.087  13.808  1.00 27.87 ? 134 GLU A CA  1 
ATOM   1042 C  C   . GLU A 1 134 ? 11.350  16.946  13.420  1.00 28.40 ? 134 GLU A C   1 
ATOM   1043 O  O   . GLU A 1 134 ? 10.856  16.773  12.293  1.00 28.48 ? 134 GLU A O   1 
ATOM   1044 C  CB  . GLU A 1 134 ? 13.825  16.912  13.721  1.00 29.80 ? 134 GLU A CB  1 
ATOM   1045 C  CG  . GLU A 1 134 ? 13.943  17.675  12.427  1.00 33.37 ? 134 GLU A CG  1 
ATOM   1046 C  CD  . GLU A 1 134 ? 15.267  18.384  12.283  1.00 36.93 ? 134 GLU A CD  1 
ATOM   1047 O  OE1 . GLU A 1 134 ? 15.332  19.325  11.458  1.00 37.18 ? 134 GLU A OE1 1 
ATOM   1048 O  OE2 . GLU A 1 134 ? 16.233  17.998  12.985  1.00 36.70 ? 134 GLU A OE2 1 
ATOM   1049 O  OXT . GLU A 1 134 ? 10.924  17.784  14.242  1.00 29.47 ? 134 GLU A OXT 1 
HETATM 1050 S  S   . SO4 B 2 .   ? -5.257  -9.734  6.290   1.00 29.06 ? 135 SO4 A S   1 
HETATM 1051 O  O1  . SO4 B 2 .   ? -5.885  -8.779  7.229   1.00 27.49 ? 135 SO4 A O1  1 
HETATM 1052 O  O2  . SO4 B 2 .   ? -4.833  -9.027  5.078   1.00 28.34 ? 135 SO4 A O2  1 
HETATM 1053 O  O3  . SO4 B 2 .   ? -6.248  -10.761 5.932   1.00 29.69 ? 135 SO4 A O3  1 
HETATM 1054 O  O4  . SO4 B 2 .   ? -4.075  -10.353 6.924   1.00 27.82 ? 135 SO4 A O4  1 
HETATM 1055 ZN ZN  . ZN  C 3 .   ? -5.530  -16.494 3.814   0.80 51.16 ? 136 ZN  A ZN  1 
HETATM 1056 O  O   . HOH D 4 .   ? 7.423   -4.035  6.106   1.00 26.39 ? 201 HOH A O   1 
HETATM 1057 O  O   . HOH D 4 .   ? 3.503   -8.658  2.689   1.00 19.85 ? 202 HOH A O   1 
HETATM 1058 O  O   . HOH D 4 .   ? -4.668  10.423  7.396   1.00 25.58 ? 203 HOH A O   1 
HETATM 1059 O  O   . HOH D 4 .   ? 9.862   9.435   -2.562  1.00 17.36 ? 204 HOH A O   1 
HETATM 1060 O  O   . HOH D 4 .   ? -3.023  -9.543  9.380   1.00 19.93 ? 205 HOH A O   1 
HETATM 1061 O  O   . HOH D 4 .   ? 8.304   -3.805  1.754   1.00 26.38 ? 206 HOH A O   1 
HETATM 1062 O  O   . HOH D 4 .   ? -11.719 -7.221  -8.975  1.00 29.50 ? 207 HOH A O   1 
HETATM 1063 O  O   . HOH D 4 .   ? -4.360  6.819   14.527  1.00 37.41 ? 208 HOH A O   1 
HETATM 1064 O  O   . HOH D 4 .   ? -9.821  6.905   8.183   1.00 29.11 ? 209 HOH A O   1 
HETATM 1065 O  O   . HOH D 4 .   ? 1.631   9.805   17.374  1.00 30.44 ? 210 HOH A O   1 
HETATM 1066 O  O   . HOH D 4 .   ? -4.822  10.480  -2.161  1.00 28.66 ? 211 HOH A O   1 
HETATM 1067 O  O   . HOH D 4 .   ? 7.451   0.900   -4.940  1.00 22.71 ? 212 HOH A O   1 
HETATM 1068 O  O   . HOH D 4 .   ? -4.689  9.156   -15.315 1.00 30.01 ? 213 HOH A O   1 
HETATM 1069 O  O   . HOH D 4 .   ? -4.198  -10.269 -15.941 1.00 34.22 ? 214 HOH A O   1 
HETATM 1070 O  O   . HOH D 4 .   ? -7.777  3.056   -13.465 1.00 30.14 ? 215 HOH A O   1 
HETATM 1071 O  O   . HOH D 4 .   ? 3.012   9.655   10.698  1.00 23.71 ? 216 HOH A O   1 
HETATM 1072 O  O   . HOH D 4 .   ? -8.321  -5.699  -13.236 1.00 47.31 ? 217 HOH A O   1 
HETATM 1073 O  O   . HOH D 4 .   ? -7.271  6.044   -6.441  1.00 28.07 ? 218 HOH A O   1 
HETATM 1074 O  O   . HOH D 4 .   ? 9.678   6.950   -1.575  1.00 22.41 ? 219 HOH A O   1 
HETATM 1075 O  O   . HOH D 4 .   ? -14.717 -15.241 -2.402  1.00 42.10 ? 220 HOH A O   1 
HETATM 1076 O  O   . HOH D 4 .   ? 10.302  -2.981  3.840   1.00 37.78 ? 221 HOH A O   1 
HETATM 1077 O  O   . HOH D 4 .   ? -2.154  -12.280 -7.912  1.00 35.64 ? 222 HOH A O   1 
HETATM 1078 O  O   . HOH D 4 .   ? 7.479   16.566  -3.666  1.00 38.95 ? 223 HOH A O   1 
HETATM 1079 O  O   . HOH D 4 .   ? -3.235  -4.344  -18.035 1.00 41.77 ? 224 HOH A O   1 
HETATM 1080 O  O   . HOH D 4 .   ? 2.939   1.567   15.964  1.00 26.75 ? 225 HOH A O   1 
HETATM 1081 O  O   . HOH D 4 .   ? -1.104  -22.932 -10.401 1.00 28.53 ? 226 HOH A O   1 
HETATM 1082 O  O   . HOH D 4 .   ? 9.426   26.173  5.573   1.00 43.61 ? 227 HOH A O   1 
HETATM 1083 O  O   . HOH D 4 .   ? -14.350 -9.434  1.274   1.00 37.17 ? 228 HOH A O   1 
HETATM 1084 O  O   . HOH D 4 .   ? 0.479   9.849   -10.791 1.00 32.55 ? 229 HOH A O   1 
HETATM 1085 O  O   . HOH D 4 .   ? 8.479   5.203   -7.107  1.00 25.46 ? 230 HOH A O   1 
HETATM 1086 O  O   . HOH D 4 .   ? -2.979  -2.078  8.912   1.00 30.27 ? 231 HOH A O   1 
HETATM 1087 O  O   . HOH D 4 .   ? 4.496   17.921  9.121   1.00 36.69 ? 232 HOH A O   1 
HETATM 1088 O  O   . HOH D 4 .   ? 7.309   21.335  9.160   1.00 37.04 ? 233 HOH A O   1 
HETATM 1089 O  O   . HOH D 4 .   ? 1.140   -7.448  3.018   1.00 25.31 ? 237 HOH A O   1 
HETATM 1090 O  O   . HOH D 4 .   ? -4.869  -3.384  10.657  1.00 31.64 ? 238 HOH A O   1 
HETATM 1091 O  O   . HOH D 4 .   ? 18.280  16.549  6.333   1.00 33.55 ? 239 HOH A O   1 
HETATM 1092 O  O   . HOH D 4 .   ? -6.417  7.493   -8.535  1.00 42.68 ? 241 HOH A O   1 
HETATM 1093 O  O   . HOH D 4 .   ? -11.907 -10.908 0.485   1.00 45.03 ? 242 HOH A O   1 
HETATM 1094 O  O   . HOH D 4 .   ? -5.767  -16.331 5.918   0.80 44.94 ? 243 HOH A O   1 
HETATM 1095 O  O   . HOH D 4 .   ? -3.332  -25.501 4.051   1.00 26.78 ? 244 HOH A O   1 
HETATM 1096 O  O   . HOH D 4 .   ? -5.806  -17.784 -4.746  1.00 27.86 ? 245 HOH A O   1 
HETATM 1097 O  O   . HOH D 4 .   ? -4.294  9.792   -8.375  1.00 34.95 ? 246 HOH A O   1 
HETATM 1098 O  O   . HOH D 4 .   ? 7.144   20.150  11.480  1.00 44.51 ? 247 HOH A O   1 
HETATM 1099 O  O   . HOH D 4 .   ? 8.687   19.273  13.418  1.00 38.48 ? 248 HOH A O   1 
HETATM 1100 O  O   . HOH D 4 .   ? 12.891  20.107  6.818   1.00 36.55 ? 249 HOH A O   1 
# 
